data_2FJD
#
_entry.id   2FJD
#
_cell.length_a   72.600
_cell.length_b   113.500
_cell.length_c   193.900
_cell.angle_alpha   90.00
_cell.angle_beta   90.00
_cell.angle_gamma   90.00
#
_symmetry.space_group_name_H-M   'P 21 21 21'
#
loop_
_entity.id
_entity.type
_entity.pdbx_description
1 polymer 'adenylylsulfate reductase, subunit A'
2 polymer 'adenylylsulfate reductase, subunit B'
3 non-polymer '(S)-10-((2S,3S,4R)-5-((S)-((S)-(((2R,3S,4R,5R)-5-(6-AMINO-9H-PURIN-9-YL)-3,4-DIHYDROXY-TETRAHYDROFURAN-2-YL)METHOXY)(HYDROXY)PHOSPHORYLOXY)(HYDROXY)PHOSPHORYLOXY)-2,3,4-TRIHYDROXYPENTYL)-7,8-DIMETHYL-2,4-DIOXO-2,3,4,4A-TETRAHYDROBENZO[G]PTERIDINE-5(10H)-SULFONIC ACID'
4 non-polymer 'IRON/SULFUR CLUSTER'
5 water water
#
loop_
_entity_poly.entity_id
_entity_poly.type
_entity_poly.pdbx_seq_one_letter_code
_entity_poly.pdbx_strand_id
1 'polypeptide(L)'
;MVYYPKKYELYKADEVPTEVVETDILIIGGGFSGCGAAYEAAYWAKLGGLKVTLVEKAAVERSGAVAQGLSAINTYIDLT
GRSERQNTLEDYVRYVTLDMMGLAREDLVADYARHVDGTVHLFEKWGLPIWKTPDGKYVREGQWQIMIHGESYKPIIAEA
AKMAVGEENIYERVFIFELLKDKNDPNAVAGAVGFSVREPKFYVFKAKAVILATGGATLLFRPRSTGEAAGRTWYAIFDT
GSGYYMGLKAGAMLTQFEHRFIPFRFKDGYGPVGAWFLFFKCKAKNAYGEEYIKTRAAELEKYKPYGAAQPIPTPLRNHQ
VMLEIMDGNQPIYMHTEEALAELAGGDKKKLKHIYEEAFEDFLDMTVSQALLWACQNIDPQEQPSEAAPAEPYIMGSHSG
EAGFWVCGPEDLMPEEYAKLFPLKYNRMTTVKGLFAIGDCAGANPHKFSSGSFTEGRIAAKAAVRFILEQKPNPEIDDAV
VEELKKKAYAPMERFMQYKDLSTADDVNPEYILPWQGLVRLQKIMDEYAAGIATIYKTNEKMLQRALELLAFLKEDLEKL
AARDLHELMRAWELVHRVWTAEAHVRHMLFRKETRWPGYYYRTDYPELNDEEWKCFVCSKYDAEKDEWTFEKVPYVQVIE
WSF
;
A,C
2 'polypeptide(L)'
;MPSFVNPEKCDGCKALERTACEYICPNDLMTLDKEKMKAYNREPDMCWECYSCVKMCPQGAIDVRGYVDYSPLGGACVPM
RGTSDIMWTVKYRNGKVLRFKFAIRTTPWGSIQPFEGFPEPTEEALKSELLAGEPEIIGTSEFPQVKKKA
;
B,D
#
# COMPACT_ATOMS: atom_id res chain seq x y z
N VAL A 2 -9.46 5.59 3.48
CA VAL A 2 -10.88 5.18 3.42
C VAL A 2 -11.73 6.05 4.36
N TYR A 3 -12.92 6.42 3.91
CA TYR A 3 -13.79 7.26 4.71
C TYR A 3 -15.20 6.68 4.80
N TYR A 4 -15.73 6.59 6.02
CA TYR A 4 -17.07 6.08 6.25
C TYR A 4 -17.85 7.05 7.13
N PRO A 5 -18.56 8.00 6.49
CA PRO A 5 -19.35 8.98 7.24
C PRO A 5 -20.42 8.35 8.10
N LYS A 6 -20.64 8.94 9.27
CA LYS A 6 -21.63 8.47 10.23
C LYS A 6 -23.03 8.73 9.68
N LYS A 7 -23.20 9.88 9.05
CA LYS A 7 -24.48 10.27 8.47
C LYS A 7 -24.27 11.18 7.27
N TYR A 8 -25.30 11.30 6.44
CA TYR A 8 -25.23 12.14 5.25
C TYR A 8 -25.37 13.62 5.58
N GLU A 9 -24.80 14.44 4.73
CA GLU A 9 -24.86 15.90 4.86
C GLU A 9 -24.84 16.30 3.40
N LEU A 10 -26.01 16.25 2.77
CA LEU A 10 -26.13 16.53 1.35
C LEU A 10 -26.85 17.82 0.99
N TYR A 11 -26.34 18.51 0.00
CA TYR A 11 -26.93 19.75 -0.47
C TYR A 11 -26.85 19.85 -1.99
N LYS A 12 -27.85 20.48 -2.59
CA LYS A 12 -27.83 20.68 -4.03
C LYS A 12 -27.36 22.12 -4.21
N ALA A 13 -26.56 22.37 -5.23
CA ALA A 13 -26.02 23.70 -5.48
C ALA A 13 -27.05 24.82 -5.34
N ASP A 14 -28.22 24.62 -5.94
CA ASP A 14 -29.27 25.64 -5.90
C ASP A 14 -29.90 25.88 -4.53
N GLU A 15 -29.62 24.99 -3.58
CA GLU A 15 -30.17 25.14 -2.23
C GLU A 15 -29.16 25.83 -1.32
N VAL A 16 -27.94 25.98 -1.81
CA VAL A 16 -26.86 26.60 -1.03
C VAL A 16 -26.77 28.13 -1.20
N PRO A 17 -26.82 28.87 -0.10
CA PRO A 17 -26.74 30.33 -0.17
C PRO A 17 -25.31 30.76 -0.52
N THR A 18 -25.20 31.86 -1.25
CA THR A 18 -23.90 32.38 -1.63
C THR A 18 -23.56 33.60 -0.79
N GLU A 19 -22.32 33.67 -0.32
CA GLU A 19 -21.89 34.82 0.45
C GLU A 19 -20.79 35.48 -0.38
N VAL A 20 -21.01 36.74 -0.74
CA VAL A 20 -20.04 37.47 -1.54
C VAL A 20 -19.16 38.31 -0.63
N VAL A 21 -17.84 38.20 -0.81
CA VAL A 21 -16.90 38.94 0.00
C VAL A 21 -16.03 39.80 -0.91
N GLU A 22 -16.08 41.11 -0.71
CA GLU A 22 -15.29 42.04 -1.51
C GLU A 22 -14.10 42.51 -0.69
N THR A 23 -12.91 42.36 -1.26
CA THR A 23 -11.68 42.75 -0.60
C THR A 23 -10.69 43.25 -1.64
N ASP A 24 -9.54 43.74 -1.20
CA ASP A 24 -8.53 44.22 -2.13
C ASP A 24 -7.46 43.14 -2.32
N ILE A 25 -6.97 42.62 -1.20
CA ILE A 25 -5.96 41.57 -1.23
C ILE A 25 -6.51 40.32 -0.57
N LEU A 26 -6.58 39.22 -1.32
CA LEU A 26 -7.07 37.96 -0.81
C LEU A 26 -5.90 36.99 -0.67
N ILE A 27 -5.68 36.50 0.54
CA ILE A 27 -4.61 35.55 0.81
C ILE A 27 -5.25 34.17 1.00
N ILE A 28 -4.92 33.23 0.12
CA ILE A 28 -5.47 31.88 0.20
C ILE A 28 -4.51 30.94 0.91
N GLY A 29 -4.85 30.60 2.15
CA GLY A 29 -4.01 29.72 2.94
C GLY A 29 -3.45 30.48 4.13
N GLY A 30 -3.79 30.04 5.33
CA GLY A 30 -3.31 30.72 6.53
C GLY A 30 -2.18 29.99 7.24
N GLY A 31 -1.22 29.48 6.46
CA GLY A 31 -0.09 28.79 7.04
C GLY A 31 1.01 29.79 7.34
N PHE A 32 2.26 29.36 7.24
CA PHE A 32 3.36 30.29 7.53
C PHE A 32 3.53 31.40 6.50
N SER A 33 3.47 31.07 5.20
CA SER A 33 3.63 32.10 4.19
C SER A 33 2.41 33.03 4.19
N GLY A 34 1.22 32.44 4.31
CA GLY A 34 0.00 33.23 4.32
C GLY A 34 -0.06 34.20 5.50
N CYS A 35 0.37 33.75 6.68
CA CYS A 35 0.37 34.61 7.86
C CYS A 35 1.40 35.73 7.68
N GLY A 36 2.49 35.42 6.98
CA GLY A 36 3.50 36.44 6.73
C GLY A 36 2.91 37.50 5.81
N ALA A 37 2.12 37.07 4.84
CA ALA A 37 1.49 37.99 3.90
C ALA A 37 0.45 38.84 4.63
N ALA A 38 -0.34 38.22 5.49
CA ALA A 38 -1.38 38.95 6.23
C ALA A 38 -0.76 40.00 7.14
N TYR A 39 0.32 39.62 7.81
CA TYR A 39 1.02 40.52 8.71
C TYR A 39 1.55 41.76 7.99
N GLU A 40 2.34 41.53 6.94
CA GLU A 40 2.92 42.63 6.19
C GLU A 40 1.88 43.43 5.42
N ALA A 41 0.93 42.76 4.80
CA ALA A 41 -0.10 43.45 4.03
C ALA A 41 -0.84 44.47 4.88
N ALA A 42 -1.13 44.10 6.12
CA ALA A 42 -1.84 44.97 7.04
C ALA A 42 -1.06 46.27 7.29
N TYR A 43 0.27 46.17 7.25
CA TYR A 43 1.11 47.34 7.46
C TYR A 43 1.00 48.36 6.33
N TRP A 44 1.25 47.91 5.10
CA TRP A 44 1.20 48.81 3.95
C TRP A 44 -0.21 49.17 3.47
N ALA A 45 -1.16 48.27 3.71
CA ALA A 45 -2.55 48.50 3.27
C ALA A 45 -3.09 49.84 3.73
N LYS A 46 -2.61 50.33 4.87
CA LYS A 46 -3.10 51.60 5.39
C LYS A 46 -2.90 52.76 4.42
N LEU A 47 -1.90 52.66 3.55
CA LEU A 47 -1.62 53.70 2.59
C LEU A 47 -2.77 53.97 1.64
N GLY A 48 -3.62 52.96 1.43
CA GLY A 48 -4.75 53.13 0.54
C GLY A 48 -6.06 52.70 1.19
N GLY A 49 -6.02 52.47 2.50
CA GLY A 49 -7.21 52.03 3.20
C GLY A 49 -7.69 50.71 2.61
N LEU A 50 -6.74 49.91 2.14
CA LEU A 50 -7.04 48.62 1.53
C LEU A 50 -7.50 47.56 2.52
N LYS A 51 -8.36 46.66 2.05
CA LYS A 51 -8.86 45.58 2.87
C LYS A 51 -8.05 44.32 2.56
N VAL A 52 -7.59 43.66 3.61
CA VAL A 52 -6.82 42.44 3.45
C VAL A 52 -7.64 41.31 4.05
N THR A 53 -7.82 40.25 3.27
CA THR A 53 -8.61 39.12 3.71
C THR A 53 -7.79 37.84 3.65
N LEU A 54 -7.91 37.04 4.70
CA LEU A 54 -7.19 35.77 4.79
C LEU A 54 -8.22 34.66 4.87
N VAL A 55 -8.12 33.68 3.97
CA VAL A 55 -9.04 32.55 4.00
C VAL A 55 -8.23 31.27 4.25
N GLU A 56 -8.71 30.46 5.18
CA GLU A 56 -8.06 29.22 5.59
C GLU A 56 -9.08 28.07 5.67
N LYS A 57 -8.72 26.89 5.14
CA LYS A 57 -9.67 25.78 5.18
C LYS A 57 -9.84 25.18 6.57
N ALA A 58 -8.83 25.34 7.43
CA ALA A 58 -8.92 24.84 8.80
C ALA A 58 -8.89 26.03 9.76
N ALA A 59 -8.13 25.92 10.84
CA ALA A 59 -8.02 26.99 11.82
C ALA A 59 -6.56 27.45 11.83
N VAL A 60 -6.36 28.76 11.63
CA VAL A 60 -5.02 29.34 11.57
C VAL A 60 -4.13 29.08 12.78
N GLU A 61 -4.74 28.91 13.96
CA GLU A 61 -3.97 28.66 15.17
C GLU A 61 -2.99 27.48 15.03
N ARG A 62 -3.42 26.43 14.34
CA ARG A 62 -2.58 25.23 14.17
C ARG A 62 -2.52 24.69 12.74
N SER A 63 -3.06 25.43 11.78
CA SER A 63 -3.09 24.94 10.40
C SER A 63 -1.74 24.84 9.69
N GLY A 64 -1.65 23.89 8.77
CA GLY A 64 -0.43 23.72 7.99
C GLY A 64 0.67 22.85 8.56
N ALA A 65 1.81 22.91 7.88
CA ALA A 65 2.99 22.14 8.24
C ALA A 65 3.51 22.34 9.66
N VAL A 66 3.25 23.49 10.25
CA VAL A 66 3.74 23.76 11.60
C VAL A 66 2.75 23.44 12.72
N ALA A 67 1.75 22.63 12.40
CA ALA A 67 0.73 22.24 13.37
C ALA A 67 1.29 21.71 14.70
N GLN A 68 2.30 20.86 14.66
CA GLN A 68 2.87 20.30 15.89
C GLN A 68 3.97 21.20 16.44
N GLY A 69 4.37 22.16 15.63
CA GLY A 69 5.45 23.06 16.00
C GLY A 69 6.67 22.62 15.21
N LEU A 70 7.81 23.25 15.45
CA LEU A 70 9.05 22.88 14.78
C LEU A 70 10.16 22.96 15.82
N SER A 71 11.21 22.18 15.65
CA SER A 71 12.29 22.16 16.63
C SER A 71 13.43 23.11 16.27
N ALA A 72 13.35 23.68 15.08
CA ALA A 72 14.38 24.61 14.63
C ALA A 72 13.85 25.55 13.56
N ILE A 73 14.58 26.64 13.36
CA ILE A 73 14.26 27.60 12.31
C ILE A 73 15.39 27.28 11.34
N ASN A 74 15.05 26.71 10.19
CA ASN A 74 16.07 26.30 9.22
C ASN A 74 16.76 27.39 8.42
N THR A 75 16.26 28.62 8.50
CA THR A 75 16.90 29.69 7.75
C THR A 75 17.11 30.94 8.58
N TYR A 76 18.35 31.14 9.01
CA TYR A 76 18.77 32.30 9.77
C TYR A 76 20.23 32.52 9.36
N ILE A 77 20.45 33.55 8.56
CA ILE A 77 21.78 33.86 8.06
C ILE A 77 22.72 34.30 9.18
N ASP A 78 22.24 35.24 9.99
CA ASP A 78 23.00 35.84 11.10
C ASP A 78 24.10 36.73 10.54
N LEU A 79 23.74 37.97 10.24
CA LEU A 79 24.66 38.95 9.67
C LEU A 79 25.36 39.81 10.72
N THR A 80 25.04 39.60 12.00
CA THR A 80 25.65 40.41 13.06
C THR A 80 26.35 39.62 14.15
N GLY A 81 25.96 38.35 14.31
CA GLY A 81 26.58 37.54 15.35
C GLY A 81 25.69 37.24 16.53
N ARG A 82 24.37 37.17 16.29
CA ARG A 82 23.43 36.86 17.37
C ARG A 82 23.46 35.37 17.69
N SER A 83 23.98 34.58 16.76
CA SER A 83 24.05 33.13 16.94
C SER A 83 25.51 32.69 17.06
N GLU A 84 25.71 31.40 17.26
CA GLU A 84 27.04 30.84 17.40
C GLU A 84 27.85 30.92 16.10
N ARG A 85 27.19 31.18 14.98
CA ARG A 85 27.90 31.27 13.71
C ARG A 85 27.32 32.29 12.73
N GLN A 86 28.16 33.23 12.30
CA GLN A 86 27.75 34.25 11.34
C GLN A 86 27.99 33.73 9.93
N ASN A 87 27.20 34.21 8.98
CA ASN A 87 27.33 33.80 7.59
C ASN A 87 27.12 35.01 6.69
N THR A 88 27.45 34.86 5.41
CA THR A 88 27.27 35.94 4.45
C THR A 88 26.14 35.55 3.50
N LEU A 89 25.55 36.53 2.84
CA LEU A 89 24.47 36.27 1.91
C LEU A 89 24.98 35.56 0.66
N GLU A 90 26.18 35.92 0.22
CA GLU A 90 26.77 35.30 -0.96
C GLU A 90 26.99 33.81 -0.75
N ASP A 91 27.41 33.43 0.46
CA ASP A 91 27.64 32.02 0.78
C ASP A 91 26.30 31.29 0.82
N TYR A 92 25.26 31.97 1.27
CA TYR A 92 23.95 31.33 1.34
C TYR A 92 23.43 31.06 -0.07
N VAL A 93 23.51 32.06 -0.94
CA VAL A 93 23.03 31.90 -2.31
C VAL A 93 23.78 30.76 -2.98
N ARG A 94 25.10 30.72 -2.79
CA ARG A 94 25.92 29.66 -3.36
C ARG A 94 25.42 28.31 -2.86
N TYR A 95 25.19 28.24 -1.55
CA TYR A 95 24.72 27.04 -0.89
C TYR A 95 23.43 26.50 -1.52
N VAL A 96 22.45 27.36 -1.71
CA VAL A 96 21.18 26.95 -2.29
C VAL A 96 21.29 26.52 -3.75
N THR A 97 22.02 27.29 -4.55
CA THR A 97 22.18 26.92 -5.95
C THR A 97 22.86 25.57 -6.09
N LEU A 98 23.90 25.35 -5.28
CA LEU A 98 24.61 24.07 -5.32
C LEU A 98 23.73 22.92 -4.84
N ASP A 99 22.88 23.18 -3.86
CA ASP A 99 22.00 22.11 -3.37
C ASP A 99 21.00 21.75 -4.47
N MET A 100 20.66 22.74 -5.30
CA MET A 100 19.73 22.52 -6.40
C MET A 100 20.47 21.97 -7.61
N MET A 101 21.71 21.55 -7.41
CA MET A 101 22.54 21.02 -8.48
C MET A 101 22.68 22.05 -9.60
N GLY A 102 22.83 23.31 -9.21
CA GLY A 102 23.02 24.38 -10.18
C GLY A 102 21.81 25.18 -10.64
N LEU A 103 20.60 24.77 -10.29
CA LEU A 103 19.41 25.49 -10.75
C LEU A 103 18.54 26.15 -9.69
N ALA A 104 18.75 27.44 -9.48
CA ALA A 104 17.96 28.20 -8.51
C ALA A 104 17.91 29.65 -8.97
N ARG A 105 16.76 30.29 -8.77
CA ARG A 105 16.59 31.70 -9.14
C ARG A 105 17.30 32.50 -8.05
N GLU A 106 18.56 32.82 -8.28
CA GLU A 106 19.35 33.55 -7.29
C GLU A 106 18.80 34.92 -6.93
N ASP A 107 18.07 35.54 -7.85
CA ASP A 107 17.49 36.84 -7.54
C ASP A 107 16.45 36.66 -6.44
N LEU A 108 15.68 35.56 -6.53
CA LEU A 108 14.65 35.27 -5.54
C LEU A 108 15.25 34.78 -4.22
N VAL A 109 16.30 33.97 -4.29
CA VAL A 109 16.92 33.43 -3.09
C VAL A 109 17.61 34.55 -2.33
N ALA A 110 18.41 35.36 -3.03
CA ALA A 110 19.11 36.47 -2.39
C ALA A 110 18.10 37.43 -1.77
N ASP A 111 16.94 37.55 -2.40
CA ASP A 111 15.91 38.46 -1.92
C ASP A 111 15.29 38.03 -0.59
N TYR A 112 14.89 36.77 -0.45
CA TYR A 112 14.30 36.38 0.83
C TYR A 112 15.40 36.27 1.90
N ALA A 113 16.63 35.98 1.46
CA ALA A 113 17.75 35.84 2.38
C ALA A 113 18.13 37.15 3.07
N ARG A 114 18.06 38.27 2.34
CA ARG A 114 18.41 39.56 2.94
C ARG A 114 17.33 40.06 3.89
N HIS A 115 16.15 39.45 3.82
CA HIS A 115 15.01 39.84 4.67
C HIS A 115 14.71 38.87 5.82
N VAL A 116 15.05 37.60 5.64
CA VAL A 116 14.74 36.58 6.63
C VAL A 116 15.14 36.80 8.09
N ASP A 117 16.33 37.34 8.34
CA ASP A 117 16.77 37.56 9.72
C ASP A 117 15.84 38.49 10.49
N GLY A 118 15.34 39.53 9.83
CA GLY A 118 14.42 40.44 10.49
C GLY A 118 13.19 39.69 10.95
N THR A 119 12.71 38.77 10.10
CA THR A 119 11.53 37.98 10.43
C THR A 119 11.79 37.12 11.66
N VAL A 120 12.96 36.48 11.72
CA VAL A 120 13.31 35.65 12.87
C VAL A 120 13.36 36.50 14.15
N HIS A 121 13.97 37.68 14.06
CA HIS A 121 14.07 38.55 15.22
C HIS A 121 12.68 38.94 15.73
N LEU A 122 11.73 39.14 14.82
CA LEU A 122 10.37 39.49 15.22
C LEU A 122 9.76 38.29 15.96
N PHE A 123 9.98 37.09 15.43
CA PHE A 123 9.45 35.88 16.05
C PHE A 123 9.87 35.80 17.51
N GLU A 124 11.14 36.04 17.79
CA GLU A 124 11.64 35.99 19.16
C GLU A 124 11.00 37.09 19.99
N LYS A 125 10.86 38.25 19.37
CA LYS A 125 10.24 39.38 20.04
C LYS A 125 8.82 39.00 20.46
N TRP A 126 8.12 38.28 19.58
CA TRP A 126 6.74 37.89 19.84
C TRP A 126 6.55 36.76 20.86
N GLY A 127 7.64 36.22 21.38
CA GLY A 127 7.50 35.16 22.37
C GLY A 127 8.11 33.81 22.05
N LEU A 128 8.59 33.61 20.83
CA LEU A 128 9.18 32.34 20.46
C LEU A 128 10.49 32.16 21.23
N PRO A 129 10.59 31.08 22.03
CA PRO A 129 11.81 30.85 22.79
C PRO A 129 12.88 30.19 21.92
N ILE A 130 13.99 30.89 21.70
CA ILE A 130 15.08 30.33 20.90
C ILE A 130 16.14 29.78 21.85
N TRP A 131 16.69 28.61 21.53
CA TRP A 131 17.74 28.02 22.35
C TRP A 131 18.91 29.00 22.39
N LYS A 132 19.49 29.21 23.57
CA LYS A 132 20.62 30.12 23.72
C LYS A 132 21.74 29.50 24.54
N THR A 133 22.97 29.89 24.22
CA THR A 133 24.14 29.41 24.93
C THR A 133 24.21 30.23 26.22
N PRO A 134 25.06 29.82 27.17
CA PRO A 134 25.15 30.60 28.42
C PRO A 134 25.54 32.05 28.12
N ASP A 135 26.24 32.24 27.01
CA ASP A 135 26.68 33.56 26.57
C ASP A 135 25.54 34.36 25.93
N GLY A 136 24.40 33.71 25.71
CA GLY A 136 23.26 34.38 25.12
C GLY A 136 23.12 34.31 23.61
N LYS A 137 23.95 33.49 22.98
CA LYS A 137 23.90 33.32 21.52
C LYS A 137 22.91 32.27 21.07
N TYR A 138 22.26 32.51 19.92
CA TYR A 138 21.30 31.55 19.38
C TYR A 138 22.09 30.28 19.14
N VAL A 139 21.56 29.15 19.59
CA VAL A 139 22.22 27.87 19.41
C VAL A 139 22.06 27.40 17.97
N ARG A 140 23.17 27.14 17.30
CA ARG A 140 23.15 26.67 15.93
C ARG A 140 22.88 25.18 15.88
N GLU A 141 22.15 24.74 14.85
CA GLU A 141 21.91 23.32 14.68
C GLU A 141 23.02 22.94 13.72
N GLY A 142 22.92 23.46 12.50
CA GLY A 142 23.93 23.24 11.49
C GLY A 142 24.52 24.62 11.20
N GLN A 143 24.79 24.92 9.94
CA GLN A 143 25.35 26.22 9.60
C GLN A 143 24.28 27.27 9.45
N TRP A 144 23.15 26.88 8.89
CA TRP A 144 22.06 27.82 8.61
C TRP A 144 20.83 27.79 9.51
N GLN A 145 20.78 26.84 10.44
CA GLN A 145 19.62 26.71 11.31
C GLN A 145 19.91 27.01 12.77
N ILE A 146 18.87 27.36 13.52
CA ILE A 146 19.00 27.62 14.95
C ILE A 146 17.90 26.83 15.65
N MET A 147 18.24 26.24 16.81
CA MET A 147 17.29 25.45 17.57
C MET A 147 16.27 26.34 18.28
N ILE A 148 15.04 25.86 18.38
CA ILE A 148 13.98 26.62 19.05
C ILE A 148 13.09 25.72 19.88
N HIS A 149 12.46 26.31 20.89
CA HIS A 149 11.50 25.58 21.71
C HIS A 149 10.21 25.99 21.00
N GLY A 150 9.97 25.37 19.85
CA GLY A 150 8.82 25.75 19.05
C GLY A 150 7.50 25.01 19.04
N GLU A 151 7.10 24.43 20.17
CA GLU A 151 5.81 23.72 20.20
C GLU A 151 4.67 24.66 19.79
N SER A 152 4.75 25.92 20.22
CA SER A 152 3.73 26.90 19.91
C SER A 152 4.12 27.86 18.79
N TYR A 153 5.02 27.39 17.93
CA TYR A 153 5.51 28.19 16.80
C TYR A 153 4.35 28.69 15.94
N LYS A 154 3.44 27.80 15.52
CA LYS A 154 2.33 28.26 14.70
C LYS A 154 1.38 29.20 15.46
N PRO A 155 0.94 28.80 16.67
CA PRO A 155 0.02 29.67 17.41
C PRO A 155 0.55 31.10 17.60
N ILE A 156 1.86 31.23 17.83
CA ILE A 156 2.47 32.54 18.00
C ILE A 156 2.39 33.35 16.71
N ILE A 157 2.77 32.74 15.60
CA ILE A 157 2.72 33.42 14.30
C ILE A 157 1.27 33.73 13.92
N ALA A 158 0.35 32.84 14.28
CA ALA A 158 -1.07 33.04 13.98
C ALA A 158 -1.58 34.26 14.75
N GLU A 159 -1.12 34.42 15.97
CA GLU A 159 -1.54 35.56 16.79
C GLU A 159 -1.03 36.85 16.16
N ALA A 160 0.19 36.83 15.67
CA ALA A 160 0.77 38.02 15.04
C ALA A 160 -0.09 38.42 13.83
N ALA A 161 -0.46 37.44 13.03
CA ALA A 161 -1.27 37.71 11.85
C ALA A 161 -2.67 38.18 12.24
N LYS A 162 -3.23 37.58 13.27
CA LYS A 162 -4.56 37.95 13.73
C LYS A 162 -4.54 39.38 14.28
N MET A 163 -3.50 39.72 15.02
CA MET A 163 -3.39 41.06 15.57
C MET A 163 -3.21 42.09 14.46
N ALA A 164 -2.53 41.69 13.40
CA ALA A 164 -2.26 42.57 12.27
C ALA A 164 -3.47 42.86 11.37
N VAL A 165 -4.12 41.82 10.86
CA VAL A 165 -5.25 42.02 9.97
C VAL A 165 -6.63 42.09 10.64
N GLY A 166 -6.72 41.57 11.86
CA GLY A 166 -7.99 41.60 12.56
C GLY A 166 -8.77 40.34 12.30
N GLU A 167 -9.33 39.74 13.35
CA GLU A 167 -10.09 38.50 13.21
C GLU A 167 -11.29 38.62 12.29
N GLU A 168 -11.83 39.82 12.13
CA GLU A 168 -12.98 39.99 11.26
C GLU A 168 -12.58 39.79 9.79
N ASN A 169 -11.29 39.79 9.52
CA ASN A 169 -10.80 39.61 8.16
C ASN A 169 -10.20 38.23 7.91
N ILE A 170 -10.45 37.30 8.82
CA ILE A 170 -9.94 35.94 8.65
C ILE A 170 -11.14 35.00 8.55
N TYR A 171 -11.20 34.27 7.44
CA TYR A 171 -12.27 33.30 7.22
C TYR A 171 -11.70 31.90 7.37
N GLU A 172 -12.16 31.18 8.37
CA GLU A 172 -11.68 29.81 8.62
C GLU A 172 -12.72 28.77 8.20
N ARG A 173 -12.25 27.53 8.05
CA ARG A 173 -13.12 26.44 7.65
C ARG A 173 -13.82 26.73 6.32
N VAL A 174 -13.08 27.39 5.44
CA VAL A 174 -13.57 27.72 4.10
C VAL A 174 -12.54 27.19 3.10
N PHE A 175 -12.94 26.21 2.30
CA PHE A 175 -12.06 25.60 1.31
C PHE A 175 -12.14 26.29 -0.04
N ILE A 176 -11.02 26.84 -0.50
CA ILE A 176 -10.97 27.50 -1.80
C ILE A 176 -10.63 26.42 -2.82
N PHE A 177 -11.44 26.31 -3.88
CA PHE A 177 -11.17 25.29 -4.89
C PHE A 177 -10.85 25.80 -6.29
N GLU A 178 -11.13 27.07 -6.55
CA GLU A 178 -10.87 27.61 -7.89
C GLU A 178 -10.71 29.13 -7.86
N LEU A 179 -9.89 29.66 -8.75
CA LEU A 179 -9.70 31.09 -8.84
C LEU A 179 -10.71 31.65 -9.85
N LEU A 180 -10.91 32.96 -9.79
CA LEU A 180 -11.82 33.63 -10.71
C LEU A 180 -10.95 34.58 -11.51
N LYS A 181 -11.24 34.72 -12.80
CA LYS A 181 -10.43 35.60 -13.61
C LYS A 181 -11.23 36.82 -14.05
N ASP A 182 -10.50 37.85 -14.45
CA ASP A 182 -11.09 39.11 -14.87
C ASP A 182 -11.88 38.96 -16.16
N LYS A 183 -12.90 39.16 -16.16
CA LYS A 183 -13.82 39.09 -17.29
C LYS A 183 -13.39 40.03 -18.42
N ASN A 184 -12.83 41.20 -17.84
CA ASN A 184 -12.23 42.21 -18.72
C ASN A 184 -10.82 41.90 -19.21
N ASP A 185 -10.19 40.86 -18.67
CA ASP A 185 -8.83 40.50 -19.07
C ASP A 185 -8.56 39.02 -18.77
N PRO A 186 -8.37 38.21 -19.82
CA PRO A 186 -8.09 36.77 -19.71
C PRO A 186 -6.84 36.36 -18.94
N ASN A 187 -5.94 37.31 -18.70
CA ASN A 187 -4.72 36.97 -17.96
C ASN A 187 -4.60 37.79 -16.68
N ALA A 188 -5.72 38.01 -16.00
CA ALA A 188 -5.75 38.75 -14.75
C ALA A 188 -6.68 38.05 -13.78
N VAL A 189 -6.29 38.02 -12.51
CA VAL A 189 -7.11 37.38 -11.49
C VAL A 189 -8.16 38.37 -10.99
N ALA A 190 -9.28 37.86 -10.50
CA ALA A 190 -10.35 38.72 -10.00
C ALA A 190 -10.92 38.22 -8.69
N GLY A 191 -10.38 37.11 -8.20
CA GLY A 191 -10.87 36.57 -6.94
C GLY A 191 -10.83 35.05 -6.90
N ALA A 192 -11.69 34.45 -6.09
CA ALA A 192 -11.74 33.00 -5.97
C ALA A 192 -13.05 32.54 -5.37
N VAL A 193 -13.34 31.25 -5.52
CA VAL A 193 -14.55 30.67 -4.98
C VAL A 193 -14.22 29.52 -4.07
N GLY A 194 -15.06 29.30 -3.08
CA GLY A 194 -14.85 28.22 -2.14
C GLY A 194 -16.16 27.87 -1.48
N PHE A 195 -16.10 26.98 -0.50
CA PHE A 195 -17.28 26.58 0.24
C PHE A 195 -16.89 26.27 1.67
N SER A 196 -17.85 26.43 2.59
CA SER A 196 -17.62 26.13 3.99
C SER A 196 -17.68 24.63 4.21
N VAL A 197 -16.94 24.15 5.20
CA VAL A 197 -16.95 22.72 5.52
C VAL A 197 -17.66 22.52 6.85
N ARG A 198 -18.34 23.57 7.31
CA ARG A 198 -19.08 23.53 8.57
C ARG A 198 -20.56 23.80 8.36
N GLU A 199 -20.91 24.30 7.18
CA GLU A 199 -22.29 24.63 6.88
C GLU A 199 -22.48 24.76 5.38
N PRO A 200 -23.74 24.77 4.91
CA PRO A 200 -23.98 24.91 3.48
C PRO A 200 -23.83 26.39 3.08
N LYS A 201 -22.66 26.76 2.61
CA LYS A 201 -22.42 28.14 2.20
C LYS A 201 -21.34 28.23 1.14
N PHE A 202 -21.71 28.84 0.01
CA PHE A 202 -20.80 29.03 -1.12
C PHE A 202 -20.19 30.42 -1.01
N TYR A 203 -18.86 30.51 -1.16
CA TYR A 203 -18.19 31.80 -1.07
C TYR A 203 -17.63 32.30 -2.39
N VAL A 204 -17.83 33.59 -2.62
CA VAL A 204 -17.32 34.25 -3.81
C VAL A 204 -16.49 35.42 -3.31
N PHE A 205 -15.17 35.31 -3.46
CA PHE A 205 -14.27 36.37 -3.03
C PHE A 205 -13.86 37.21 -4.22
N LYS A 206 -14.24 38.49 -4.20
CA LYS A 206 -13.86 39.41 -5.26
C LYS A 206 -12.66 40.16 -4.74
N ALA A 207 -11.58 40.17 -5.51
CA ALA A 207 -10.38 40.86 -5.07
C ALA A 207 -9.56 41.43 -6.21
N LYS A 208 -8.70 42.39 -5.87
CA LYS A 208 -7.84 43.03 -6.86
C LYS A 208 -6.51 42.28 -6.98
N ALA A 209 -6.12 41.63 -5.90
CA ALA A 209 -4.88 40.86 -5.88
C ALA A 209 -5.13 39.59 -5.08
N VAL A 210 -4.60 38.48 -5.56
CA VAL A 210 -4.76 37.20 -4.88
C VAL A 210 -3.38 36.61 -4.62
N ILE A 211 -3.16 36.13 -3.41
CA ILE A 211 -1.88 35.55 -3.04
C ILE A 211 -2.06 34.08 -2.69
N LEU A 212 -1.43 33.20 -3.46
CA LEU A 212 -1.51 31.76 -3.23
C LEU A 212 -0.52 31.33 -2.16
N ALA A 213 -1.04 30.82 -1.04
CA ALA A 213 -0.21 30.37 0.08
C ALA A 213 -0.81 29.11 0.68
N THR A 214 -1.16 28.18 -0.19
CA THR A 214 -1.80 26.93 0.21
C THR A 214 -0.87 25.79 0.61
N GLY A 215 0.43 26.03 0.58
CA GLY A 215 1.36 24.97 0.92
C GLY A 215 1.51 24.06 -0.29
N GLY A 216 2.36 23.04 -0.16
CA GLY A 216 2.61 22.13 -1.27
C GLY A 216 1.57 21.04 -1.49
N ALA A 217 2.06 19.90 -1.96
CA ALA A 217 1.16 18.78 -2.25
C ALA A 217 1.72 17.46 -1.73
N THR A 218 0.87 16.75 -0.98
CA THR A 218 1.23 15.46 -0.42
C THR A 218 0.15 14.46 -0.79
N LEU A 219 0.43 13.18 -0.56
CA LEU A 219 -0.47 12.07 -0.88
C LEU A 219 -0.72 11.92 -2.38
N LEU A 220 0.19 12.41 -3.19
CA LEU A 220 0.08 12.23 -4.64
C LEU A 220 0.63 10.85 -4.91
N PHE A 221 1.66 10.48 -4.15
CA PHE A 221 2.31 9.19 -4.27
C PHE A 221 1.93 8.25 -3.15
N ARG A 222 1.87 6.96 -3.45
CA ARG A 222 1.54 5.97 -2.42
C ARG A 222 2.65 6.00 -1.38
N PRO A 223 2.29 6.06 -0.09
CA PRO A 223 3.26 6.10 1.01
C PRO A 223 3.82 4.72 1.33
N ARG A 224 4.79 4.66 2.22
CA ARG A 224 5.39 3.39 2.62
C ARG A 224 4.51 2.63 3.60
N SER A 225 3.45 3.30 4.06
CA SER A 225 2.47 2.71 4.96
C SER A 225 1.15 3.02 4.27
N THR A 226 0.33 2.00 4.06
CA THR A 226 -0.93 2.18 3.35
C THR A 226 -2.21 1.96 4.16
N GLY A 227 -2.07 1.69 5.45
CA GLY A 227 -3.23 1.49 6.30
C GLY A 227 -3.56 2.80 6.97
N GLU A 228 -3.60 2.81 8.30
CA GLU A 228 -3.87 4.05 9.02
C GLU A 228 -2.71 5.00 8.77
N ALA A 229 -1.50 4.43 8.75
CA ALA A 229 -0.27 5.21 8.57
C ALA A 229 -0.12 5.90 7.22
N ALA A 230 -1.15 5.81 6.38
CA ALA A 230 -1.11 6.50 5.10
C ALA A 230 -1.18 7.98 5.51
N GLY A 231 -1.68 8.20 6.73
CA GLY A 231 -1.81 9.55 7.25
C GLY A 231 -0.50 10.11 7.77
N ARG A 232 0.50 9.25 7.97
CA ARG A 232 1.79 9.70 8.46
C ARG A 232 2.70 10.06 7.30
N THR A 233 2.34 11.12 6.58
CA THR A 233 3.17 11.59 5.48
C THR A 233 4.23 12.45 6.16
N TRP A 234 5.46 12.46 5.64
CA TRP A 234 6.46 13.29 6.26
C TRP A 234 6.05 14.76 6.16
N TYR A 235 5.72 15.21 4.95
CA TYR A 235 5.31 16.60 4.79
C TYR A 235 3.85 16.75 5.23
N ALA A 236 3.37 17.99 5.31
CA ALA A 236 2.01 18.27 5.75
C ALA A 236 0.92 17.58 4.93
N ILE A 237 0.25 16.63 5.56
CA ILE A 237 -0.84 15.91 4.90
C ILE A 237 -1.98 16.88 4.59
N PHE A 238 -1.96 18.02 5.28
CA PHE A 238 -2.99 19.05 5.10
C PHE A 238 -2.86 19.80 3.78
N ASP A 239 -1.67 19.79 3.18
CA ASP A 239 -1.45 20.50 1.92
C ASP A 239 -1.62 19.54 0.74
N THR A 240 -2.55 19.86 -0.14
CA THR A 240 -2.86 19.00 -1.28
C THR A 240 -2.71 19.61 -2.67
N GLY A 241 -1.77 20.55 -2.81
CA GLY A 241 -1.54 21.17 -4.10
C GLY A 241 -2.66 22.06 -4.61
N SER A 242 -3.46 22.62 -3.70
CA SER A 242 -4.56 23.49 -4.09
C SER A 242 -4.08 24.70 -4.87
N GLY A 243 -3.01 25.33 -4.40
CA GLY A 243 -2.48 26.50 -5.09
C GLY A 243 -1.98 26.16 -6.48
N TYR A 244 -1.31 25.01 -6.60
CA TYR A 244 -0.80 24.56 -7.89
C TYR A 244 -1.96 24.41 -8.88
N TYR A 245 -3.01 23.71 -8.45
CA TYR A 245 -4.17 23.51 -9.30
C TYR A 245 -4.82 24.81 -9.77
N MET A 246 -5.29 25.63 -8.82
CA MET A 246 -5.98 26.86 -9.19
C MET A 246 -5.13 27.79 -10.03
N GLY A 247 -3.84 27.90 -9.70
CA GLY A 247 -2.97 28.76 -10.45
C GLY A 247 -2.73 28.26 -11.87
N LEU A 248 -2.46 26.97 -12.01
CA LEU A 248 -2.22 26.43 -13.34
C LEU A 248 -3.46 26.51 -14.22
N LYS A 249 -4.65 26.30 -13.63
CA LYS A 249 -5.90 26.38 -14.40
C LYS A 249 -6.12 27.82 -14.88
N ALA A 250 -5.66 28.78 -14.08
CA ALA A 250 -5.79 30.19 -14.41
C ALA A 250 -4.79 30.61 -15.48
N GLY A 251 -3.82 29.75 -15.76
CA GLY A 251 -2.83 30.06 -16.77
C GLY A 251 -1.50 30.57 -16.25
N ALA A 252 -1.30 30.51 -14.93
CA ALA A 252 -0.03 30.95 -14.35
C ALA A 252 1.01 29.88 -14.61
N MET A 253 2.18 30.29 -15.09
CA MET A 253 3.23 29.33 -15.41
C MET A 253 3.91 28.69 -14.21
N LEU A 254 4.16 27.39 -14.33
CA LEU A 254 4.84 26.62 -13.30
C LEU A 254 6.32 26.51 -13.67
N THR A 255 7.17 26.23 -12.68
CA THR A 255 8.59 26.06 -12.94
C THR A 255 9.17 24.95 -12.08
N GLN A 256 10.14 24.24 -12.63
CA GLN A 256 10.82 23.15 -11.93
C GLN A 256 9.84 22.20 -11.24
N PHE A 257 8.68 21.99 -11.85
CA PHE A 257 7.69 21.12 -11.22
C PHE A 257 8.12 19.66 -11.21
N GLU A 258 9.21 19.35 -11.89
CA GLU A 258 9.74 17.99 -11.91
C GLU A 258 10.57 17.78 -10.65
N HIS A 259 10.96 18.87 -10.01
CA HIS A 259 11.79 18.82 -8.80
C HIS A 259 11.06 18.48 -7.50
N ARG A 260 10.84 17.20 -7.26
CA ARG A 260 10.18 16.75 -6.03
C ARG A 260 11.24 16.60 -4.95
N PHE A 261 10.80 16.42 -3.71
CA PHE A 261 11.74 16.21 -2.61
C PHE A 261 11.47 14.88 -1.95
N ILE A 262 12.52 14.09 -1.77
CA ILE A 262 12.41 12.79 -1.10
C ILE A 262 13.16 12.95 0.22
N PRO A 263 12.43 12.99 1.33
CA PRO A 263 13.04 13.15 2.65
C PRO A 263 13.62 11.88 3.26
N PHE A 264 14.86 11.95 3.72
CA PHE A 264 15.50 10.81 4.38
C PHE A 264 15.26 11.10 5.87
N ARG A 265 14.46 10.27 6.51
CA ARG A 265 14.13 10.49 7.91
C ARG A 265 14.06 9.18 8.70
N PHE A 266 13.77 9.26 9.98
CA PHE A 266 13.64 8.05 10.78
C PHE A 266 12.49 7.28 10.11
N LYS A 267 12.68 5.98 9.88
CA LYS A 267 11.71 5.12 9.24
C LYS A 267 10.33 5.07 9.88
N ASP A 268 9.29 5.08 9.03
CA ASP A 268 7.90 4.99 9.47
C ASP A 268 7.31 6.21 10.16
N GLY A 269 7.95 6.69 11.23
CA GLY A 269 7.44 7.86 11.93
C GLY A 269 7.89 9.14 11.25
N TYR A 270 9.01 9.05 10.54
CA TYR A 270 9.60 10.17 9.82
C TYR A 270 10.04 11.32 10.72
N GLY A 271 10.56 10.97 11.90
CA GLY A 271 11.04 11.99 12.80
C GLY A 271 12.20 12.70 12.14
N PRO A 272 12.49 13.95 12.52
CA PRO A 272 13.58 14.76 11.96
C PRO A 272 14.98 14.21 12.18
N VAL A 273 15.87 14.46 11.22
CA VAL A 273 17.25 14.00 11.30
C VAL A 273 18.22 15.18 11.35
N GLY A 274 17.69 16.38 11.12
CA GLY A 274 18.51 17.58 11.12
C GLY A 274 19.32 17.78 12.39
N ALA A 275 18.66 17.69 13.54
CA ALA A 275 19.35 17.87 14.81
C ALA A 275 20.32 16.70 15.03
N TRP A 276 19.84 15.48 14.79
CA TRP A 276 20.70 14.32 14.99
C TRP A 276 21.98 14.39 14.15
N PHE A 277 21.85 14.77 12.89
CA PHE A 277 23.00 14.87 12.00
C PHE A 277 23.88 16.08 12.28
N LEU A 278 23.27 17.26 12.25
CA LEU A 278 24.00 18.51 12.44
C LEU A 278 24.39 18.90 13.86
N PHE A 279 23.48 18.68 14.81
CA PHE A 279 23.71 19.04 16.21
C PHE A 279 24.37 17.94 17.05
N PHE A 280 23.78 16.74 17.04
CA PHE A 280 24.31 15.64 17.82
C PHE A 280 25.44 14.87 17.15
N LYS A 281 25.69 15.18 15.88
CA LYS A 281 26.78 14.56 15.13
C LYS A 281 26.57 13.06 14.98
N CYS A 282 25.32 12.67 14.72
CA CYS A 282 24.99 11.26 14.56
C CYS A 282 25.49 10.72 13.22
N LYS A 283 25.90 9.46 13.19
CA LYS A 283 26.34 8.85 11.94
C LYS A 283 25.25 7.91 11.46
N ALA A 284 25.15 7.78 10.14
CA ALA A 284 24.18 6.87 9.53
C ALA A 284 25.03 5.76 8.92
N LYS A 285 24.75 4.50 9.28
CA LYS A 285 25.53 3.37 8.78
C LYS A 285 24.58 2.31 8.23
N ASN A 286 25.06 1.53 7.26
CA ASN A 286 24.20 0.49 6.72
C ASN A 286 24.17 -0.68 7.69
N ALA A 287 23.48 -1.74 7.31
CA ALA A 287 23.33 -2.92 8.16
C ALA A 287 24.66 -3.53 8.63
N TYR A 288 25.73 -3.27 7.89
CA TYR A 288 27.02 -3.83 8.24
C TYR A 288 27.96 -2.90 8.98
N GLY A 289 27.44 -1.74 9.38
CA GLY A 289 28.24 -0.79 10.13
C GLY A 289 29.07 0.18 9.30
N GLU A 290 28.83 0.22 7.99
CA GLU A 290 29.59 1.13 7.13
C GLU A 290 28.93 2.49 7.05
N GLU A 291 29.72 3.54 7.24
CA GLU A 291 29.19 4.90 7.14
C GLU A 291 29.28 5.22 5.65
N TYR A 292 28.17 4.97 4.95
CA TYR A 292 28.14 5.15 3.50
C TYR A 292 28.45 6.52 2.93
N ILE A 293 28.46 7.58 3.73
CA ILE A 293 28.82 8.87 3.16
C ILE A 293 30.32 8.82 2.90
N LYS A 294 30.97 7.79 3.41
CA LYS A 294 32.40 7.60 3.22
C LYS A 294 32.63 6.65 2.05
N THR A 295 32.05 5.46 2.18
CA THR A 295 32.18 4.43 1.17
C THR A 295 31.62 4.84 -0.19
N ARG A 296 30.63 5.73 -0.19
CA ARG A 296 30.01 6.19 -1.43
C ARG A 296 30.47 7.58 -1.87
N ALA A 297 31.50 8.10 -1.22
CA ALA A 297 32.00 9.44 -1.56
C ALA A 297 32.50 9.50 -3.00
N ALA A 298 33.27 8.49 -3.41
CA ALA A 298 33.84 8.45 -4.76
C ALA A 298 32.80 8.50 -5.86
N GLU A 299 31.64 7.89 -5.63
CA GLU A 299 30.58 7.85 -6.63
C GLU A 299 30.02 9.24 -6.95
N LEU A 300 30.36 10.23 -6.13
CA LEU A 300 29.89 11.59 -6.36
C LEU A 300 30.89 12.37 -7.20
N GLU A 301 32.03 11.75 -7.48
CA GLU A 301 33.07 12.39 -8.27
C GLU A 301 32.58 12.73 -9.68
N LYS A 302 31.68 11.92 -10.23
CA LYS A 302 31.16 12.17 -11.58
C LYS A 302 30.28 13.41 -11.64
N TYR A 303 29.88 13.93 -10.47
CA TYR A 303 29.03 15.11 -10.40
C TYR A 303 29.77 16.40 -10.11
N LYS A 304 30.96 16.55 -10.70
CA LYS A 304 31.76 17.75 -10.50
C LYS A 304 31.01 18.93 -11.13
N PRO A 305 31.01 20.09 -10.46
CA PRO A 305 31.66 20.39 -9.20
C PRO A 305 30.68 20.27 -8.04
N TYR A 306 29.44 19.90 -8.36
CA TYR A 306 28.41 19.76 -7.35
C TYR A 306 28.78 18.72 -6.29
N GLY A 307 29.28 17.57 -6.76
CA GLY A 307 29.66 16.50 -5.85
C GLY A 307 30.81 16.84 -4.93
N ALA A 308 31.60 17.83 -5.32
CA ALA A 308 32.74 18.25 -4.52
C ALA A 308 32.38 19.46 -3.67
N ALA A 309 31.10 19.78 -3.61
CA ALA A 309 30.62 20.92 -2.84
C ALA A 309 30.43 20.61 -1.36
N GLN A 310 30.47 21.65 -0.54
CA GLN A 310 30.30 21.49 0.90
C GLN A 310 29.32 22.54 1.43
N PRO A 311 28.21 22.11 2.03
CA PRO A 311 27.82 20.71 2.25
C PRO A 311 27.48 20.01 0.93
N ILE A 312 27.52 18.69 0.93
CA ILE A 312 27.20 17.92 -0.25
C ILE A 312 25.71 18.13 -0.52
N PRO A 313 25.32 18.34 -1.79
CA PRO A 313 23.92 18.55 -2.13
C PRO A 313 23.06 17.39 -1.59
N THR A 314 21.92 17.73 -1.02
CA THR A 314 21.01 16.73 -0.47
C THR A 314 20.63 15.62 -1.45
N PRO A 315 20.33 15.96 -2.71
CA PRO A 315 19.97 14.89 -3.64
C PRO A 315 21.10 13.87 -3.79
N LEU A 316 22.35 14.34 -3.70
CA LEU A 316 23.48 13.43 -3.82
C LEU A 316 23.63 12.60 -2.55
N ARG A 317 23.23 13.16 -1.41
CA ARG A 317 23.28 12.41 -0.16
C ARG A 317 22.26 11.28 -0.30
N ASN A 318 21.10 11.60 -0.85
CA ASN A 318 20.04 10.61 -1.08
C ASN A 318 20.56 9.54 -2.03
N HIS A 319 21.27 9.97 -3.07
CA HIS A 319 21.79 9.03 -4.05
C HIS A 319 22.65 7.98 -3.36
N GLN A 320 23.47 8.40 -2.41
CA GLN A 320 24.34 7.46 -1.70
C GLN A 320 23.46 6.47 -0.95
N VAL A 321 22.37 6.96 -0.36
CA VAL A 321 21.44 6.11 0.36
C VAL A 321 20.80 5.10 -0.60
N MET A 322 20.37 5.59 -1.76
CA MET A 322 19.73 4.74 -2.75
C MET A 322 20.66 3.63 -3.24
N LEU A 323 21.94 3.94 -3.38
CA LEU A 323 22.91 2.94 -3.81
C LEU A 323 22.99 1.83 -2.77
N GLU A 324 22.93 2.20 -1.50
CA GLU A 324 22.97 1.22 -0.42
C GLU A 324 21.71 0.36 -0.46
N ILE A 325 20.57 1.00 -0.69
CA ILE A 325 19.31 0.28 -0.76
C ILE A 325 19.28 -0.71 -1.92
N MET A 326 19.76 -0.29 -3.07
CA MET A 326 19.79 -1.14 -4.27
C MET A 326 20.72 -2.33 -4.08
N ASP A 327 21.80 -2.13 -3.33
CA ASP A 327 22.76 -3.20 -3.08
C ASP A 327 22.25 -4.14 -2.00
N GLY A 328 21.16 -3.76 -1.35
CA GLY A 328 20.59 -4.59 -0.31
C GLY A 328 21.32 -4.49 1.01
N ASN A 329 21.76 -3.29 1.38
CA ASN A 329 22.48 -3.12 2.63
C ASN A 329 21.64 -2.54 3.76
N GLN A 330 20.32 -2.71 3.66
CA GLN A 330 19.43 -2.23 4.71
C GLN A 330 19.42 -3.28 5.83
N PRO A 331 19.00 -2.90 7.04
CA PRO A 331 18.55 -1.56 7.42
C PRO A 331 19.65 -0.51 7.50
N ILE A 332 19.26 0.74 7.31
CA ILE A 332 20.18 1.87 7.44
C ILE A 332 19.87 2.39 8.83
N TYR A 333 20.89 2.60 9.64
CA TYR A 333 20.69 3.07 11.01
C TYR A 333 21.24 4.43 11.37
N MET A 334 20.52 5.13 12.23
CA MET A 334 20.96 6.42 12.76
C MET A 334 21.50 5.96 14.10
N HIS A 335 22.81 6.01 14.31
CA HIS A 335 23.38 5.56 15.57
C HIS A 335 23.36 6.58 16.70
N THR A 336 22.15 6.82 17.19
CA THR A 336 21.88 7.75 18.26
C THR A 336 22.59 7.35 19.56
N GLU A 337 22.71 6.05 19.78
CA GLU A 337 23.34 5.53 20.98
C GLU A 337 24.82 5.89 21.04
N GLU A 338 25.48 5.81 19.89
CA GLU A 338 26.90 6.15 19.82
C GLU A 338 27.10 7.66 19.86
N ALA A 339 26.11 8.39 19.35
CA ALA A 339 26.19 9.85 19.33
C ALA A 339 26.04 10.42 20.74
N LEU A 340 25.05 9.92 21.47
CA LEU A 340 24.80 10.39 22.83
C LEU A 340 25.97 10.05 23.75
N ALA A 341 26.49 8.83 23.62
CA ALA A 341 27.62 8.41 24.44
C ALA A 341 28.83 9.30 24.19
N GLU A 342 29.11 9.55 22.91
CA GLU A 342 30.24 10.40 22.50
C GLU A 342 30.12 11.81 23.05
N LEU A 343 28.93 12.39 22.88
CA LEU A 343 28.68 13.76 23.32
C LEU A 343 28.73 13.94 24.84
N ALA A 344 28.17 12.97 25.57
CA ALA A 344 28.16 13.06 27.03
C ALA A 344 29.54 12.88 27.65
N GLY A 345 30.41 12.13 26.97
CA GLY A 345 31.75 11.92 27.49
C GLY A 345 31.82 11.39 28.91
N GLY A 346 30.95 10.44 29.25
CA GLY A 346 30.96 9.86 30.57
C GLY A 346 30.26 10.69 31.65
N ASP A 347 29.92 11.93 31.32
CA ASP A 347 29.25 12.82 32.27
C ASP A 347 27.75 12.50 32.29
N LYS A 348 27.30 11.85 33.36
CA LYS A 348 25.89 11.47 33.50
C LYS A 348 24.91 12.64 33.45
N LYS A 349 25.27 13.76 34.06
CA LYS A 349 24.38 14.92 34.04
C LYS A 349 24.33 15.50 32.64
N LYS A 350 25.45 15.45 31.92
CA LYS A 350 25.51 15.96 30.57
C LYS A 350 24.63 15.08 29.68
N LEU A 351 24.68 13.77 29.94
CA LEU A 351 23.88 12.82 29.18
C LEU A 351 22.40 13.12 29.36
N LYS A 352 22.00 13.33 30.61
CA LYS A 352 20.59 13.61 30.90
C LYS A 352 20.11 14.84 30.15
N HIS A 353 20.96 15.86 30.09
CA HIS A 353 20.65 17.11 29.41
C HIS A 353 20.51 16.97 27.90
N ILE A 354 21.45 16.26 27.27
CA ILE A 354 21.36 16.09 25.82
C ILE A 354 20.25 15.10 25.49
N TYR A 355 19.93 14.24 26.45
CA TYR A 355 18.86 13.25 26.27
C TYR A 355 17.53 13.99 26.22
N GLU A 356 17.39 15.02 27.05
CA GLU A 356 16.16 15.83 27.08
C GLU A 356 16.08 16.63 25.79
N GLU A 357 17.24 17.10 25.32
CA GLU A 357 17.30 17.86 24.08
C GLU A 357 16.87 16.98 22.90
N ALA A 358 17.32 15.73 22.93
CA ALA A 358 17.01 14.77 21.87
C ALA A 358 15.50 14.52 21.80
N PHE A 359 14.87 14.30 22.94
CA PHE A 359 13.45 14.07 22.94
C PHE A 359 12.67 15.33 22.59
N GLU A 360 13.17 16.50 22.99
CA GLU A 360 12.45 17.72 22.64
C GLU A 360 12.45 17.88 21.13
N ASP A 361 13.56 17.52 20.49
CA ASP A 361 13.65 17.64 19.05
C ASP A 361 12.49 16.90 18.38
N PHE A 362 12.01 15.84 19.01
CA PHE A 362 10.89 15.07 18.49
C PHE A 362 9.54 15.59 18.99
N LEU A 363 9.43 15.79 20.30
CA LEU A 363 8.18 16.25 20.91
C LEU A 363 7.72 17.64 20.47
N ASP A 364 8.64 18.43 19.93
CA ASP A 364 8.32 19.77 19.45
C ASP A 364 7.97 19.78 17.95
N MET A 365 7.98 18.63 17.28
CA MET A 365 7.71 18.65 15.86
C MET A 365 7.12 17.41 15.21
N THR A 366 7.43 16.23 15.71
CA THR A 366 6.89 14.99 15.13
C THR A 366 6.76 14.00 16.26
N VAL A 367 5.70 14.17 17.05
CA VAL A 367 5.45 13.33 18.20
C VAL A 367 5.39 11.85 17.83
N SER A 368 4.90 11.56 16.64
CA SER A 368 4.79 10.17 16.18
C SER A 368 6.09 9.40 16.32
N GLN A 369 7.23 10.09 16.13
CA GLN A 369 8.49 9.38 16.24
C GLN A 369 8.81 9.00 17.68
N ALA A 370 8.42 9.86 18.62
CA ALA A 370 8.65 9.56 20.04
C ALA A 370 7.70 8.44 20.41
N LEU A 371 6.50 8.49 19.85
CA LEU A 371 5.48 7.48 20.10
C LEU A 371 5.93 6.14 19.50
N LEU A 372 6.58 6.21 18.35
CA LEU A 372 7.07 5.01 17.70
C LEU A 372 8.10 4.34 18.59
N TRP A 373 9.02 5.15 19.12
CA TRP A 373 10.05 4.63 20.02
C TRP A 373 9.43 3.98 21.26
N ALA A 374 8.40 4.64 21.80
CA ALA A 374 7.72 4.13 22.99
C ALA A 374 7.03 2.79 22.71
N CYS A 375 6.34 2.70 21.59
CA CYS A 375 5.64 1.48 21.21
C CYS A 375 6.58 0.33 20.89
N GLN A 376 7.75 0.66 20.35
CA GLN A 376 8.73 -0.36 19.97
C GLN A 376 9.86 -0.55 20.99
N ASN A 377 9.70 0.10 22.14
CA ASN A 377 10.70 0.01 23.21
C ASN A 377 12.11 0.37 22.76
N ILE A 378 12.21 1.45 21.99
CA ILE A 378 13.50 1.91 21.51
C ILE A 378 13.98 3.08 22.38
N ASP A 379 15.09 2.87 23.08
CA ASP A 379 15.70 3.90 23.92
C ASP A 379 16.92 4.34 23.13
N PRO A 380 16.91 5.58 22.60
CA PRO A 380 18.02 6.11 21.81
C PRO A 380 19.42 6.03 22.40
N GLN A 381 19.51 5.95 23.73
CA GLN A 381 20.83 5.86 24.36
C GLN A 381 21.35 4.43 24.36
N GLU A 382 20.47 3.48 24.06
CA GLU A 382 20.85 2.07 24.05
C GLU A 382 20.91 1.42 22.67
N GLN A 383 19.94 1.72 21.82
CA GLN A 383 19.93 1.14 20.49
C GLN A 383 19.67 2.16 19.39
N PRO A 384 20.21 1.90 18.19
CA PRO A 384 20.03 2.80 17.05
C PRO A 384 18.62 2.69 16.49
N SER A 385 18.27 3.60 15.59
CA SER A 385 16.96 3.60 14.95
C SER A 385 17.14 3.46 13.44
N GLU A 386 16.20 2.80 12.79
CA GLU A 386 16.27 2.64 11.34
C GLU A 386 15.81 3.93 10.68
N ALA A 387 16.35 4.23 9.51
CA ALA A 387 15.99 5.43 8.77
C ALA A 387 15.71 5.01 7.32
N ALA A 388 14.96 5.82 6.60
CA ALA A 388 14.65 5.51 5.22
C ALA A 388 14.05 6.69 4.49
N PRO A 389 14.12 6.70 3.16
CA PRO A 389 13.56 7.80 2.37
C PRO A 389 12.06 7.55 2.20
N ALA A 390 11.25 8.60 2.34
CA ALA A 390 9.80 8.46 2.19
C ALA A 390 9.42 8.60 0.72
N GLU A 391 8.11 8.60 0.44
CA GLU A 391 7.67 8.76 -0.94
C GLU A 391 7.88 10.24 -1.30
N PRO A 392 7.81 10.57 -2.60
CA PRO A 392 8.01 11.96 -3.05
C PRO A 392 6.90 12.93 -2.66
N TYR A 393 7.30 14.19 -2.44
CA TYR A 393 6.36 15.26 -2.12
C TYR A 393 6.69 16.44 -3.03
N ILE A 394 5.69 17.27 -3.33
CA ILE A 394 5.90 18.41 -4.20
C ILE A 394 5.66 19.72 -3.45
N MET A 395 6.72 20.51 -3.30
CA MET A 395 6.64 21.79 -2.61
C MET A 395 7.84 22.66 -2.99
N GLY A 396 7.73 23.97 -2.75
CA GLY A 396 8.83 24.85 -3.11
C GLY A 396 9.51 25.62 -1.98
N SER A 397 9.10 25.39 -0.73
CA SER A 397 9.69 26.12 0.40
C SER A 397 10.81 25.36 1.12
N HIS A 398 10.79 24.05 1.01
CA HIS A 398 11.75 23.18 1.69
C HIS A 398 12.95 22.85 0.79
N SER A 399 13.31 21.57 0.69
CA SER A 399 14.42 21.17 -0.16
C SER A 399 14.00 20.97 -1.61
N GLY A 400 12.69 21.10 -1.85
CA GLY A 400 12.17 20.97 -3.21
C GLY A 400 11.92 22.39 -3.71
N GLU A 401 11.99 22.61 -5.02
CA GLU A 401 11.77 23.96 -5.55
C GLU A 401 10.65 24.04 -6.59
N ALA A 402 9.69 23.13 -6.50
CA ALA A 402 8.56 23.12 -7.42
C ALA A 402 7.54 24.19 -7.02
N GLY A 403 7.03 24.92 -8.01
CA GLY A 403 6.05 25.95 -7.74
C GLY A 403 5.86 26.85 -8.95
N PHE A 404 5.24 28.01 -8.75
CA PHE A 404 5.02 28.92 -9.86
C PHE A 404 6.24 29.75 -10.17
N TRP A 405 6.36 30.11 -11.44
CA TRP A 405 7.44 30.95 -11.94
C TRP A 405 7.05 32.34 -11.49
N VAL A 406 7.82 32.94 -10.58
CA VAL A 406 7.49 34.26 -10.08
C VAL A 406 8.56 35.32 -10.33
N CYS A 407 8.10 36.56 -10.40
CA CYS A 407 8.95 37.72 -10.63
C CYS A 407 9.77 38.05 -9.39
N GLY A 408 10.97 38.57 -9.59
CA GLY A 408 11.83 38.94 -8.47
C GLY A 408 11.89 40.43 -8.24
N PRO A 409 12.74 40.90 -7.31
CA PRO A 409 12.87 42.34 -7.02
C PRO A 409 13.55 43.07 -8.17
N GLU A 410 13.15 44.31 -8.39
CA GLU A 410 13.71 45.09 -9.49
C GLU A 410 15.22 45.28 -9.40
N ASP A 411 15.77 45.27 -8.19
CA ASP A 411 17.20 45.48 -8.03
C ASP A 411 18.06 44.22 -8.17
N LEU A 412 17.44 43.05 -8.22
CA LEU A 412 18.20 41.81 -8.36
C LEU A 412 17.84 40.96 -9.58
N MET A 413 16.59 40.99 -10.00
CA MET A 413 16.17 40.18 -11.14
C MET A 413 16.77 40.64 -12.47
N PRO A 414 17.50 39.73 -13.13
CA PRO A 414 18.10 40.10 -14.42
C PRO A 414 17.07 40.06 -15.54
N GLU A 415 17.37 40.73 -16.65
CA GLU A 415 16.48 40.77 -17.80
C GLU A 415 16.09 39.37 -18.27
N GLU A 416 17.04 38.44 -18.18
CA GLU A 416 16.81 37.06 -18.60
C GLU A 416 15.61 36.39 -17.94
N TYR A 417 15.28 36.82 -16.72
CA TYR A 417 14.18 36.24 -15.96
C TYR A 417 12.89 37.05 -15.94
N ALA A 418 12.89 38.23 -16.56
CA ALA A 418 11.71 39.09 -16.55
C ALA A 418 10.80 38.99 -17.76
N LYS A 419 11.29 38.35 -18.82
CA LYS A 419 10.55 38.22 -20.07
C LYS A 419 9.11 37.71 -20.06
N LEU A 420 8.78 36.80 -19.15
CA LEU A 420 7.44 36.23 -19.12
C LEU A 420 6.41 36.93 -18.23
N PHE A 421 6.81 38.01 -17.57
CA PHE A 421 5.88 38.72 -16.70
C PHE A 421 5.30 40.00 -17.29
N PRO A 422 3.97 40.05 -17.45
CA PRO A 422 3.27 41.22 -18.00
C PRO A 422 3.50 42.43 -17.10
N LEU A 423 3.56 42.16 -15.80
CA LEU A 423 3.77 43.21 -14.81
C LEU A 423 4.91 42.75 -13.91
N LYS A 424 5.87 43.64 -13.67
CA LYS A 424 7.01 43.29 -12.83
C LYS A 424 6.80 43.63 -11.36
N TYR A 425 6.20 42.72 -10.61
CA TYR A 425 6.00 42.92 -9.18
C TYR A 425 6.53 41.68 -8.46
N ASN A 426 7.28 41.91 -7.38
CA ASN A 426 7.91 40.85 -6.61
C ASN A 426 6.94 39.75 -6.18
N ARG A 427 7.24 38.53 -6.62
CA ARG A 427 6.47 37.32 -6.34
C ARG A 427 5.16 37.19 -7.11
N MET A 428 4.98 38.01 -8.13
CA MET A 428 3.75 37.91 -8.93
C MET A 428 4.01 36.83 -9.98
N THR A 429 2.98 36.07 -10.30
CA THR A 429 3.08 35.02 -11.30
C THR A 429 2.94 35.65 -12.69
N THR A 430 2.81 34.82 -13.72
CA THR A 430 2.64 35.34 -15.08
C THR A 430 1.22 35.85 -15.28
N VAL A 431 0.36 35.60 -14.30
CA VAL A 431 -1.03 36.07 -14.34
C VAL A 431 -1.07 37.36 -13.52
N LYS A 432 -1.54 38.43 -14.15
CA LYS A 432 -1.60 39.72 -13.47
C LYS A 432 -2.45 39.74 -12.21
N GLY A 433 -1.87 40.25 -11.12
CA GLY A 433 -2.57 40.33 -9.87
C GLY A 433 -2.51 39.08 -9.01
N LEU A 434 -1.97 38.00 -9.57
CA LEU A 434 -1.86 36.74 -8.86
C LEU A 434 -0.43 36.50 -8.39
N PHE A 435 -0.25 36.38 -7.08
CA PHE A 435 1.06 36.15 -6.48
C PHE A 435 1.16 34.73 -5.93
N ALA A 436 2.37 34.26 -5.70
CA ALA A 436 2.58 32.92 -5.15
C ALA A 436 3.69 33.01 -4.10
N ILE A 437 3.46 32.39 -2.95
CA ILE A 437 4.44 32.42 -1.86
C ILE A 437 4.61 31.08 -1.15
N GLY A 438 5.69 30.96 -0.39
CA GLY A 438 5.96 29.73 0.33
C GLY A 438 6.13 28.56 -0.63
N ASP A 439 5.42 27.46 -0.36
CA ASP A 439 5.49 26.28 -1.20
C ASP A 439 5.02 26.58 -2.62
N CYS A 440 4.12 27.56 -2.76
CA CYS A 440 3.58 27.89 -4.07
C CYS A 440 4.55 28.62 -5.01
N ALA A 441 5.62 29.18 -4.46
CA ALA A 441 6.60 29.89 -5.29
C ALA A 441 7.76 28.96 -5.61
N GLY A 442 8.02 28.74 -6.90
CA GLY A 442 9.10 27.85 -7.28
C GLY A 442 10.44 28.51 -7.54
N ALA A 443 11.45 27.67 -7.78
CA ALA A 443 12.81 28.11 -8.08
C ALA A 443 13.57 28.85 -6.99
N ASN A 444 13.01 28.94 -5.79
CA ASN A 444 13.72 29.56 -4.69
C ASN A 444 13.35 28.86 -3.39
N PRO A 445 13.95 27.68 -3.16
CA PRO A 445 13.77 26.79 -2.02
C PRO A 445 14.61 27.19 -0.81
N HIS A 446 14.64 26.30 0.17
CA HIS A 446 15.38 26.50 1.41
C HIS A 446 14.87 27.68 2.19
N LYS A 447 13.59 27.97 1.99
CA LYS A 447 12.95 29.06 2.69
C LYS A 447 12.54 28.58 4.08
N PHE A 448 11.91 27.41 4.12
CA PHE A 448 11.44 26.80 5.36
C PHE A 448 10.49 27.74 6.11
N SER A 449 10.36 27.57 7.42
CA SER A 449 9.43 28.41 8.18
C SER A 449 9.69 29.91 8.09
N SER A 450 10.88 30.34 8.49
CA SER A 450 11.23 31.76 8.46
C SER A 450 11.19 32.35 7.05
N GLY A 451 11.75 31.64 6.09
CA GLY A 451 11.76 32.12 4.72
C GLY A 451 10.39 32.18 4.07
N SER A 452 9.52 31.24 4.41
CA SER A 452 8.18 31.22 3.85
C SER A 452 7.37 32.41 4.37
N PHE A 453 7.50 32.68 5.67
CA PHE A 453 6.80 33.81 6.27
C PHE A 453 7.33 35.07 5.58
N THR A 454 8.66 35.12 5.45
CA THR A 454 9.33 36.25 4.81
C THR A 454 8.87 36.46 3.37
N GLU A 455 8.79 35.38 2.60
CA GLU A 455 8.34 35.51 1.21
C GLU A 455 6.93 36.07 1.17
N GLY A 456 6.12 35.69 2.15
CA GLY A 456 4.75 36.18 2.22
C GLY A 456 4.77 37.69 2.44
N ARG A 457 5.69 38.16 3.28
CA ARG A 457 5.81 39.59 3.56
C ARG A 457 6.17 40.32 2.28
N ILE A 458 7.14 39.78 1.56
CA ILE A 458 7.60 40.37 0.30
C ILE A 458 6.46 40.50 -0.71
N ALA A 459 5.69 39.44 -0.90
CA ALA A 459 4.60 39.46 -1.85
C ALA A 459 3.49 40.41 -1.41
N ALA A 460 3.25 40.47 -0.11
CA ALA A 460 2.21 41.33 0.44
C ALA A 460 2.49 42.80 0.15
N LYS A 461 3.75 43.21 0.33
CA LYS A 461 4.07 44.60 0.06
C LYS A 461 3.95 44.83 -1.44
N ALA A 462 4.42 43.87 -2.23
CA ALA A 462 4.35 43.99 -3.67
C ALA A 462 2.90 44.09 -4.13
N ALA A 463 2.00 43.38 -3.46
CA ALA A 463 0.59 43.40 -3.81
C ALA A 463 -0.04 44.77 -3.56
N VAL A 464 0.32 45.39 -2.44
CA VAL A 464 -0.22 46.71 -2.13
C VAL A 464 0.30 47.70 -3.17
N ARG A 465 1.59 47.60 -3.47
CA ARG A 465 2.19 48.47 -4.46
C ARG A 465 1.50 48.29 -5.81
N PHE A 466 1.28 47.04 -6.19
CA PHE A 466 0.61 46.73 -7.45
C PHE A 466 -0.77 47.38 -7.50
N ILE A 467 -1.53 47.26 -6.42
CA ILE A 467 -2.86 47.82 -6.36
C ILE A 467 -2.85 49.35 -6.46
N LEU A 468 -1.96 49.99 -5.70
CA LEU A 468 -1.90 51.45 -5.71
C LEU A 468 -1.30 52.02 -7.00
N GLU A 469 -0.41 51.26 -7.64
CA GLU A 469 0.22 51.73 -8.87
C GLU A 469 -0.58 51.42 -10.13
N GLN A 470 -1.02 50.18 -10.28
CA GLN A 470 -1.78 49.78 -11.46
C GLN A 470 -3.27 50.09 -11.33
N LYS A 471 -3.74 50.17 -10.09
CA LYS A 471 -5.14 50.47 -9.81
C LYS A 471 -6.11 49.54 -10.56
N PRO A 472 -5.98 48.23 -10.34
CA PRO A 472 -6.87 47.29 -11.03
C PRO A 472 -8.29 47.33 -10.49
N ASN A 473 -9.24 46.90 -11.32
CA ASN A 473 -10.65 46.87 -10.95
C ASN A 473 -11.31 45.66 -11.63
N PRO A 474 -10.82 44.46 -11.32
CA PRO A 474 -11.32 43.20 -11.90
C PRO A 474 -12.82 43.00 -11.78
N GLU A 475 -13.41 42.41 -12.82
CA GLU A 475 -14.84 42.13 -12.83
C GLU A 475 -15.00 40.62 -12.96
N ILE A 476 -15.70 40.00 -12.01
CA ILE A 476 -15.91 38.56 -12.07
C ILE A 476 -17.03 38.24 -13.06
N ASP A 477 -16.94 37.07 -13.68
CA ASP A 477 -17.95 36.63 -14.64
C ASP A 477 -19.00 35.84 -13.89
N ASP A 478 -20.17 36.44 -13.70
CA ASP A 478 -21.25 35.79 -12.97
C ASP A 478 -21.65 34.44 -13.57
N ALA A 479 -21.52 34.32 -14.89
CA ALA A 479 -21.87 33.09 -15.57
C ALA A 479 -20.92 31.97 -15.17
N VAL A 480 -19.64 32.31 -15.03
CA VAL A 480 -18.63 31.33 -14.63
C VAL A 480 -18.81 30.98 -13.15
N VAL A 481 -19.16 31.99 -12.35
CA VAL A 481 -19.37 31.77 -10.92
C VAL A 481 -20.46 30.73 -10.71
N GLU A 482 -21.57 30.87 -11.45
CA GLU A 482 -22.67 29.92 -11.31
C GLU A 482 -22.26 28.53 -11.77
N GLU A 483 -21.46 28.45 -12.83
CA GLU A 483 -20.99 27.17 -13.34
C GLU A 483 -20.15 26.50 -12.27
N LEU A 484 -19.31 27.28 -11.61
CA LEU A 484 -18.44 26.79 -10.54
C LEU A 484 -19.23 26.37 -9.30
N LYS A 485 -20.35 27.05 -9.04
CA LYS A 485 -21.16 26.72 -7.87
C LYS A 485 -21.78 25.35 -8.10
N LYS A 486 -22.27 25.13 -9.32
CA LYS A 486 -22.86 23.84 -9.67
C LYS A 486 -21.78 22.77 -9.55
N LYS A 487 -20.60 23.05 -10.09
CA LYS A 487 -19.50 22.09 -10.01
C LYS A 487 -19.12 21.79 -8.56
N ALA A 488 -19.08 22.84 -7.74
CA ALA A 488 -18.72 22.69 -6.34
C ALA A 488 -19.47 21.59 -5.61
N TYR A 489 -20.80 21.56 -5.76
CA TYR A 489 -21.61 20.57 -5.08
C TYR A 489 -22.04 19.40 -5.96
N ALA A 490 -21.56 19.36 -7.19
CA ALA A 490 -21.91 18.28 -8.11
C ALA A 490 -21.72 16.88 -7.49
N PRO A 491 -20.61 16.66 -6.77
CA PRO A 491 -20.36 15.35 -6.16
C PRO A 491 -21.50 14.90 -5.25
N MET A 492 -22.08 15.82 -4.50
CA MET A 492 -23.19 15.49 -3.61
C MET A 492 -24.42 15.14 -4.43
N GLU A 493 -24.67 15.91 -5.48
CA GLU A 493 -25.84 15.65 -6.33
C GLU A 493 -25.68 14.33 -7.07
N ARG A 494 -24.45 13.99 -7.44
CA ARG A 494 -24.23 12.74 -8.14
C ARG A 494 -24.46 11.55 -7.21
N PHE A 495 -24.06 11.70 -5.95
CA PHE A 495 -24.25 10.65 -4.98
C PHE A 495 -25.75 10.37 -4.84
N MET A 496 -26.52 11.43 -4.65
CA MET A 496 -27.97 11.29 -4.51
C MET A 496 -28.63 10.69 -5.74
N GLN A 497 -28.11 11.04 -6.91
CA GLN A 497 -28.66 10.56 -8.16
C GLN A 497 -28.35 9.11 -8.52
N TYR A 498 -27.21 8.60 -8.07
CA TYR A 498 -26.82 7.23 -8.41
C TYR A 498 -26.66 6.24 -7.27
N LYS A 499 -26.78 6.68 -6.02
CA LYS A 499 -26.60 5.77 -4.91
C LYS A 499 -27.55 4.57 -4.91
N ASP A 500 -28.71 4.73 -5.56
CA ASP A 500 -29.69 3.64 -5.61
C ASP A 500 -29.32 2.50 -6.57
N LEU A 501 -28.18 2.63 -7.25
CA LEU A 501 -27.73 1.59 -8.17
C LEU A 501 -27.07 0.43 -7.43
N SER A 502 -26.74 0.64 -6.17
CA SER A 502 -26.08 -0.38 -5.36
C SER A 502 -26.51 -0.33 -3.90
N THR A 503 -26.50 -1.48 -3.24
CA THR A 503 -26.90 -1.55 -1.83
C THR A 503 -25.75 -1.06 -0.94
N ALA A 504 -24.59 -0.82 -1.56
CA ALA A 504 -23.42 -0.34 -0.84
C ALA A 504 -23.04 1.03 -1.38
N ASP A 505 -22.96 2.03 -0.50
CA ASP A 505 -22.62 3.38 -0.91
C ASP A 505 -21.26 3.52 -1.57
N ASP A 506 -20.28 2.73 -1.13
CA ASP A 506 -18.94 2.84 -1.70
C ASP A 506 -18.59 1.89 -2.84
N VAL A 507 -19.55 1.13 -3.32
CA VAL A 507 -19.29 0.26 -4.46
C VAL A 507 -20.38 0.57 -5.46
N ASN A 508 -20.10 1.56 -6.30
CA ASN A 508 -21.04 2.03 -7.31
C ASN A 508 -20.36 2.13 -8.65
N PRO A 509 -21.06 1.74 -9.73
CA PRO A 509 -20.49 1.79 -11.08
C PRO A 509 -20.54 3.16 -11.74
N GLU A 510 -21.31 4.08 -11.17
CA GLU A 510 -21.43 5.42 -11.76
C GLU A 510 -20.68 6.53 -11.03
N TYR A 511 -19.88 6.18 -10.03
CA TYR A 511 -19.09 7.19 -9.34
C TYR A 511 -17.99 6.61 -8.47
N ILE A 512 -17.02 7.47 -8.14
CA ILE A 512 -15.92 7.10 -7.27
C ILE A 512 -15.94 8.09 -6.13
N LEU A 513 -15.61 7.63 -4.94
CA LEU A 513 -15.55 8.50 -3.78
C LEU A 513 -14.14 9.04 -3.74
N PRO A 514 -13.92 10.17 -3.04
CA PRO A 514 -12.58 10.76 -2.96
C PRO A 514 -11.47 9.80 -2.58
N TRP A 515 -11.68 8.97 -1.57
CA TRP A 515 -10.63 8.05 -1.16
C TRP A 515 -10.32 7.00 -2.24
N GLN A 516 -11.32 6.66 -3.04
CA GLN A 516 -11.14 5.67 -4.10
C GLN A 516 -10.34 6.28 -5.23
N GLY A 517 -10.63 7.54 -5.55
CA GLY A 517 -9.89 8.21 -6.62
C GLY A 517 -8.46 8.47 -6.16
N LEU A 518 -8.28 8.73 -4.88
CA LEU A 518 -6.95 8.99 -4.32
C LEU A 518 -6.06 7.75 -4.33
N VAL A 519 -6.64 6.60 -3.98
CA VAL A 519 -5.89 5.34 -3.98
C VAL A 519 -5.37 5.10 -5.40
N ARG A 520 -6.23 5.39 -6.37
CA ARG A 520 -5.90 5.21 -7.78
C ARG A 520 -4.78 6.16 -8.21
N LEU A 521 -4.88 7.42 -7.80
CA LEU A 521 -3.85 8.39 -8.15
C LEU A 521 -2.50 7.94 -7.57
N GLN A 522 -2.50 7.58 -6.30
CA GLN A 522 -1.29 7.14 -5.62
C GLN A 522 -0.62 5.94 -6.28
N LYS A 523 -1.43 4.99 -6.76
CA LYS A 523 -0.91 3.81 -7.42
C LYS A 523 -0.27 4.19 -8.75
N ILE A 524 -0.94 5.06 -9.52
CA ILE A 524 -0.41 5.49 -10.81
C ILE A 524 0.93 6.19 -10.64
N MET A 525 0.98 7.16 -9.74
CA MET A 525 2.20 7.92 -9.51
C MET A 525 3.32 7.04 -8.94
N ASP A 526 2.96 6.18 -8.02
CA ASP A 526 3.93 5.29 -7.40
C ASP A 526 4.59 4.36 -8.43
N GLU A 527 3.77 3.78 -9.29
CA GLU A 527 4.27 2.84 -10.28
C GLU A 527 4.88 3.41 -11.56
N TYR A 528 4.46 4.61 -11.95
CA TYR A 528 4.98 5.20 -13.19
C TYR A 528 5.72 6.52 -13.08
N ALA A 529 5.55 7.24 -11.98
CA ALA A 529 6.20 8.55 -11.85
C ALA A 529 7.35 8.59 -10.86
N ALA A 530 8.18 7.55 -10.86
CA ALA A 530 9.33 7.48 -9.97
C ALA A 530 8.95 7.51 -8.48
N GLY A 531 8.04 6.61 -8.09
CA GLY A 531 7.62 6.52 -6.71
C GLY A 531 8.49 5.50 -6.01
N ILE A 532 8.12 5.11 -4.79
CA ILE A 532 8.91 4.14 -4.05
C ILE A 532 8.90 2.77 -4.73
N ALA A 533 7.82 2.46 -5.45
CA ALA A 533 7.69 1.17 -6.13
C ALA A 533 8.86 0.82 -7.04
N THR A 534 9.50 1.82 -7.64
CA THR A 534 10.62 1.58 -8.55
C THR A 534 11.90 2.23 -8.04
N ILE A 535 11.97 2.45 -6.73
CA ILE A 535 13.12 3.08 -6.12
C ILE A 535 13.42 4.39 -6.85
N TYR A 536 12.35 5.15 -7.09
CA TYR A 536 12.43 6.46 -7.73
C TYR A 536 12.97 6.53 -9.17
N LYS A 537 12.80 5.46 -9.94
CA LYS A 537 13.23 5.41 -11.33
C LYS A 537 12.03 5.52 -12.27
N THR A 538 12.24 6.14 -13.42
CA THR A 538 11.18 6.25 -14.39
C THR A 538 11.86 6.48 -15.74
N ASN A 539 11.08 6.52 -16.80
CA ASN A 539 11.59 6.74 -18.14
C ASN A 539 10.46 7.26 -19.01
N GLU A 540 10.74 7.56 -20.27
CA GLU A 540 9.72 8.09 -21.18
C GLU A 540 8.44 7.24 -21.27
N LYS A 541 8.59 5.93 -21.51
CA LYS A 541 7.45 5.02 -21.62
C LYS A 541 6.57 5.01 -20.37
N MET A 542 7.20 4.94 -19.20
CA MET A 542 6.46 4.91 -17.94
C MET A 542 5.71 6.22 -17.72
N LEU A 543 6.38 7.34 -17.98
CA LEU A 543 5.75 8.64 -17.81
C LEU A 543 4.60 8.81 -18.80
N GLN A 544 4.79 8.33 -20.02
CA GLN A 544 3.74 8.44 -21.04
C GLN A 544 2.52 7.61 -20.62
N ARG A 545 2.77 6.45 -20.01
CA ARG A 545 1.67 5.60 -19.57
C ARG A 545 0.96 6.31 -18.41
N ALA A 546 1.74 6.98 -17.56
CA ALA A 546 1.17 7.70 -16.44
C ALA A 546 0.15 8.72 -16.96
N LEU A 547 0.52 9.44 -18.02
CA LEU A 547 -0.39 10.44 -18.59
C LEU A 547 -1.68 9.79 -19.08
N GLU A 548 -1.56 8.61 -19.67
CA GLU A 548 -2.75 7.90 -20.16
C GLU A 548 -3.67 7.50 -19.00
N LEU A 549 -3.07 7.01 -17.91
CA LEU A 549 -3.86 6.60 -16.75
C LEU A 549 -4.43 7.82 -16.03
N LEU A 550 -3.67 8.92 -16.00
CA LEU A 550 -4.15 10.13 -15.36
C LEU A 550 -5.29 10.71 -16.18
N ALA A 551 -5.27 10.46 -17.48
CA ALA A 551 -6.31 10.95 -18.37
C ALA A 551 -7.62 10.26 -18.01
N PHE A 552 -7.56 8.94 -17.80
CA PHE A 552 -8.75 8.17 -17.42
C PHE A 552 -9.26 8.71 -16.08
N LEU A 553 -8.36 8.89 -15.13
CA LEU A 553 -8.72 9.38 -13.81
C LEU A 553 -9.35 10.76 -13.86
N LYS A 554 -8.76 11.66 -14.66
CA LYS A 554 -9.28 13.02 -14.79
C LYS A 554 -10.72 12.97 -15.31
N GLU A 555 -10.98 12.11 -16.29
CA GLU A 555 -12.31 11.98 -16.85
C GLU A 555 -13.27 11.48 -15.76
N ASP A 556 -12.78 10.55 -14.94
CA ASP A 556 -13.59 9.99 -13.87
C ASP A 556 -13.86 10.98 -12.74
N LEU A 557 -13.09 12.06 -12.67
CA LEU A 557 -13.32 13.06 -11.63
C LEU A 557 -14.67 13.71 -11.89
N GLU A 558 -15.11 13.65 -13.14
CA GLU A 558 -16.41 14.21 -13.50
C GLU A 558 -17.53 13.37 -12.92
N LYS A 559 -17.17 12.22 -12.36
CA LYS A 559 -18.14 11.32 -11.75
C LYS A 559 -17.81 11.11 -10.27
N LEU A 560 -17.23 12.13 -9.65
CA LEU A 560 -16.88 12.07 -8.24
C LEU A 560 -18.16 12.22 -7.42
N ALA A 561 -18.22 11.57 -6.27
CA ALA A 561 -19.37 11.65 -5.39
C ALA A 561 -18.88 12.04 -4.00
N ALA A 562 -19.76 12.63 -3.20
CA ALA A 562 -19.43 13.05 -1.84
C ALA A 562 -20.67 12.89 -0.98
N ARG A 563 -20.49 12.39 0.24
CA ARG A 563 -21.60 12.15 1.15
C ARG A 563 -21.83 13.20 2.23
N ASP A 564 -20.83 14.04 2.48
CA ASP A 564 -20.95 15.14 3.43
C ASP A 564 -19.97 16.25 3.07
N LEU A 565 -20.02 17.36 3.80
CA LEU A 565 -19.13 18.47 3.51
C LEU A 565 -17.66 18.09 3.64
N HIS A 566 -17.35 17.27 4.63
CA HIS A 566 -15.97 16.83 4.85
C HIS A 566 -15.46 16.13 3.59
N GLU A 567 -16.26 15.19 3.08
CA GLU A 567 -15.89 14.44 1.89
C GLU A 567 -15.93 15.30 0.63
N LEU A 568 -16.70 16.38 0.64
CA LEU A 568 -16.76 17.26 -0.53
C LEU A 568 -15.42 17.97 -0.62
N MET A 569 -14.87 18.33 0.53
CA MET A 569 -13.56 18.97 0.55
C MET A 569 -12.55 17.95 0.05
N ARG A 570 -12.67 16.72 0.54
CA ARG A 570 -11.78 15.64 0.13
C ARG A 570 -11.85 15.44 -1.39
N ALA A 571 -13.04 15.58 -1.96
CA ALA A 571 -13.21 15.43 -3.40
C ALA A 571 -12.40 16.49 -4.15
N TRP A 572 -12.51 17.74 -3.72
CA TRP A 572 -11.76 18.80 -4.39
C TRP A 572 -10.27 18.71 -4.12
N GLU A 573 -9.89 18.24 -2.94
CA GLU A 573 -8.47 18.08 -2.63
C GLU A 573 -7.92 17.03 -3.60
N LEU A 574 -8.73 16.04 -3.94
CA LEU A 574 -8.32 15.00 -4.90
C LEU A 574 -8.14 15.65 -6.26
N VAL A 575 -9.13 16.44 -6.68
CA VAL A 575 -9.06 17.12 -7.96
C VAL A 575 -7.78 17.93 -8.04
N HIS A 576 -7.48 18.67 -6.98
CA HIS A 576 -6.27 19.48 -6.95
C HIS A 576 -5.01 18.62 -7.11
N ARG A 577 -4.98 17.49 -6.42
CA ARG A 577 -3.83 16.59 -6.50
C ARG A 577 -3.63 15.97 -7.88
N VAL A 578 -4.72 15.62 -8.55
CA VAL A 578 -4.61 15.01 -9.87
C VAL A 578 -3.96 15.93 -10.89
N TRP A 579 -4.36 17.19 -10.91
CA TRP A 579 -3.76 18.12 -11.86
C TRP A 579 -2.30 18.40 -11.48
N THR A 580 -2.03 18.44 -10.18
CA THR A 580 -0.67 18.66 -9.71
C THR A 580 0.19 17.50 -10.19
N ALA A 581 -0.36 16.29 -10.10
CA ALA A 581 0.35 15.09 -10.54
C ALA A 581 0.63 15.14 -12.04
N GLU A 582 -0.35 15.56 -12.82
CA GLU A 582 -0.17 15.63 -14.26
C GLU A 582 0.95 16.59 -14.62
N ALA A 583 0.95 17.76 -13.95
CA ALA A 583 1.98 18.75 -14.20
C ALA A 583 3.35 18.19 -13.87
N HIS A 584 3.43 17.48 -12.75
CA HIS A 584 4.68 16.88 -12.31
C HIS A 584 5.19 15.87 -13.34
N VAL A 585 4.29 15.03 -13.83
CA VAL A 585 4.65 14.03 -14.83
C VAL A 585 5.13 14.67 -16.12
N ARG A 586 4.37 15.66 -16.61
CA ARG A 586 4.75 16.33 -17.85
C ARG A 586 6.10 17.00 -17.73
N HIS A 587 6.38 17.61 -16.57
CA HIS A 587 7.67 18.25 -16.35
C HIS A 587 8.78 17.21 -16.34
N MET A 588 8.57 16.09 -15.63
CA MET A 588 9.60 15.06 -15.60
C MET A 588 9.84 14.49 -16.98
N LEU A 589 8.79 14.42 -17.79
CA LEU A 589 8.90 13.89 -19.14
C LEU A 589 9.68 14.84 -20.04
N PHE A 590 9.48 16.14 -19.84
CA PHE A 590 10.15 17.15 -20.64
C PHE A 590 11.66 17.23 -20.46
N ARG A 591 12.14 17.24 -19.22
CA ARG A 591 13.57 17.36 -18.95
C ARG A 591 14.31 16.04 -19.25
N LYS A 592 15.00 16.00 -20.40
CA LYS A 592 15.73 14.81 -20.79
C LYS A 592 17.11 14.67 -20.17
N GLU A 593 17.14 14.49 -18.84
CA GLU A 593 18.37 14.33 -18.04
C GLU A 593 18.03 13.90 -16.61
N THR A 594 19.07 13.56 -15.84
CA THR A 594 18.93 13.17 -14.44
C THR A 594 19.86 14.09 -13.67
N ARG A 595 19.33 15.23 -13.25
CA ARG A 595 20.10 16.23 -12.53
C ARG A 595 20.08 16.05 -11.02
N TRP A 596 19.03 15.41 -10.51
CA TRP A 596 18.91 15.20 -9.08
C TRP A 596 18.78 13.73 -8.72
N PRO A 597 19.83 12.93 -9.00
CA PRO A 597 19.72 11.52 -8.64
C PRO A 597 19.55 11.53 -7.13
N GLY A 598 18.70 10.65 -6.61
CA GLY A 598 18.46 10.64 -5.19
C GLY A 598 17.03 11.11 -4.97
N TYR A 599 16.54 11.92 -5.91
CA TYR A 599 15.17 12.42 -5.88
C TYR A 599 14.41 11.65 -6.95
N TYR A 600 15.05 11.44 -8.10
CA TYR A 600 14.48 10.65 -9.18
C TYR A 600 15.51 10.37 -10.26
N TYR A 601 15.34 9.25 -10.96
CA TYR A 601 16.25 8.85 -12.01
C TYR A 601 15.51 8.62 -13.33
N ARG A 602 15.98 9.24 -14.40
CA ARG A 602 15.40 8.99 -15.73
C ARG A 602 16.39 7.95 -16.24
N THR A 603 16.02 6.68 -16.17
CA THR A 603 16.92 5.63 -16.62
C THR A 603 17.26 5.73 -18.10
N ASP A 604 16.44 6.44 -18.86
CA ASP A 604 16.71 6.61 -20.29
C ASP A 604 17.64 7.81 -20.57
N TYR A 605 17.85 8.64 -19.55
CA TYR A 605 18.75 9.81 -19.64
C TYR A 605 19.36 9.92 -18.25
N PRO A 606 20.18 8.92 -17.87
CA PRO A 606 20.86 8.80 -16.57
C PRO A 606 21.88 9.84 -16.15
N GLU A 607 22.31 10.70 -17.08
CA GLU A 607 23.33 11.69 -16.73
C GLU A 607 22.82 13.11 -16.57
N LEU A 608 23.60 13.92 -15.85
CA LEU A 608 23.27 15.32 -15.64
C LEU A 608 23.85 16.02 -16.88
N ASN A 609 23.03 16.86 -17.52
CA ASN A 609 23.45 17.54 -18.75
C ASN A 609 23.49 19.06 -18.62
N ASP A 610 24.67 19.60 -18.30
CA ASP A 610 24.81 21.04 -18.17
C ASP A 610 25.01 21.73 -19.52
N GLU A 611 25.15 20.94 -20.58
CA GLU A 611 25.32 21.50 -21.91
C GLU A 611 23.98 21.89 -22.51
N GLU A 612 22.96 21.08 -22.26
CA GLU A 612 21.64 21.32 -22.82
C GLU A 612 20.51 21.52 -21.82
N TRP A 613 20.73 21.17 -20.56
CA TRP A 613 19.65 21.33 -19.59
C TRP A 613 19.91 22.19 -18.38
N LYS A 614 20.90 23.07 -18.45
CA LYS A 614 21.14 23.93 -17.29
C LYS A 614 20.17 25.09 -17.47
N CYS A 615 18.90 24.78 -17.30
CA CYS A 615 17.83 25.76 -17.47
C CYS A 615 16.65 25.40 -16.61
N PHE A 616 15.80 26.38 -16.36
CA PHE A 616 14.59 26.14 -15.59
C PHE A 616 13.58 25.70 -16.62
N VAL A 617 12.75 24.72 -16.26
CA VAL A 617 11.72 24.27 -17.18
C VAL A 617 10.43 24.93 -16.69
N CYS A 618 9.82 25.74 -17.55
CA CYS A 618 8.59 26.43 -17.20
C CYS A 618 7.49 25.99 -18.15
N SER A 619 6.26 25.87 -17.63
CA SER A 619 5.16 25.42 -18.46
C SER A 619 3.91 26.24 -18.22
N LYS A 620 2.99 26.20 -19.19
CA LYS A 620 1.74 26.92 -19.07
C LYS A 620 0.62 26.03 -19.56
N TYR A 621 -0.46 25.96 -18.80
CA TYR A 621 -1.60 25.17 -19.21
C TYR A 621 -2.67 26.12 -19.68
N ASP A 622 -3.15 25.89 -20.89
CA ASP A 622 -4.21 26.71 -21.46
C ASP A 622 -5.48 25.90 -21.35
N ALA A 623 -6.35 26.30 -20.42
CA ALA A 623 -7.60 25.61 -20.18
C ALA A 623 -8.53 25.56 -21.39
N GLU A 624 -8.64 26.67 -22.11
CA GLU A 624 -9.50 26.73 -23.28
C GLU A 624 -9.15 25.70 -24.35
N LYS A 625 -7.88 25.61 -24.68
CA LYS A 625 -7.40 24.67 -25.69
C LYS A 625 -7.01 23.33 -25.10
N ASP A 626 -6.86 23.27 -23.78
CA ASP A 626 -6.44 22.05 -23.10
C ASP A 626 -5.07 21.65 -23.62
N GLU A 627 -4.15 22.60 -23.65
CA GLU A 627 -2.80 22.33 -24.14
C GLU A 627 -1.73 22.80 -23.16
N TRP A 628 -0.65 22.03 -23.07
CA TRP A 628 0.48 22.37 -22.21
C TRP A 628 1.62 22.85 -23.10
N THR A 629 2.23 23.97 -22.74
CA THR A 629 3.34 24.50 -23.51
C THR A 629 4.54 24.60 -22.59
N PHE A 630 5.69 24.11 -23.06
CA PHE A 630 6.91 24.16 -22.25
C PHE A 630 7.95 25.08 -22.83
N GLU A 631 8.76 25.65 -21.96
CA GLU A 631 9.80 26.57 -22.37
C GLU A 631 11.03 26.37 -21.49
N LYS A 632 12.20 26.56 -22.07
CA LYS A 632 13.44 26.42 -21.33
C LYS A 632 14.04 27.80 -21.09
N VAL A 633 14.23 28.15 -19.82
CA VAL A 633 14.82 29.44 -19.44
C VAL A 633 16.20 29.17 -18.83
N PRO A 634 17.27 29.45 -19.61
CA PRO A 634 18.64 29.23 -19.15
C PRO A 634 18.96 29.91 -17.81
N TYR A 635 19.70 29.20 -16.97
CA TYR A 635 20.11 29.71 -15.67
C TYR A 635 21.25 30.69 -15.89
N VAL A 636 21.23 31.79 -15.14
CA VAL A 636 22.30 32.77 -15.20
C VAL A 636 22.69 33.04 -13.75
N GLN A 637 23.98 33.14 -13.48
CA GLN A 637 24.43 33.41 -12.12
C GLN A 637 24.20 34.89 -11.85
N VAL A 638 23.34 35.17 -10.87
CA VAL A 638 23.01 36.54 -10.49
C VAL A 638 23.90 37.09 -9.40
N ILE A 639 24.24 36.25 -8.42
CA ILE A 639 25.07 36.65 -7.29
C ILE A 639 26.50 36.17 -7.46
N GLU A 640 27.45 36.95 -6.95
CA GLU A 640 28.86 36.60 -7.04
C GLU A 640 29.27 35.52 -6.03
N TRP A 641 29.82 34.42 -6.53
CA TRP A 641 30.29 33.32 -5.70
C TRP A 641 31.07 32.34 -6.57
N SER A 642 31.80 31.41 -5.94
CA SER A 642 32.58 30.41 -6.68
C SER A 642 32.56 29.06 -5.97
N PHE A 643 32.66 27.98 -6.73
CA PHE A 643 32.65 26.64 -6.14
C PHE A 643 33.87 26.48 -5.22
N VAL B 2 -9.79 -3.26 5.13
CA VAL B 2 -10.55 -2.58 6.17
C VAL B 2 -11.95 -3.18 6.25
N TYR B 3 -12.46 -3.33 7.47
CA TYR B 3 -13.79 -3.91 7.66
C TYR B 3 -14.64 -3.08 8.61
N TYR B 4 -15.86 -2.76 8.19
CA TYR B 4 -16.80 -1.99 9.01
C TYR B 4 -18.12 -2.77 9.06
N PRO B 5 -18.31 -3.60 10.09
CA PRO B 5 -19.54 -4.40 10.22
C PRO B 5 -20.78 -3.52 10.37
N LYS B 6 -21.90 -3.98 9.81
CA LYS B 6 -23.17 -3.26 9.87
C LYS B 6 -23.65 -3.24 11.31
N LYS B 7 -23.49 -4.37 11.99
CA LYS B 7 -23.87 -4.47 13.39
C LYS B 7 -23.06 -5.55 14.09
N TYR B 8 -23.13 -5.57 15.42
CA TYR B 8 -22.38 -6.53 16.21
C TYR B 8 -23.03 -7.90 16.25
N GLU B 9 -22.20 -8.92 16.43
CA GLU B 9 -22.63 -10.31 16.53
C GLU B 9 -21.61 -10.83 17.54
N LEU B 10 -21.85 -10.56 18.81
CA LEU B 10 -20.93 -10.95 19.87
C LEU B 10 -21.40 -12.09 20.76
N TYR B 11 -20.46 -12.95 21.11
CA TYR B 11 -20.75 -14.11 21.95
C TYR B 11 -19.59 -14.37 22.89
N LYS B 12 -19.91 -14.87 24.09
CA LYS B 12 -18.88 -15.22 25.06
C LYS B 12 -18.73 -16.73 24.94
N ALA B 13 -17.50 -17.21 25.09
CA ALA B 13 -17.23 -18.64 24.99
C ALA B 13 -18.21 -19.48 25.81
N ASP B 14 -18.41 -19.10 27.07
CA ASP B 14 -19.29 -19.82 27.97
C ASP B 14 -20.77 -19.90 27.56
N GLU B 15 -21.18 -19.08 26.61
CA GLU B 15 -22.57 -19.09 26.17
C GLU B 15 -22.74 -19.75 24.80
N VAL B 16 -21.64 -20.20 24.22
CA VAL B 16 -21.70 -20.85 22.92
C VAL B 16 -21.76 -22.36 23.08
N PRO B 17 -22.75 -23.00 22.45
CA PRO B 17 -22.89 -24.46 22.56
C PRO B 17 -21.82 -25.18 21.76
N THR B 18 -21.36 -26.30 22.30
CA THR B 18 -20.35 -27.10 21.62
C THR B 18 -21.02 -28.28 20.92
N GLU B 19 -20.60 -28.57 19.70
CA GLU B 19 -21.15 -29.72 18.99
C GLU B 19 -19.98 -30.66 18.76
N VAL B 20 -20.07 -31.86 19.33
CA VAL B 20 -19.01 -32.84 19.17
C VAL B 20 -19.31 -33.77 18.01
N VAL B 21 -18.34 -33.90 17.11
CA VAL B 21 -18.49 -34.77 15.96
C VAL B 21 -17.41 -35.83 16.03
N GLU B 22 -17.83 -37.09 16.01
CA GLU B 22 -16.89 -38.20 16.05
C GLU B 22 -16.77 -38.77 14.65
N THR B 23 -15.55 -39.01 14.20
CA THR B 23 -15.35 -39.55 12.87
C THR B 23 -14.03 -40.31 12.84
N ASP B 24 -13.76 -41.00 11.75
CA ASP B 24 -12.52 -41.74 11.64
C ASP B 24 -11.50 -40.88 10.89
N ILE B 25 -11.90 -40.36 9.74
CA ILE B 25 -11.03 -39.53 8.93
C ILE B 25 -11.63 -38.12 8.81
N LEU B 26 -10.86 -37.12 9.22
CA LEU B 26 -11.28 -35.74 9.14
C LEU B 26 -10.43 -35.02 8.08
N ILE B 27 -11.10 -34.44 7.10
CA ILE B 27 -10.41 -33.72 6.04
C ILE B 27 -10.72 -32.24 6.25
N ILE B 28 -9.68 -31.44 6.47
CA ILE B 28 -9.85 -30.03 6.71
C ILE B 28 -9.59 -29.24 5.43
N GLY B 29 -10.67 -28.77 4.82
CA GLY B 29 -10.57 -28.01 3.58
C GLY B 29 -11.24 -28.76 2.45
N GLY B 30 -12.28 -28.16 1.86
CA GLY B 30 -12.99 -28.79 0.77
C GLY B 30 -12.63 -28.24 -0.60
N GLY B 31 -11.34 -28.04 -0.84
CA GLY B 31 -10.89 -27.53 -2.11
C GLY B 31 -10.58 -28.68 -3.06
N PHE B 32 -9.63 -28.49 -3.96
CA PHE B 32 -9.33 -29.57 -4.89
C PHE B 32 -8.67 -30.79 -4.24
N SER B 33 -7.70 -30.58 -3.36
CA SER B 33 -7.06 -31.71 -2.71
C SER B 33 -8.03 -32.36 -1.70
N GLY B 34 -8.75 -31.52 -0.97
CA GLY B 34 -9.72 -32.04 0.00
C GLY B 34 -10.82 -32.87 -0.64
N CYS B 35 -11.32 -32.40 -1.78
CA CYS B 35 -12.37 -33.15 -2.46
C CYS B 35 -11.81 -34.47 -2.97
N GLY B 36 -10.54 -34.45 -3.38
CA GLY B 36 -9.90 -35.67 -3.86
C GLY B 36 -9.81 -36.68 -2.73
N ALA B 37 -9.50 -36.20 -1.53
CA ALA B 37 -9.39 -37.06 -0.36
C ALA B 37 -10.74 -37.63 0.02
N ALA B 38 -11.78 -36.78 0.01
CA ALA B 38 -13.12 -37.21 0.37
C ALA B 38 -13.60 -38.28 -0.61
N TYR B 39 -13.36 -38.04 -1.89
CA TYR B 39 -13.74 -38.97 -2.94
C TYR B 39 -13.10 -40.34 -2.76
N GLU B 40 -11.78 -40.37 -2.61
CA GLU B 40 -11.06 -41.64 -2.46
C GLU B 40 -11.28 -42.31 -1.12
N ALA B 41 -11.37 -41.52 -0.06
CA ALA B 41 -11.58 -42.07 1.28
C ALA B 41 -12.91 -42.83 1.32
N ALA B 42 -13.92 -42.28 0.66
CA ALA B 42 -15.25 -42.88 0.64
C ALA B 42 -15.23 -44.27 0.02
N TYR B 43 -14.32 -44.47 -0.93
CA TYR B 43 -14.19 -45.76 -1.61
C TYR B 43 -13.61 -46.82 -0.67
N TRP B 44 -12.44 -46.55 -0.10
CA TRP B 44 -11.78 -47.52 0.78
C TRP B 44 -12.39 -47.64 2.18
N ALA B 45 -13.02 -46.58 2.66
CA ALA B 45 -13.62 -46.58 3.99
C ALA B 45 -14.56 -47.76 4.23
N LYS B 46 -15.19 -48.23 3.16
CA LYS B 46 -16.12 -49.33 3.26
C LYS B 46 -15.49 -50.60 3.86
N LEU B 47 -14.19 -50.76 3.67
CA LEU B 47 -13.49 -51.93 4.19
C LEU B 47 -13.58 -52.05 5.71
N GLY B 48 -13.73 -50.93 6.39
CA GLY B 48 -13.84 -50.96 7.84
C GLY B 48 -15.04 -50.21 8.36
N GLY B 49 -15.96 -49.89 7.46
CA GLY B 49 -17.16 -49.15 7.84
C GLY B 49 -16.75 -47.84 8.47
N LEU B 50 -15.66 -47.28 7.97
CA LEU B 50 -15.14 -46.03 8.51
C LEU B 50 -15.97 -44.81 8.11
N LYS B 51 -15.97 -43.83 9.00
CA LYS B 51 -16.71 -42.59 8.76
C LYS B 51 -15.71 -41.57 8.24
N VAL B 52 -16.12 -40.84 7.20
CA VAL B 52 -15.28 -39.80 6.61
C VAL B 52 -16.02 -38.48 6.76
N THR B 53 -15.32 -37.46 7.23
CA THR B 53 -15.93 -36.15 7.43
C THR B 53 -15.12 -35.06 6.74
N LEU B 54 -15.80 -34.20 6.01
CA LEU B 54 -15.17 -33.09 5.30
C LEU B 54 -15.67 -31.78 5.90
N VAL B 55 -14.75 -30.93 6.35
CA VAL B 55 -15.12 -29.65 6.92
C VAL B 55 -14.54 -28.55 6.04
N GLU B 56 -15.38 -27.61 5.66
CA GLU B 56 -15.00 -26.50 4.79
C GLU B 56 -15.49 -25.18 5.40
N LYS B 57 -14.64 -24.16 5.37
CA LYS B 57 -15.04 -22.88 5.94
C LYS B 57 -16.07 -22.13 5.09
N ALA B 58 -16.06 -22.36 3.79
CA ALA B 58 -17.02 -21.72 2.90
C ALA B 58 -17.98 -22.79 2.36
N ALA B 59 -18.24 -22.77 1.06
CA ALA B 59 -19.12 -23.75 0.44
C ALA B 59 -18.34 -24.49 -0.63
N VAL B 60 -18.26 -25.82 -0.50
CA VAL B 60 -17.52 -26.67 -1.42
C VAL B 60 -17.80 -26.42 -2.90
N GLU B 61 -19.03 -26.07 -3.25
CA GLU B 61 -19.38 -25.82 -4.65
C GLU B 61 -18.43 -24.87 -5.37
N ARG B 62 -17.95 -23.85 -4.66
CA ARG B 62 -17.05 -22.86 -5.27
C ARG B 62 -15.83 -22.48 -4.42
N SER B 63 -15.61 -23.17 -3.31
CA SER B 63 -14.52 -22.80 -2.42
C SER B 63 -13.10 -23.04 -2.95
N GLY B 64 -12.17 -22.19 -2.50
CA GLY B 64 -10.79 -22.33 -2.90
C GLY B 64 -10.34 -21.66 -4.18
N ALA B 65 -9.13 -22.00 -4.60
CA ALA B 65 -8.50 -21.46 -5.79
C ALA B 65 -9.24 -21.60 -7.11
N VAL B 66 -10.10 -22.62 -7.23
CA VAL B 66 -10.83 -22.85 -8.48
C VAL B 66 -12.23 -22.25 -8.49
N ALA B 67 -12.46 -21.26 -7.62
CA ALA B 67 -13.76 -20.60 -7.54
C ALA B 67 -14.28 -20.09 -8.89
N GLN B 68 -13.41 -19.45 -9.67
CA GLN B 68 -13.84 -18.91 -10.97
C GLN B 68 -13.77 -19.97 -12.06
N GLY B 69 -13.10 -21.07 -11.75
CA GLY B 69 -12.91 -22.13 -12.71
C GLY B 69 -11.46 -22.02 -13.13
N LEU B 70 -11.02 -22.84 -14.08
CA LEU B 70 -9.65 -22.78 -14.57
C LEU B 70 -9.69 -22.97 -16.08
N SER B 71 -8.70 -22.42 -16.78
CA SER B 71 -8.68 -22.53 -18.23
C SER B 71 -7.91 -23.72 -18.77
N ALA B 72 -7.19 -24.40 -17.87
CA ALA B 72 -6.42 -25.58 -18.26
C ALA B 72 -6.17 -26.48 -17.06
N ILE B 73 -5.78 -27.71 -17.35
CA ILE B 73 -5.41 -28.65 -16.30
C ILE B 73 -3.90 -28.66 -16.53
N ASN B 74 -3.15 -28.17 -15.56
CA ASN B 74 -1.70 -28.05 -15.70
C ASN B 74 -0.87 -29.31 -15.61
N THR B 75 -1.48 -30.40 -15.20
CA THR B 75 -0.74 -31.65 -15.11
C THR B 75 -1.48 -32.84 -15.69
N TYR B 76 -1.03 -33.24 -16.87
CA TYR B 76 -1.58 -34.40 -17.57
C TYR B 76 -0.37 -34.95 -18.33
N ILE B 77 0.11 -36.11 -17.90
CA ILE B 77 1.28 -36.73 -18.52
C ILE B 77 0.98 -37.26 -19.91
N ASP B 78 -0.09 -38.05 -20.01
CA ASP B 78 -0.54 -38.69 -21.25
C ASP B 78 0.39 -39.84 -21.64
N LEU B 79 0.13 -41.00 -21.04
CA LEU B 79 0.95 -42.17 -21.30
C LEU B 79 0.42 -43.02 -22.45
N THR B 80 -0.71 -42.64 -23.03
CA THR B 80 -1.28 -43.44 -24.12
C THR B 80 -1.62 -42.70 -25.40
N GLY B 81 -1.50 -41.37 -25.38
CA GLY B 81 -1.79 -40.60 -26.57
C GLY B 81 -3.18 -40.02 -26.72
N ARG B 82 -3.82 -39.67 -25.60
CA ARG B 82 -5.15 -39.08 -25.67
C ARG B 82 -5.06 -37.59 -25.97
N SER B 83 -3.85 -37.03 -25.85
CA SER B 83 -3.63 -35.62 -26.12
C SER B 83 -2.74 -35.46 -27.33
N GLU B 84 -2.47 -34.21 -27.68
CA GLU B 84 -1.62 -33.89 -28.81
C GLU B 84 -0.16 -34.26 -28.56
N ARG B 85 0.19 -34.46 -27.29
CA ARG B 85 1.57 -34.81 -26.95
C ARG B 85 1.68 -35.77 -25.77
N GLN B 86 2.26 -36.94 -26.03
CA GLN B 86 2.48 -37.93 -24.98
C GLN B 86 3.79 -37.61 -24.30
N ASN B 87 3.91 -37.99 -23.02
CA ASN B 87 5.13 -37.76 -22.26
C ASN B 87 5.44 -38.99 -21.41
N THR B 88 6.62 -39.04 -20.82
CA THR B 88 7.01 -40.15 -19.96
C THR B 88 7.12 -39.62 -18.54
N LEU B 89 7.02 -40.50 -17.55
CA LEU B 89 7.11 -40.12 -16.15
C LEU B 89 8.51 -39.65 -15.76
N GLU B 90 9.53 -40.29 -16.33
CA GLU B 90 10.90 -39.91 -16.01
C GLU B 90 11.20 -38.49 -16.48
N ASP B 91 10.66 -38.15 -17.66
CA ASP B 91 10.85 -36.82 -18.21
C ASP B 91 10.15 -35.80 -17.31
N TYR B 92 8.98 -36.17 -16.79
CA TYR B 92 8.24 -35.28 -15.92
C TYR B 92 9.00 -35.02 -14.62
N VAL B 93 9.49 -36.07 -13.99
CA VAL B 93 10.23 -35.93 -12.73
C VAL B 93 11.45 -35.04 -12.94
N ARG B 94 12.19 -35.26 -14.03
CA ARG B 94 13.37 -34.45 -14.32
C ARG B 94 12.97 -33.00 -14.48
N TYR B 95 11.87 -32.78 -15.18
CA TYR B 95 11.33 -31.44 -15.43
C TYR B 95 11.04 -30.71 -14.13
N VAL B 96 10.37 -31.38 -13.19
CA VAL B 96 10.04 -30.74 -11.92
C VAL B 96 11.29 -30.46 -11.08
N THR B 97 12.20 -31.42 -11.02
CA THR B 97 13.42 -31.22 -10.24
C THR B 97 14.25 -30.05 -10.77
N LEU B 98 14.35 -29.94 -12.09
CA LEU B 98 15.13 -28.85 -12.68
C LEU B 98 14.45 -27.50 -12.44
N ASP B 99 13.12 -27.47 -12.48
CA ASP B 99 12.40 -26.23 -12.25
C ASP B 99 12.59 -25.78 -10.80
N MET B 100 12.76 -26.75 -9.91
CA MET B 100 12.98 -26.47 -8.48
C MET B 100 14.46 -26.16 -8.24
N MET B 101 15.20 -25.99 -9.32
CA MET B 101 16.64 -25.71 -9.25
C MET B 101 17.36 -26.84 -8.52
N GLY B 102 16.93 -28.07 -8.80
CA GLY B 102 17.57 -29.25 -8.23
C GLY B 102 17.01 -29.85 -6.95
N LEU B 103 16.04 -29.19 -6.33
CA LEU B 103 15.49 -29.69 -5.07
C LEU B 103 14.01 -30.06 -5.07
N ALA B 104 13.74 -31.35 -5.22
CA ALA B 104 12.37 -31.86 -5.20
C ALA B 104 12.37 -33.30 -4.70
N ARG B 105 11.34 -33.67 -3.93
CA ARG B 105 11.22 -35.04 -3.42
C ARG B 105 10.70 -35.87 -4.58
N GLU B 106 11.61 -36.44 -5.36
CA GLU B 106 11.23 -37.21 -6.53
C GLU B 106 10.34 -38.42 -6.27
N ASP B 107 10.43 -38.97 -5.06
CA ASP B 107 9.57 -40.11 -4.74
C ASP B 107 8.13 -39.62 -4.68
N LEU B 108 7.93 -38.40 -4.18
CA LEU B 108 6.60 -37.83 -4.08
C LEU B 108 6.09 -37.34 -5.44
N VAL B 109 6.97 -36.75 -6.23
CA VAL B 109 6.60 -36.25 -7.55
C VAL B 109 6.22 -37.39 -8.47
N ALA B 110 7.08 -38.40 -8.56
CA ALA B 110 6.80 -39.53 -9.43
C ALA B 110 5.52 -40.23 -8.97
N ASP B 111 5.28 -40.20 -7.66
CA ASP B 111 4.09 -40.85 -7.12
C ASP B 111 2.79 -40.21 -7.58
N TYR B 112 2.66 -38.89 -7.48
CA TYR B 112 1.41 -38.29 -7.92
C TYR B 112 1.31 -38.30 -9.44
N ALA B 113 2.46 -38.25 -10.11
CA ALA B 113 2.50 -38.25 -11.57
C ALA B 113 2.02 -39.57 -12.16
N ARG B 114 2.33 -40.69 -11.52
CA ARG B 114 1.89 -41.98 -12.06
C ARG B 114 0.39 -42.18 -11.86
N HIS B 115 -0.21 -41.35 -11.01
CA HIS B 115 -1.65 -41.44 -10.72
C HIS B 115 -2.52 -40.35 -11.34
N VAL B 116 -1.95 -39.18 -11.55
CA VAL B 116 -2.69 -38.03 -12.06
C VAL B 116 -3.57 -38.20 -13.32
N ASP B 117 -3.09 -38.93 -14.32
CA ASP B 117 -3.86 -39.11 -15.54
C ASP B 117 -5.22 -39.77 -15.30
N GLY B 118 -5.27 -40.69 -14.34
CA GLY B 118 -6.53 -41.35 -14.03
C GLY B 118 -7.52 -40.33 -13.50
N THR B 119 -7.02 -39.41 -12.68
CA THR B 119 -7.85 -38.35 -12.12
C THR B 119 -8.42 -37.48 -13.24
N VAL B 120 -7.57 -37.08 -14.18
CA VAL B 120 -8.01 -36.26 -15.30
C VAL B 120 -9.08 -36.98 -16.12
N HIS B 121 -8.88 -38.27 -16.37
CA HIS B 121 -9.84 -39.04 -17.14
C HIS B 121 -11.20 -39.09 -16.44
N LEU B 122 -11.16 -39.18 -15.11
CA LEU B 122 -12.39 -39.19 -14.33
C LEU B 122 -13.08 -37.85 -14.43
N PHE B 123 -12.29 -36.78 -14.40
CA PHE B 123 -12.82 -35.42 -14.52
C PHE B 123 -13.64 -35.27 -15.81
N GLU B 124 -13.09 -35.75 -16.92
CA GLU B 124 -13.81 -35.65 -18.18
C GLU B 124 -15.05 -36.52 -18.13
N LYS B 125 -14.90 -37.72 -17.62
CA LYS B 125 -16.04 -38.62 -17.54
C LYS B 125 -17.18 -37.97 -16.75
N TRP B 126 -16.82 -37.19 -15.73
CA TRP B 126 -17.80 -36.53 -14.88
C TRP B 126 -18.49 -35.32 -15.50
N GLY B 127 -18.05 -34.91 -16.69
CA GLY B 127 -18.69 -33.77 -17.33
C GLY B 127 -17.80 -32.59 -17.68
N LEU B 128 -16.55 -32.61 -17.24
CA LEU B 128 -15.65 -31.49 -17.55
C LEU B 128 -15.33 -31.51 -19.04
N PRO B 129 -15.65 -30.41 -19.76
CA PRO B 129 -15.38 -30.33 -21.19
C PRO B 129 -13.91 -29.98 -21.45
N ILE B 130 -13.22 -30.89 -22.14
CA ILE B 130 -11.82 -30.65 -22.46
C ILE B 130 -11.73 -30.24 -23.94
N TRP B 131 -10.88 -29.26 -24.25
CA TRP B 131 -10.69 -28.83 -25.63
C TRP B 131 -10.16 -30.02 -26.41
N LYS B 132 -10.67 -30.21 -27.62
CA LYS B 132 -10.24 -31.32 -28.47
C LYS B 132 -9.99 -30.89 -29.91
N THR B 133 -9.06 -31.56 -30.56
CA THR B 133 -8.73 -31.28 -31.94
C THR B 133 -9.79 -31.98 -32.79
N PRO B 134 -9.80 -31.72 -34.11
CA PRO B 134 -10.79 -32.37 -34.96
C PRO B 134 -10.66 -33.90 -34.85
N ASP B 135 -9.44 -34.36 -34.59
CA ASP B 135 -9.16 -35.78 -34.46
C ASP B 135 -9.56 -36.34 -33.10
N GLY B 136 -10.04 -35.47 -32.21
CA GLY B 136 -10.47 -35.90 -30.89
C GLY B 136 -9.42 -35.96 -29.79
N LYS B 137 -8.23 -35.43 -30.05
CA LYS B 137 -7.15 -35.43 -29.06
C LYS B 137 -7.27 -34.21 -28.14
N TYR B 138 -6.93 -34.38 -26.86
CA TYR B 138 -6.97 -33.27 -25.90
C TYR B 138 -6.02 -32.19 -26.42
N VAL B 139 -6.47 -30.94 -26.41
CA VAL B 139 -5.64 -29.83 -26.88
C VAL B 139 -4.59 -29.46 -25.84
N ARG B 140 -3.33 -29.51 -26.25
CA ARG B 140 -2.21 -29.16 -25.36
C ARG B 140 -2.01 -27.65 -25.28
N GLU B 141 -1.63 -27.16 -24.10
CA GLU B 141 -1.35 -25.74 -23.95
C GLU B 141 0.15 -25.71 -24.21
N GLY B 142 0.89 -26.31 -23.28
CA GLY B 142 2.32 -26.42 -23.39
C GLY B 142 2.61 -27.91 -23.47
N GLN B 143 3.66 -28.38 -22.80
CA GLN B 143 3.98 -29.80 -22.83
C GLN B 143 3.20 -30.64 -21.82
N TRP B 144 2.91 -30.06 -20.66
CA TRP B 144 2.24 -30.79 -19.59
C TRP B 144 0.79 -30.43 -19.30
N GLN B 145 0.28 -29.39 -19.94
CA GLN B 145 -1.07 -28.95 -19.69
C GLN B 145 -2.02 -29.15 -20.87
N ILE B 146 -3.31 -29.24 -20.58
CA ILE B 146 -4.33 -29.38 -21.62
C ILE B 146 -5.40 -28.32 -21.34
N MET B 147 -5.92 -27.71 -22.41
CA MET B 147 -6.93 -26.67 -22.28
C MET B 147 -8.29 -27.27 -21.94
N ILE B 148 -9.05 -26.59 -21.07
CA ILE B 148 -10.37 -27.07 -20.69
C ILE B 148 -11.38 -25.93 -20.66
N HIS B 149 -12.65 -26.27 -20.85
CA HIS B 149 -13.72 -25.28 -20.77
C HIS B 149 -14.09 -25.48 -19.30
N GLY B 150 -13.27 -24.93 -18.41
CA GLY B 150 -13.47 -25.14 -16.99
C GLY B 150 -14.15 -24.15 -16.07
N GLU B 151 -15.16 -23.43 -16.56
CA GLU B 151 -15.87 -22.49 -15.71
C GLU B 151 -16.47 -23.20 -14.50
N SER B 152 -16.98 -24.41 -14.72
CA SER B 152 -17.59 -25.19 -13.64
C SER B 152 -16.69 -26.28 -13.09
N TYR B 153 -15.39 -26.12 -13.28
CA TYR B 153 -14.41 -27.10 -12.82
C TYR B 153 -14.60 -27.47 -11.35
N LYS B 154 -14.73 -26.49 -10.47
CA LYS B 154 -14.90 -26.79 -9.06
C LYS B 154 -16.28 -27.40 -8.77
N PRO B 155 -17.37 -26.82 -9.31
CA PRO B 155 -18.70 -27.39 -9.05
C PRO B 155 -18.77 -28.88 -9.42
N ILE B 156 -18.13 -29.25 -10.51
CA ILE B 156 -18.13 -30.64 -10.97
C ILE B 156 -17.39 -31.51 -9.96
N ILE B 157 -16.21 -31.07 -9.53
CA ILE B 157 -15.42 -31.81 -8.57
C ILE B 157 -16.13 -31.87 -7.21
N ALA B 158 -16.83 -30.79 -6.86
CA ALA B 158 -17.56 -30.76 -5.60
C ALA B 158 -18.68 -31.79 -5.64
N GLU B 159 -19.34 -31.90 -6.78
CA GLU B 159 -20.43 -32.85 -6.94
C GLU B 159 -19.91 -34.27 -6.76
N ALA B 160 -18.76 -34.57 -7.36
CA ALA B 160 -18.17 -35.89 -7.25
C ALA B 160 -17.88 -36.22 -5.78
N ALA B 161 -17.27 -35.28 -5.07
CA ALA B 161 -16.93 -35.49 -3.67
C ALA B 161 -18.21 -35.68 -2.86
N LYS B 162 -19.24 -34.90 -3.17
CA LYS B 162 -20.49 -34.98 -2.43
C LYS B 162 -21.19 -36.32 -2.67
N MET B 163 -21.19 -36.78 -3.91
CA MET B 163 -21.83 -38.05 -4.23
C MET B 163 -21.07 -39.19 -3.54
N ALA B 164 -19.75 -39.02 -3.41
CA ALA B 164 -18.93 -40.04 -2.79
C ALA B 164 -19.07 -40.14 -1.27
N VAL B 165 -18.84 -39.02 -0.58
CA VAL B 165 -18.89 -39.02 0.88
C VAL B 165 -20.28 -38.84 1.49
N GLY B 166 -21.17 -38.16 0.79
CA GLY B 166 -22.51 -37.94 1.32
C GLY B 166 -22.61 -36.56 1.95
N GLU B 167 -23.66 -35.83 1.62
CA GLU B 167 -23.86 -34.49 2.15
C GLU B 167 -23.90 -34.40 3.67
N GLU B 168 -24.40 -35.44 4.32
CA GLU B 168 -24.48 -35.42 5.77
C GLU B 168 -23.09 -35.51 6.42
N ASN B 169 -22.08 -35.74 5.60
CA ASN B 169 -20.72 -35.83 6.12
C ASN B 169 -19.87 -34.63 5.72
N ILE B 170 -20.54 -33.61 5.20
CA ILE B 170 -19.87 -32.39 4.79
C ILE B 170 -20.34 -31.23 5.66
N TYR B 171 -19.41 -30.61 6.36
CA TYR B 171 -19.72 -29.47 7.22
C TYR B 171 -19.21 -28.19 6.56
N GLU B 172 -20.14 -27.32 6.17
CA GLU B 172 -19.76 -26.06 5.53
C GLU B 172 -19.91 -24.88 6.49
N ARG B 173 -19.21 -23.79 6.16
CA ARG B 173 -19.21 -22.57 6.96
C ARG B 173 -18.73 -22.84 8.39
N VAL B 174 -17.73 -23.72 8.50
CA VAL B 174 -17.14 -24.05 9.79
C VAL B 174 -15.63 -23.82 9.62
N PHE B 175 -15.09 -22.88 10.38
CA PHE B 175 -13.67 -22.56 10.29
C PHE B 175 -12.85 -23.32 11.31
N ILE B 176 -11.88 -24.11 10.84
CA ILE B 176 -11.02 -24.87 11.74
C ILE B 176 -9.82 -23.98 12.05
N PHE B 177 -9.54 -23.78 13.34
CA PHE B 177 -8.44 -22.91 13.74
C PHE B 177 -7.30 -23.57 14.49
N GLU B 178 -7.49 -24.80 14.95
CA GLU B 178 -6.43 -25.50 15.68
C GLU B 178 -6.67 -27.00 15.69
N LEU B 179 -5.59 -27.77 15.76
CA LEU B 179 -5.71 -29.21 15.82
C LEU B 179 -5.74 -29.63 17.28
N LEU B 180 -6.12 -30.88 17.52
CA LEU B 180 -6.15 -31.46 18.86
C LEU B 180 -5.20 -32.65 18.82
N LYS B 181 -4.46 -32.88 19.89
CA LYS B 181 -3.52 -33.98 19.92
C LYS B 181 -3.91 -35.01 20.97
N ASP B 182 -3.36 -36.21 20.80
CA ASP B 182 -3.61 -37.32 21.71
C ASP B 182 -3.11 -36.96 23.10
N LYS B 183 -3.80 -36.92 23.89
CA LYS B 183 -3.60 -36.66 25.31
C LYS B 183 -2.48 -37.54 25.87
N ASN B 184 -2.46 -38.72 25.41
CA ASN B 184 -1.42 -39.66 25.84
C ASN B 184 -0.27 -39.91 24.85
N ASP B 185 -0.13 -39.03 23.87
CA ASP B 185 0.95 -39.13 22.90
C ASP B 185 1.15 -37.75 22.30
N PRO B 186 2.20 -37.05 22.72
CA PRO B 186 2.55 -35.71 22.25
C PRO B 186 2.86 -35.59 20.76
N ASN B 187 2.91 -36.72 20.05
CA ASN B 187 3.18 -36.65 18.62
C ASN B 187 2.15 -37.41 17.79
N ALA B 188 0.90 -37.39 18.24
CA ALA B 188 -0.20 -38.04 17.53
C ALA B 188 -1.38 -37.09 17.52
N VAL B 189 -2.06 -36.99 16.38
CA VAL B 189 -3.21 -36.10 16.26
C VAL B 189 -4.46 -36.81 16.79
N ALA B 190 -5.43 -36.02 17.28
CA ALA B 190 -6.65 -36.59 17.83
C ALA B 190 -7.92 -35.92 17.30
N GLY B 191 -7.75 -34.88 16.51
CA GLY B 191 -8.89 -34.17 15.95
C GLY B 191 -8.62 -32.71 15.70
N ALA B 192 -9.65 -31.88 15.83
CA ALA B 192 -9.51 -30.46 15.60
C ALA B 192 -10.69 -29.68 16.15
N VAL B 193 -10.50 -28.38 16.30
CA VAL B 193 -11.57 -27.52 16.81
C VAL B 193 -11.84 -26.38 15.81
N GLY B 194 -13.09 -25.94 15.77
CA GLY B 194 -13.45 -24.87 14.87
C GLY B 194 -14.72 -24.20 15.34
N PHE B 195 -15.21 -23.25 14.57
CA PHE B 195 -16.43 -22.56 14.91
C PHE B 195 -17.19 -22.17 13.66
N SER B 196 -18.51 -22.09 13.80
CA SER B 196 -19.37 -21.72 12.68
C SER B 196 -19.25 -20.22 12.44
N VAL B 197 -19.42 -19.81 11.19
CA VAL B 197 -19.38 -18.40 10.86
C VAL B 197 -20.79 -17.96 10.46
N ARG B 198 -21.77 -18.81 10.79
CA ARG B 198 -23.16 -18.55 10.47
C ARG B 198 -24.04 -18.53 11.73
N GLU B 199 -23.53 -19.11 12.81
CA GLU B 199 -24.27 -19.18 14.07
C GLU B 199 -23.29 -19.40 15.22
N PRO B 200 -23.75 -19.22 16.46
CA PRO B 200 -22.85 -19.44 17.60
C PRO B 200 -22.76 -20.93 17.91
N LYS B 201 -21.74 -21.59 17.38
CA LYS B 201 -21.53 -23.00 17.62
C LYS B 201 -20.06 -23.37 17.53
N PHE B 202 -19.55 -23.98 18.59
CA PHE B 202 -18.16 -24.39 18.68
C PHE B 202 -18.07 -25.86 18.30
N TYR B 203 -17.15 -26.22 17.40
CA TYR B 203 -17.03 -27.60 16.98
C TYR B 203 -15.80 -28.33 17.49
N VAL B 204 -16.02 -29.55 17.96
CA VAL B 204 -14.94 -30.40 18.45
C VAL B 204 -15.02 -31.66 17.60
N PHE B 205 -14.02 -31.86 16.74
CA PHE B 205 -13.98 -33.05 15.89
C PHE B 205 -12.98 -34.04 16.46
N LYS B 206 -13.44 -35.24 16.78
CA LYS B 206 -12.58 -36.29 17.31
C LYS B 206 -12.34 -37.21 16.14
N ALA B 207 -11.08 -37.41 15.77
CA ALA B 207 -10.77 -38.28 14.64
C ALA B 207 -9.52 -39.10 14.85
N LYS B 208 -9.41 -40.19 14.10
CA LYS B 208 -8.26 -41.07 14.18
C LYS B 208 -7.17 -40.60 13.22
N ALA B 209 -7.59 -39.99 12.11
CA ALA B 209 -6.66 -39.45 11.13
C ALA B 209 -7.17 -38.09 10.66
N VAL B 210 -6.26 -37.14 10.52
CA VAL B 210 -6.62 -35.81 10.07
C VAL B 210 -5.81 -35.48 8.81
N ILE B 211 -6.49 -34.96 7.80
CA ILE B 211 -5.82 -34.61 6.55
C ILE B 211 -5.93 -33.10 6.32
N LEU B 212 -4.79 -32.42 6.31
CA LEU B 212 -4.75 -30.98 6.09
C LEU B 212 -4.85 -30.65 4.60
N ALA B 213 -5.92 -29.96 4.22
CA ALA B 213 -6.14 -29.60 2.81
C ALA B 213 -6.72 -28.19 2.72
N THR B 214 -6.10 -27.27 3.48
CA THR B 214 -6.56 -25.88 3.55
C THR B 214 -6.05 -24.93 2.47
N GLY B 215 -5.23 -25.43 1.55
CA GLY B 215 -4.70 -24.55 0.54
C GLY B 215 -3.50 -23.81 1.13
N GLY B 216 -2.87 -22.96 0.32
CA GLY B 216 -1.70 -22.24 0.79
C GLY B 216 -1.98 -20.98 1.61
N ALA B 217 -1.10 -20.00 1.48
CA ALA B 217 -1.24 -18.77 2.22
C ALA B 217 -1.02 -17.54 1.36
N THR B 218 -1.97 -16.61 1.44
CA THR B 218 -1.92 -15.36 0.70
C THR B 218 -2.11 -14.20 1.66
N LEU B 219 -1.85 -13.00 1.16
CA LEU B 219 -1.97 -11.77 1.95
C LEU B 219 -0.98 -11.68 3.13
N LEU B 220 0.10 -12.46 3.07
CA LEU B 220 1.14 -12.38 4.10
C LEU B 220 1.95 -11.13 3.74
N PHE B 221 2.11 -10.93 2.45
CA PHE B 221 2.86 -9.80 1.92
C PHE B 221 1.96 -8.71 1.36
N ARG B 222 2.38 -7.46 1.52
CA ARG B 222 1.61 -6.34 1.00
C ARG B 222 1.55 -6.49 -0.53
N PRO B 223 0.36 -6.34 -1.13
CA PRO B 223 0.19 -6.46 -2.59
C PRO B 223 0.58 -5.19 -3.33
N ARG B 224 0.57 -5.26 -4.66
CA ARG B 224 0.91 -4.10 -5.48
C ARG B 224 -0.24 -3.11 -5.53
N SER B 225 -1.38 -3.54 -5.02
CA SER B 225 -2.56 -2.68 -4.94
C SER B 225 -2.96 -2.78 -3.47
N THR B 226 -3.14 -1.64 -2.83
CA THR B 226 -3.45 -1.61 -1.41
C THR B 226 -4.83 -1.10 -0.99
N GLY B 227 -5.65 -0.71 -1.96
CA GLY B 227 -7.00 -0.24 -1.65
C GLY B 227 -7.97 -1.39 -1.78
N GLU B 228 -8.98 -1.25 -2.63
CA GLU B 228 -9.93 -2.34 -2.83
C GLU B 228 -9.19 -3.52 -3.45
N ALA B 229 -8.28 -3.21 -4.38
CA ALA B 229 -7.52 -4.23 -5.10
C ALA B 229 -6.55 -5.05 -4.25
N ALA B 230 -6.56 -4.82 -2.94
CA ALA B 230 -5.72 -5.62 -2.06
C ALA B 230 -6.37 -7.00 -2.13
N GLY B 231 -7.63 -7.02 -2.60
CA GLY B 231 -8.36 -8.26 -2.72
C GLY B 231 -8.01 -9.04 -3.97
N ARG B 232 -7.33 -8.39 -4.90
CA ARG B 232 -6.93 -9.05 -6.14
C ARG B 232 -5.57 -9.71 -6.00
N THR B 233 -5.50 -10.74 -5.16
CA THR B 233 -4.25 -11.47 -5.00
C THR B 233 -4.24 -12.44 -6.18
N TRP B 234 -3.08 -12.74 -6.74
CA TRP B 234 -3.07 -13.68 -7.85
C TRP B 234 -3.55 -15.02 -7.34
N TYR B 235 -2.95 -15.51 -6.26
CA TYR B 235 -3.37 -16.79 -5.71
C TYR B 235 -4.66 -16.62 -4.91
N ALA B 236 -5.26 -17.73 -4.51
CA ALA B 236 -6.52 -17.72 -3.77
C ALA B 236 -6.51 -16.90 -2.50
N ILE B 237 -7.24 -15.79 -2.51
CA ILE B 237 -7.30 -14.95 -1.33
C ILE B 237 -7.96 -15.71 -0.18
N PHE B 238 -8.70 -16.75 -0.52
CA PHE B 238 -9.41 -17.56 0.48
C PHE B 238 -8.49 -18.43 1.31
N ASP B 239 -7.28 -18.68 0.82
CA ASP B 239 -6.33 -19.52 1.55
C ASP B 239 -5.38 -18.65 2.37
N THR B 240 -5.41 -18.84 3.68
CA THR B 240 -4.60 -18.05 4.61
C THR B 240 -3.59 -18.81 5.47
N GLY B 241 -3.06 -19.91 4.95
CA GLY B 241 -2.08 -20.69 5.69
C GLY B 241 -2.61 -21.38 6.94
N SER B 242 -3.89 -21.74 6.96
CA SER B 242 -4.46 -22.41 8.12
C SER B 242 -3.78 -23.75 8.42
N GLY B 243 -3.63 -24.57 7.39
CA GLY B 243 -2.99 -25.87 7.56
C GLY B 243 -1.58 -25.73 8.09
N TYR B 244 -0.84 -24.76 7.54
CA TYR B 244 0.53 -24.51 7.95
C TYR B 244 0.55 -24.22 9.45
N TYR B 245 -0.31 -23.30 9.88
CA TYR B 245 -0.38 -22.95 11.30
C TYR B 245 -0.71 -24.12 12.21
N MET B 246 -1.85 -24.76 12.00
CA MET B 246 -2.26 -25.85 12.88
C MET B 246 -1.28 -27.01 12.88
N GLY B 247 -0.73 -27.33 11.72
CA GLY B 247 0.21 -28.42 11.66
C GLY B 247 1.53 -28.10 12.35
N LEU B 248 2.05 -26.91 12.13
CA LEU B 248 3.31 -26.54 12.77
C LEU B 248 3.15 -26.44 14.28
N LYS B 249 1.97 -26.01 14.75
CA LYS B 249 1.73 -25.91 16.18
C LYS B 249 1.72 -27.30 16.83
N ALA B 250 1.20 -28.26 16.07
CA ALA B 250 1.12 -29.65 16.53
C ALA B 250 2.50 -30.31 16.53
N GLY B 251 3.46 -29.68 15.87
CA GLY B 251 4.80 -30.23 15.84
C GLY B 251 5.14 -30.95 14.55
N ALA B 252 4.30 -30.80 13.53
CA ALA B 252 4.57 -31.44 12.24
C ALA B 252 5.65 -30.61 11.55
N MET B 253 6.66 -31.29 11.03
CA MET B 253 7.76 -30.59 10.38
C MET B 253 7.44 -30.01 9.02
N LEU B 254 7.94 -28.80 8.79
CA LEU B 254 7.76 -28.08 7.53
C LEU B 254 9.00 -28.28 6.69
N THR B 255 8.86 -28.15 5.37
CA THR B 255 10.00 -28.28 4.49
C THR B 255 9.96 -27.24 3.39
N GLN B 256 11.13 -26.77 2.97
CA GLN B 256 11.23 -25.79 1.90
C GLN B 256 10.29 -24.61 2.09
N PHE B 257 10.03 -24.24 3.33
CA PHE B 257 9.13 -23.14 3.58
C PHE B 257 9.67 -21.80 3.12
N GLU B 258 10.95 -21.77 2.74
CA GLU B 258 11.55 -20.54 2.24
C GLU B 258 11.19 -20.38 0.76
N HIS B 259 10.73 -21.46 0.15
CA HIS B 259 10.39 -21.46 -1.27
C HIS B 259 9.03 -20.87 -1.63
N ARG B 260 8.96 -19.54 -1.69
CA ARG B 260 7.71 -18.87 -2.06
C ARG B 260 7.62 -18.88 -3.58
N PHE B 261 6.47 -18.46 -4.10
CA PHE B 261 6.31 -18.37 -5.54
C PHE B 261 5.94 -16.94 -5.90
N ILE B 262 6.65 -16.39 -6.88
CA ILE B 262 6.39 -15.04 -7.36
C ILE B 262 5.80 -15.23 -8.77
N PRO B 263 4.49 -15.02 -8.93
CA PRO B 263 3.90 -15.20 -10.26
C PRO B 263 4.06 -14.00 -11.18
N PHE B 264 4.47 -14.26 -12.41
CA PHE B 264 4.60 -13.22 -13.42
C PHE B 264 3.27 -13.33 -14.19
N ARG B 265 2.46 -12.28 -14.13
CA ARG B 265 1.16 -12.32 -14.79
C ARG B 265 0.82 -10.97 -15.39
N PHE B 266 -0.37 -10.85 -15.98
CA PHE B 266 -0.78 -9.58 -16.52
C PHE B 266 -0.90 -8.64 -15.32
N LYS B 267 -0.34 -7.45 -15.43
CA LYS B 267 -0.34 -6.47 -14.36
C LYS B 267 -1.70 -6.08 -13.80
N ASP B 268 -1.75 -5.92 -12.48
CA ASP B 268 -2.94 -5.53 -11.75
C ASP B 268 -4.07 -6.56 -11.65
N GLY B 269 -4.52 -7.08 -12.78
CA GLY B 269 -5.58 -8.08 -12.74
C GLY B 269 -5.04 -9.47 -12.53
N TYR B 270 -3.77 -9.65 -12.90
CA TYR B 270 -3.08 -10.92 -12.77
C TYR B 270 -3.66 -12.07 -13.59
N GLY B 271 -4.16 -11.73 -14.78
CA GLY B 271 -4.70 -12.75 -15.66
C GLY B 271 -3.59 -13.72 -15.98
N PRO B 272 -3.92 -14.96 -16.38
CA PRO B 272 -2.95 -16.00 -16.71
C PRO B 272 -2.10 -15.71 -17.94
N VAL B 273 -0.89 -16.23 -17.94
CA VAL B 273 0.04 -16.06 -19.05
C VAL B 273 0.40 -17.42 -19.67
N GLY B 274 -0.02 -18.50 -19.01
CA GLY B 274 0.27 -19.84 -19.49
C GLY B 274 -0.17 -20.09 -20.92
N ALA B 275 -1.42 -19.73 -21.23
CA ALA B 275 -1.92 -19.92 -22.59
C ALA B 275 -1.23 -18.95 -23.55
N TRP B 276 -1.10 -17.69 -23.15
CA TRP B 276 -0.44 -16.72 -24.02
C TRP B 276 0.98 -17.12 -24.41
N PHE B 277 1.75 -17.59 -23.44
CA PHE B 277 3.12 -18.01 -23.68
C PHE B 277 3.23 -19.35 -24.43
N LEU B 278 2.60 -20.38 -23.88
CA LEU B 278 2.67 -21.72 -24.44
C LEU B 278 1.78 -22.03 -25.64
N PHE B 279 0.55 -21.54 -25.62
CA PHE B 279 -0.40 -21.80 -26.69
C PHE B 279 -0.38 -20.76 -27.82
N PHE B 280 -0.54 -19.48 -27.46
CA PHE B 280 -0.55 -18.42 -28.46
C PHE B 280 0.84 -17.97 -28.89
N LYS B 281 1.86 -18.49 -28.21
CA LYS B 281 3.23 -18.16 -28.56
C LYS B 281 3.49 -16.67 -28.41
N CYS B 282 2.98 -16.09 -27.34
CA CYS B 282 3.16 -14.67 -27.10
C CYS B 282 4.58 -14.36 -26.65
N LYS B 283 5.04 -13.18 -27.01
CA LYS B 283 6.37 -12.73 -26.62
C LYS B 283 6.27 -11.67 -25.53
N ALA B 284 7.24 -11.68 -24.62
CA ALA B 284 7.30 -10.71 -23.54
C ALA B 284 8.49 -9.81 -23.84
N LYS B 285 8.26 -8.50 -23.87
CA LYS B 285 9.32 -7.56 -24.19
C LYS B 285 9.34 -6.39 -23.22
N ASN B 286 10.51 -5.76 -23.05
CA ASN B 286 10.60 -4.60 -22.17
C ASN B 286 10.09 -3.37 -22.91
N ALA B 287 10.13 -2.21 -22.26
CA ALA B 287 9.63 -0.98 -22.87
C ALA B 287 10.31 -0.62 -24.19
N TYR B 288 11.46 -1.21 -24.46
CA TYR B 288 12.19 -0.90 -25.68
C TYR B 288 12.14 -2.00 -26.74
N GLY B 289 11.10 -2.84 -26.65
CA GLY B 289 10.94 -3.91 -27.62
C GLY B 289 11.94 -5.04 -27.54
N GLU B 290 12.68 -5.13 -26.45
CA GLU B 290 13.66 -6.19 -26.31
C GLU B 290 13.05 -7.43 -25.67
N GLU B 291 13.23 -8.58 -26.31
CA GLU B 291 12.72 -9.84 -25.79
C GLU B 291 13.78 -10.33 -24.81
N TYR B 292 13.61 -9.98 -23.54
CA TYR B 292 14.59 -10.32 -22.52
C TYR B 292 14.93 -11.78 -22.28
N ILE B 293 14.07 -12.71 -22.71
CA ILE B 293 14.42 -14.11 -22.52
C ILE B 293 15.66 -14.38 -23.37
N LYS B 294 15.88 -13.52 -24.37
CA LYS B 294 17.03 -13.67 -25.25
C LYS B 294 18.18 -12.75 -24.87
N THR B 295 17.86 -11.49 -24.61
CA THR B 295 18.88 -10.52 -24.25
C THR B 295 19.48 -10.78 -22.88
N ARG B 296 18.79 -11.55 -22.05
CA ARG B 296 19.27 -11.88 -20.70
C ARG B 296 19.68 -13.34 -20.60
N ALA B 297 19.87 -13.99 -21.73
CA ALA B 297 20.26 -15.39 -21.75
C ALA B 297 21.61 -15.64 -21.09
N ALA B 298 22.54 -14.72 -21.31
CA ALA B 298 23.88 -14.83 -20.76
C ALA B 298 23.89 -14.92 -19.24
N GLU B 299 23.02 -14.15 -18.58
CA GLU B 299 22.95 -14.15 -17.13
C GLU B 299 22.59 -15.50 -16.53
N LEU B 300 22.04 -16.39 -17.35
CA LEU B 300 21.65 -17.71 -16.85
C LEU B 300 22.74 -18.76 -16.96
N GLU B 301 23.79 -18.46 -17.72
CA GLU B 301 24.89 -19.41 -17.91
C GLU B 301 25.61 -19.83 -16.64
N LYS B 302 25.66 -18.94 -15.65
CA LYS B 302 26.34 -19.24 -14.39
C LYS B 302 25.66 -20.36 -13.62
N TYR B 303 24.37 -20.59 -13.89
CA TYR B 303 23.64 -21.65 -13.20
C TYR B 303 23.78 -22.95 -13.98
N LYS B 304 24.48 -23.90 -13.38
CA LYS B 304 24.74 -25.18 -14.03
C LYS B 304 24.18 -26.38 -13.25
N PRO B 305 23.38 -27.21 -13.93
CA PRO B 305 23.00 -27.08 -15.34
C PRO B 305 21.68 -26.35 -15.53
N TYR B 306 21.08 -25.92 -14.42
CA TYR B 306 19.77 -25.25 -14.46
C TYR B 306 19.57 -24.21 -15.55
N GLY B 307 20.58 -23.37 -15.78
CA GLY B 307 20.45 -22.33 -16.79
C GLY B 307 20.37 -22.78 -18.24
N ALA B 308 20.72 -24.04 -18.49
CA ALA B 308 20.69 -24.58 -19.85
C ALA B 308 19.51 -25.52 -20.05
N ALA B 309 18.68 -25.66 -19.03
CA ALA B 309 17.52 -26.53 -19.11
C ALA B 309 16.43 -25.95 -20.00
N GLN B 310 15.62 -26.85 -20.56
CA GLN B 310 14.51 -26.46 -21.42
C GLN B 310 13.27 -27.25 -21.00
N PRO B 311 12.21 -26.53 -20.60
CA PRO B 311 12.19 -25.07 -20.54
C PRO B 311 13.09 -24.52 -19.43
N ILE B 312 13.32 -23.22 -19.47
CA ILE B 312 14.14 -22.54 -18.46
C ILE B 312 13.34 -22.59 -17.15
N PRO B 313 14.01 -22.90 -16.03
CA PRO B 313 13.31 -22.94 -14.74
C PRO B 313 12.58 -21.62 -14.50
N THR B 314 11.38 -21.69 -13.94
CA THR B 314 10.59 -20.49 -13.71
C THR B 314 11.30 -19.42 -12.88
N PRO B 315 12.00 -19.82 -11.80
CA PRO B 315 12.67 -18.76 -11.03
C PRO B 315 13.68 -18.00 -11.88
N LEU B 316 14.33 -18.69 -12.82
CA LEU B 316 15.31 -18.03 -13.68
C LEU B 316 14.62 -17.15 -14.70
N ARG B 317 13.44 -17.57 -15.17
CA ARG B 317 12.70 -16.74 -16.12
C ARG B 317 12.35 -15.45 -15.37
N ASN B 318 11.97 -15.60 -14.11
CA ASN B 318 11.63 -14.45 -13.27
C ASN B 318 12.85 -13.56 -13.10
N HIS B 319 14.00 -14.19 -12.88
CA HIS B 319 15.23 -13.45 -12.68
C HIS B 319 15.53 -12.53 -13.85
N GLN B 320 15.25 -13.00 -15.07
CA GLN B 320 15.49 -12.19 -16.26
C GLN B 320 14.62 -10.95 -16.25
N VAL B 321 13.35 -11.08 -15.89
CA VAL B 321 12.50 -9.91 -15.87
C VAL B 321 12.87 -9.00 -14.71
N MET B 322 13.34 -9.57 -13.59
CA MET B 322 13.73 -8.78 -12.44
C MET B 322 14.91 -7.88 -12.83
N LEU B 323 15.82 -8.40 -13.64
CA LEU B 323 16.97 -7.61 -14.07
C LEU B 323 16.48 -6.41 -14.89
N GLU B 324 15.45 -6.64 -15.71
CA GLU B 324 14.88 -5.57 -16.53
C GLU B 324 14.25 -4.53 -15.63
N ILE B 325 13.53 -4.99 -14.62
CA ILE B 325 12.87 -4.09 -13.67
C ILE B 325 13.91 -3.28 -12.90
N MET B 326 14.97 -3.93 -12.46
CA MET B 326 16.02 -3.24 -11.73
C MET B 326 16.72 -2.19 -12.59
N ASP B 327 16.84 -2.48 -13.89
CA ASP B 327 17.47 -1.55 -14.82
C ASP B 327 16.51 -0.43 -15.18
N GLY B 328 15.24 -0.60 -14.81
CA GLY B 328 14.23 0.41 -15.09
C GLY B 328 13.74 0.38 -16.52
N ASN B 329 13.61 -0.82 -17.10
CA ASN B 329 13.14 -0.95 -18.48
C ASN B 329 11.67 -1.29 -18.61
N GLN B 330 10.88 -0.90 -17.62
CA GLN B 330 9.46 -1.13 -17.65
C GLN B 330 8.83 -0.02 -18.49
N PRO B 331 7.59 -0.20 -18.95
CA PRO B 331 6.73 -1.36 -18.71
C PRO B 331 7.18 -2.62 -19.44
N ILE B 332 6.80 -3.77 -18.89
CA ILE B 332 7.09 -5.06 -19.50
C ILE B 332 5.79 -5.40 -20.22
N TYR B 333 5.87 -5.77 -21.49
CA TYR B 333 4.66 -6.07 -22.25
C TYR B 333 4.50 -7.48 -22.77
N MET B 334 3.25 -7.94 -22.77
CA MET B 334 2.88 -9.23 -23.33
C MET B 334 2.31 -8.77 -24.67
N HIS B 335 3.01 -9.05 -25.76
CA HIS B 335 2.55 -8.61 -27.08
C HIS B 335 1.50 -9.49 -27.75
N THR B 336 0.32 -9.49 -27.14
CA THR B 336 -0.82 -10.26 -27.62
C THR B 336 -1.21 -9.90 -29.04
N GLU B 337 -1.06 -8.63 -29.39
CA GLU B 337 -1.42 -8.16 -30.72
C GLU B 337 -0.59 -8.85 -31.80
N GLU B 338 0.70 -8.99 -31.54
CA GLU B 338 1.60 -9.63 -32.49
C GLU B 338 1.43 -11.15 -32.47
N ALA B 339 1.08 -11.69 -31.31
CA ALA B 339 0.88 -13.12 -31.18
C ALA B 339 -0.34 -13.56 -31.99
N LEU B 340 -1.44 -12.81 -31.87
CA LEU B 340 -2.66 -13.14 -32.59
C LEU B 340 -2.49 -12.98 -34.09
N ALA B 341 -1.87 -11.88 -34.50
CA ALA B 341 -1.64 -11.62 -35.92
C ALA B 341 -0.80 -12.74 -36.54
N GLU B 342 0.23 -13.16 -35.83
CA GLU B 342 1.11 -14.21 -36.34
C GLU B 342 0.43 -15.58 -36.39
N LEU B 343 -0.38 -15.88 -35.38
CA LEU B 343 -1.08 -17.16 -35.34
C LEU B 343 -2.17 -17.23 -36.41
N ALA B 344 -2.90 -16.14 -36.60
CA ALA B 344 -3.97 -16.10 -37.59
C ALA B 344 -3.42 -16.18 -39.02
N GLY B 345 -2.28 -15.55 -39.23
CA GLY B 345 -1.65 -15.58 -40.54
C GLY B 345 -2.46 -14.96 -41.67
N GLY B 346 -3.22 -13.91 -41.35
CA GLY B 346 -4.01 -13.25 -42.38
C GLY B 346 -5.43 -13.77 -42.55
N ASP B 347 -5.73 -14.91 -41.93
CA ASP B 347 -7.06 -15.51 -42.02
C ASP B 347 -7.96 -14.86 -40.97
N LYS B 348 -8.91 -14.06 -41.42
CA LYS B 348 -9.82 -13.37 -40.50
C LYS B 348 -10.70 -14.30 -39.69
N LYS B 349 -11.15 -15.41 -40.27
CA LYS B 349 -11.98 -16.35 -39.53
C LYS B 349 -11.16 -17.02 -38.44
N LYS B 350 -9.90 -17.32 -38.76
CA LYS B 350 -8.99 -17.95 -37.82
C LYS B 350 -8.75 -16.96 -36.67
N LEU B 351 -8.59 -15.69 -37.03
CA LEU B 351 -8.37 -14.65 -36.04
C LEU B 351 -9.53 -14.58 -35.06
N LYS B 352 -10.75 -14.60 -35.57
CA LYS B 352 -11.94 -14.54 -34.73
C LYS B 352 -11.99 -15.71 -33.76
N HIS B 353 -11.58 -16.89 -34.25
CA HIS B 353 -11.58 -18.10 -33.45
C HIS B 353 -10.55 -18.03 -32.31
N ILE B 354 -9.31 -17.69 -32.64
CA ILE B 354 -8.28 -17.60 -31.61
C ILE B 354 -8.55 -16.41 -30.68
N TYR B 355 -9.25 -15.40 -31.20
CA TYR B 355 -9.61 -14.24 -30.41
C TYR B 355 -10.58 -14.69 -29.33
N GLU B 356 -11.52 -15.57 -29.71
CA GLU B 356 -12.50 -16.10 -28.77
C GLU B 356 -11.81 -17.01 -27.77
N GLU B 357 -10.82 -17.77 -28.24
CA GLU B 357 -10.06 -18.67 -27.37
C GLU B 357 -9.30 -17.85 -26.33
N ALA B 358 -8.75 -16.72 -26.76
CA ALA B 358 -8.00 -15.84 -25.87
C ALA B 358 -8.91 -15.32 -24.76
N PHE B 359 -10.10 -14.85 -25.12
CA PHE B 359 -11.00 -14.34 -24.10
C PHE B 359 -11.50 -15.43 -23.16
N GLU B 360 -11.71 -16.64 -23.68
CA GLU B 360 -12.16 -17.72 -22.81
C GLU B 360 -11.07 -18.02 -21.79
N ASP B 361 -9.81 -17.92 -22.20
CA ASP B 361 -8.70 -18.19 -21.29
C ASP B 361 -8.80 -17.31 -20.05
N PHE B 362 -9.37 -16.12 -20.19
CA PHE B 362 -9.54 -15.20 -19.08
C PHE B 362 -10.89 -15.39 -18.38
N LEU B 363 -11.97 -15.45 -19.17
CA LEU B 363 -13.31 -15.58 -18.62
C LEU B 363 -13.57 -16.88 -17.85
N ASP B 364 -12.76 -17.90 -18.08
CA ASP B 364 -12.90 -19.19 -17.40
C ASP B 364 -12.01 -19.25 -16.16
N MET B 365 -11.28 -18.19 -15.84
CA MET B 365 -10.36 -18.28 -14.72
C MET B 365 -10.05 -17.03 -13.92
N THR B 366 -9.97 -15.89 -14.59
CA THR B 366 -9.67 -14.64 -13.90
C THR B 366 -10.40 -13.53 -14.65
N VAL B 367 -11.70 -13.43 -14.37
CA VAL B 367 -12.55 -12.46 -15.02
C VAL B 367 -12.04 -11.03 -14.85
N SER B 368 -11.40 -10.75 -13.72
CA SER B 368 -10.86 -9.43 -13.46
C SER B 368 -9.97 -8.91 -14.57
N GLN B 369 -9.24 -9.79 -15.24
CA GLN B 369 -8.37 -9.34 -16.31
C GLN B 369 -9.18 -8.90 -17.52
N ALA B 370 -10.27 -9.63 -17.82
CA ALA B 370 -11.11 -9.25 -18.95
C ALA B 370 -11.77 -7.93 -18.59
N LEU B 371 -12.14 -7.79 -17.31
CA LEU B 371 -12.77 -6.57 -16.84
C LEU B 371 -11.80 -5.41 -16.90
N LEU B 372 -10.54 -5.68 -16.57
CA LEU B 372 -9.51 -4.63 -16.61
C LEU B 372 -9.39 -4.13 -18.05
N TRP B 373 -9.28 -5.06 -18.99
CA TRP B 373 -9.18 -4.71 -20.40
C TRP B 373 -10.36 -3.85 -20.85
N ALA B 374 -11.56 -4.23 -20.41
CA ALA B 374 -12.76 -3.49 -20.77
C ALA B 374 -12.74 -2.07 -20.20
N CYS B 375 -12.38 -1.95 -18.92
CA CYS B 375 -12.32 -0.65 -18.27
C CYS B 375 -11.24 0.27 -18.84
N GLN B 376 -10.15 -0.33 -19.31
CA GLN B 376 -9.03 0.43 -19.87
C GLN B 376 -9.04 0.48 -21.39
N ASN B 377 -10.11 0.00 -22.00
CA ASN B 377 -10.25 -0.03 -23.45
C ASN B 377 -9.09 -0.70 -24.17
N ILE B 378 -8.66 -1.84 -23.65
CA ILE B 378 -7.57 -2.57 -24.26
C ILE B 378 -8.09 -3.74 -25.10
N ASP B 379 -7.82 -3.69 -26.40
CA ASP B 379 -8.21 -4.74 -27.32
C ASP B 379 -6.92 -5.49 -27.61
N PRO B 380 -6.79 -6.73 -27.14
CA PRO B 380 -5.60 -7.57 -27.33
C PRO B 380 -5.10 -7.75 -28.77
N GLN B 381 -5.99 -7.60 -29.75
CA GLN B 381 -5.58 -7.74 -31.14
C GLN B 381 -4.95 -6.45 -31.65
N GLU B 382 -5.15 -5.36 -30.92
CA GLU B 382 -4.60 -4.07 -31.32
C GLU B 382 -3.44 -3.56 -30.50
N GLN B 383 -3.51 -3.71 -29.18
CA GLN B 383 -2.42 -3.25 -28.34
C GLN B 383 -1.98 -4.29 -27.32
N PRO B 384 -0.71 -4.23 -26.91
CA PRO B 384 -0.14 -5.16 -25.93
C PRO B 384 -0.63 -4.81 -24.53
N SER B 385 -0.39 -5.71 -23.58
CA SER B 385 -0.79 -5.50 -22.19
C SER B 385 0.45 -5.53 -21.33
N GLU B 386 0.44 -4.77 -20.25
CA GLU B 386 1.57 -4.75 -19.33
C GLU B 386 1.48 -5.96 -18.44
N ALA B 387 2.63 -6.45 -18.02
CA ALA B 387 2.71 -7.61 -17.15
C ALA B 387 3.66 -7.26 -16.02
N ALA B 388 3.57 -8.00 -14.92
CA ALA B 388 4.44 -7.77 -13.78
C ALA B 388 4.39 -8.90 -12.79
N PRO B 389 5.44 -9.04 -11.98
CA PRO B 389 5.46 -10.11 -10.98
C PRO B 389 4.66 -9.58 -9.77
N ALA B 390 3.84 -10.44 -9.17
CA ALA B 390 3.06 -10.01 -8.02
C ALA B 390 3.90 -10.19 -6.75
N GLU B 391 3.27 -9.97 -5.59
CA GLU B 391 3.97 -10.15 -4.32
C GLU B 391 4.07 -11.67 -4.07
N PRO B 392 4.88 -12.07 -3.09
CA PRO B 392 5.06 -13.49 -2.76
C PRO B 392 3.85 -14.22 -2.17
N TYR B 393 3.73 -15.50 -2.51
CA TYR B 393 2.67 -16.35 -1.98
C TYR B 393 3.34 -17.65 -1.53
N ILE B 394 2.78 -18.28 -0.50
CA ILE B 394 3.34 -19.51 0.03
C ILE B 394 2.39 -20.68 -0.21
N MET B 395 2.82 -21.64 -1.02
CA MET B 395 1.99 -22.81 -1.32
C MET B 395 2.84 -23.95 -1.89
N GLY B 396 2.34 -25.17 -1.79
CA GLY B 396 3.10 -26.30 -2.30
C GLY B 396 2.54 -27.05 -3.49
N SER B 397 1.41 -26.61 -4.03
CA SER B 397 0.80 -27.32 -5.16
C SER B 397 1.15 -26.78 -6.54
N HIS B 398 1.52 -25.50 -6.58
CA HIS B 398 1.82 -24.80 -7.82
C HIS B 398 3.32 -24.77 -8.14
N SER B 399 3.86 -23.61 -8.46
CA SER B 399 5.29 -23.52 -8.77
C SER B 399 6.13 -23.37 -7.51
N GLY B 400 5.47 -23.29 -6.36
CA GLY B 400 6.16 -23.20 -5.09
C GLY B 400 6.05 -24.55 -4.40
N GLU B 401 7.05 -24.93 -3.60
CA GLU B 401 7.00 -26.24 -2.93
C GLU B 401 7.01 -26.16 -1.40
N ALA B 402 6.52 -25.04 -0.88
CA ALA B 402 6.45 -24.84 0.58
C ALA B 402 5.32 -25.67 1.19
N GLY B 403 5.63 -26.36 2.28
CA GLY B 403 4.61 -27.18 2.93
C GLY B 403 5.20 -28.14 3.95
N PHE B 404 4.39 -29.11 4.39
CA PHE B 404 4.87 -30.07 5.36
C PHE B 404 5.71 -31.16 4.74
N TRP B 405 6.67 -31.66 5.52
CA TRP B 405 7.54 -32.74 5.10
C TRP B 405 6.66 -33.97 5.24
N VAL B 406 6.36 -34.63 4.13
CA VAL B 406 5.49 -35.80 4.17
C VAL B 406 6.15 -37.06 3.63
N CYS B 407 5.69 -38.20 4.15
CA CYS B 407 6.20 -39.51 3.77
C CYS B 407 5.78 -39.89 2.35
N GLY B 408 6.62 -40.67 1.68
CA GLY B 408 6.31 -41.10 0.33
C GLY B 408 5.91 -42.56 0.27
N PRO B 409 5.58 -43.08 -0.93
CA PRO B 409 5.18 -44.48 -1.08
C PRO B 409 6.33 -45.43 -0.79
N GLU B 410 5.99 -46.59 -0.23
CA GLU B 410 6.96 -47.61 0.12
C GLU B 410 7.88 -48.01 -1.04
N ASP B 411 7.32 -48.08 -2.25
CA ASP B 411 8.11 -48.50 -3.40
C ASP B 411 9.04 -47.45 -4.03
N LEU B 412 8.88 -46.18 -3.65
CA LEU B 412 9.72 -45.14 -4.22
C LEU B 412 10.57 -44.37 -3.22
N MET B 413 10.04 -44.13 -2.03
CA MET B 413 10.79 -43.38 -1.03
C MET B 413 12.06 -44.08 -0.54
N PRO B 414 13.22 -43.41 -0.67
CA PRO B 414 14.50 -43.98 -0.23
C PRO B 414 14.66 -43.83 1.29
N GLU B 415 15.51 -44.66 1.88
CA GLU B 415 15.73 -44.59 3.32
C GLU B 415 16.15 -43.20 3.77
N GLU B 416 16.90 -42.50 2.92
CA GLU B 416 17.36 -41.15 3.25
C GLU B 416 16.21 -40.22 3.64
N TYR B 417 15.04 -40.43 3.04
CA TYR B 417 13.87 -39.58 3.29
C TYR B 417 12.87 -40.12 4.31
N ALA B 418 13.11 -41.32 4.84
CA ALA B 418 12.18 -41.93 5.78
C ALA B 418 12.46 -41.73 7.26
N LYS B 419 13.70 -41.35 7.58
CA LYS B 419 14.16 -41.15 8.95
C LYS B 419 13.27 -40.41 9.94
N LEU B 420 12.65 -39.31 9.50
CA LEU B 420 11.83 -38.48 10.38
C LEU B 420 10.38 -38.89 10.58
N PHE B 421 9.93 -39.95 9.91
CA PHE B 421 8.55 -40.39 10.03
C PHE B 421 8.40 -41.60 10.95
N PRO B 422 7.67 -41.43 12.08
CA PRO B 422 7.44 -42.51 13.04
C PRO B 422 6.65 -43.65 12.40
N LEU B 423 5.75 -43.28 11.49
CA LEU B 423 4.93 -44.25 10.79
C LEU B 423 5.08 -43.95 9.30
N LYS B 424 5.35 -44.98 8.51
CA LYS B 424 5.56 -44.78 7.09
C LYS B 424 4.34 -44.86 6.18
N TYR B 425 3.38 -43.96 6.36
CA TYR B 425 2.21 -43.96 5.49
C TYR B 425 2.31 -42.80 4.50
N ASN B 426 1.91 -43.07 3.26
CA ASN B 426 1.98 -42.08 2.18
C ASN B 426 1.29 -40.76 2.49
N ARG B 427 2.07 -39.68 2.45
CA ARG B 427 1.60 -38.32 2.72
C ARG B 427 1.36 -38.00 4.18
N MET B 428 1.77 -38.88 5.08
CA MET B 428 1.61 -38.61 6.49
C MET B 428 2.75 -37.68 6.89
N THR B 429 2.47 -36.74 7.79
CA THR B 429 3.48 -35.80 8.27
C THR B 429 4.31 -36.50 9.34
N THR B 430 5.13 -35.74 10.06
CA THR B 430 5.95 -36.34 11.12
C THR B 430 5.10 -36.56 12.39
N VAL B 431 3.87 -36.08 12.38
CA VAL B 431 2.93 -36.25 13.48
C VAL B 431 2.08 -37.45 13.10
N LYS B 432 2.02 -38.47 13.95
CA LYS B 432 1.26 -39.67 13.62
C LYS B 432 -0.24 -39.41 13.44
N GLY B 433 -0.78 -39.92 12.33
CA GLY B 433 -2.19 -39.74 12.05
C GLY B 433 -2.52 -38.46 11.31
N LEU B 434 -1.53 -37.58 11.14
CA LEU B 434 -1.74 -36.31 10.46
C LEU B 434 -1.13 -36.31 9.06
N PHE B 435 -1.98 -36.13 8.06
CA PHE B 435 -1.56 -36.09 6.66
C PHE B 435 -1.66 -34.66 6.13
N ALA B 436 -0.96 -34.39 5.03
CA ALA B 436 -0.99 -33.07 4.40
C ALA B 436 -1.04 -33.29 2.90
N ILE B 437 -1.90 -32.54 2.22
CA ILE B 437 -2.07 -32.67 0.77
C ILE B 437 -2.24 -31.34 0.06
N GLY B 438 -2.09 -31.37 -1.26
CA GLY B 438 -2.23 -30.16 -2.04
C GLY B 438 -1.20 -29.14 -1.61
N ASP B 439 -1.64 -27.90 -1.42
CA ASP B 439 -0.75 -26.83 -0.98
C ASP B 439 -0.06 -27.16 0.33
N CYS B 440 -0.71 -27.97 1.16
CA CYS B 440 -0.14 -28.30 2.47
C CYS B 440 1.01 -29.29 2.44
N ALA B 441 1.17 -30.03 1.35
CA ALA B 441 2.26 -30.99 1.25
C ALA B 441 3.42 -30.34 0.52
N GLY B 442 4.56 -30.25 1.19
CA GLY B 442 5.71 -29.62 0.59
C GLY B 442 6.65 -30.55 -0.16
N ALA B 443 7.62 -29.95 -0.82
CA ALA B 443 8.65 -30.67 -1.58
C ALA B 443 8.19 -31.50 -2.79
N ASN B 444 6.94 -31.34 -3.20
CA ASN B 444 6.48 -32.04 -4.40
C ASN B 444 5.44 -31.16 -5.09
N PRO B 445 5.94 -30.11 -5.78
CA PRO B 445 5.17 -29.11 -6.53
C PRO B 445 4.73 -29.55 -7.91
N HIS B 446 4.15 -28.61 -8.66
CA HIS B 446 3.66 -28.83 -10.02
C HIS B 446 2.50 -29.80 -10.05
N LYS B 447 1.79 -29.84 -8.94
CA LYS B 447 0.63 -30.70 -8.85
C LYS B 447 -0.56 -30.02 -9.50
N PHE B 448 -0.77 -28.75 -9.15
CA PHE B 448 -1.86 -27.95 -9.67
C PHE B 448 -3.20 -28.61 -9.39
N SER B 449 -4.24 -28.30 -10.16
CA SER B 449 -5.56 -28.86 -9.91
C SER B 449 -5.62 -30.40 -9.92
N SER B 450 -5.30 -31.01 -11.05
CA SER B 450 -5.33 -32.47 -11.15
C SER B 450 -4.42 -33.17 -10.15
N GLY B 451 -3.20 -32.65 -10.01
CA GLY B 451 -2.24 -33.24 -9.09
C GLY B 451 -2.64 -33.10 -7.63
N SER B 452 -3.29 -32.00 -7.29
CA SER B 452 -3.72 -31.78 -5.91
C SER B 452 -4.85 -32.74 -5.56
N PHE B 453 -5.82 -32.86 -6.46
CA PHE B 453 -6.93 -33.77 -6.24
C PHE B 453 -6.33 -35.17 -6.07
N THR B 454 -5.37 -35.49 -6.94
CA THR B 454 -4.71 -36.80 -6.90
C THR B 454 -3.98 -37.05 -5.59
N GLU B 455 -3.21 -36.07 -5.13
CA GLU B 455 -2.47 -36.24 -3.88
C GLU B 455 -3.45 -36.49 -2.74
N GLY B 456 -4.63 -35.87 -2.82
CA GLY B 456 -5.63 -36.07 -1.80
C GLY B 456 -6.11 -37.51 -1.82
N ARG B 457 -6.26 -38.08 -3.02
CA ARG B 457 -6.70 -39.46 -3.17
C ARG B 457 -5.67 -40.38 -2.53
N ILE B 458 -4.40 -40.08 -2.78
CA ILE B 458 -3.30 -40.88 -2.25
C ILE B 458 -3.29 -40.88 -0.72
N ALA B 459 -3.40 -39.69 -0.12
CA ALA B 459 -3.38 -39.60 1.34
C ALA B 459 -4.60 -40.29 1.94
N ALA B 460 -5.73 -40.16 1.24
CA ALA B 460 -6.98 -40.76 1.70
C ALA B 460 -6.87 -42.28 1.79
N LYS B 461 -6.34 -42.92 0.76
CA LYS B 461 -6.20 -44.37 0.81
C LYS B 461 -5.23 -44.75 1.91
N ALA B 462 -4.16 -43.97 2.06
CA ALA B 462 -3.17 -44.26 3.08
C ALA B 462 -3.76 -44.07 4.48
N ALA B 463 -4.68 -43.12 4.62
CA ALA B 463 -5.31 -42.86 5.90
C ALA B 463 -6.17 -44.07 6.30
N VAL B 464 -6.89 -44.64 5.34
CA VAL B 464 -7.71 -45.80 5.62
C VAL B 464 -6.79 -46.97 6.00
N ARG B 465 -5.70 -47.13 5.26
CA ARG B 465 -4.75 -48.21 5.54
C ARG B 465 -4.16 -48.02 6.94
N PHE B 466 -3.82 -46.78 7.27
CA PHE B 466 -3.26 -46.44 8.57
C PHE B 466 -4.23 -46.84 9.68
N ILE B 467 -5.49 -46.46 9.52
CA ILE B 467 -6.50 -46.76 10.53
C ILE B 467 -6.73 -48.26 10.71
N LEU B 468 -6.87 -48.98 9.61
CA LEU B 468 -7.10 -50.42 9.69
C LEU B 468 -5.88 -51.20 10.17
N GLU B 469 -4.68 -50.71 9.85
CA GLU B 469 -3.47 -51.40 10.26
C GLU B 469 -3.01 -51.07 11.68
N GLN B 470 -2.99 -49.78 12.02
CA GLN B 470 -2.54 -49.37 13.34
C GLN B 470 -3.67 -49.28 14.36
N LYS B 471 -4.92 -49.28 13.89
CA LYS B 471 -6.07 -49.17 14.77
C LYS B 471 -5.87 -48.04 15.78
N PRO B 472 -5.59 -46.83 15.28
CA PRO B 472 -5.38 -45.66 16.15
C PRO B 472 -6.61 -45.36 16.99
N ASN B 473 -6.36 -44.82 18.17
CA ASN B 473 -7.45 -44.49 19.06
C ASN B 473 -7.00 -43.40 20.03
N PRO B 474 -6.69 -42.21 19.49
CA PRO B 474 -6.24 -41.07 20.29
C PRO B 474 -7.37 -40.50 21.14
N GLU B 475 -7.01 -39.88 22.25
CA GLU B 475 -7.98 -39.28 23.15
C GLU B 475 -7.69 -37.79 23.25
N ILE B 476 -8.71 -36.97 23.04
CA ILE B 476 -8.52 -35.53 23.13
C ILE B 476 -8.45 -35.15 24.60
N ASP B 477 -7.83 -34.00 24.88
CA ASP B 477 -7.69 -33.51 26.24
C ASP B 477 -8.79 -32.46 26.47
N ASP B 478 -9.80 -32.81 27.26
CA ASP B 478 -10.91 -31.89 27.52
C ASP B 478 -10.48 -30.55 28.10
N ALA B 479 -9.40 -30.55 28.87
CA ALA B 479 -8.90 -29.30 29.44
C ALA B 479 -8.40 -28.41 28.33
N VAL B 480 -7.67 -28.99 27.38
CA VAL B 480 -7.15 -28.24 26.26
C VAL B 480 -8.30 -27.73 25.39
N VAL B 481 -9.30 -28.56 25.18
CA VAL B 481 -10.47 -28.17 24.38
C VAL B 481 -11.14 -26.94 24.99
N GLU B 482 -11.32 -26.95 26.31
CA GLU B 482 -11.95 -25.82 26.97
C GLU B 482 -11.12 -24.55 26.85
N GLU B 483 -9.81 -24.68 26.95
CA GLU B 483 -8.91 -23.54 26.83
C GLU B 483 -8.98 -22.99 25.40
N LEU B 484 -9.10 -23.89 24.43
CA LEU B 484 -9.19 -23.48 23.03
C LEU B 484 -10.54 -22.85 22.73
N LYS B 485 -11.59 -23.30 23.42
CA LYS B 485 -12.91 -22.72 23.22
C LYS B 485 -12.88 -21.28 23.74
N LYS B 486 -12.19 -21.07 24.85
CA LYS B 486 -12.07 -19.74 25.43
C LYS B 486 -11.29 -18.86 24.46
N LYS B 487 -10.20 -19.40 23.91
CA LYS B 487 -9.38 -18.63 22.98
C LYS B 487 -10.14 -18.31 21.70
N ALA B 488 -10.93 -19.27 21.23
CA ALA B 488 -11.71 -19.09 20.00
C ALA B 488 -12.50 -17.79 20.00
N TYR B 489 -13.26 -17.56 21.07
CA TYR B 489 -14.09 -16.36 21.16
C TYR B 489 -13.49 -15.20 21.95
N ALA B 490 -12.24 -15.33 22.39
CA ALA B 490 -11.58 -14.28 23.16
C ALA B 490 -11.63 -12.90 22.48
N PRO B 491 -11.44 -12.85 21.14
CA PRO B 491 -11.47 -11.56 20.45
C PRO B 491 -12.80 -10.82 20.67
N MET B 492 -13.92 -11.53 20.63
CA MET B 492 -15.21 -10.89 20.83
C MET B 492 -15.31 -10.38 22.25
N GLU B 493 -14.89 -11.19 23.21
CA GLU B 493 -14.93 -10.80 24.61
C GLU B 493 -14.02 -9.61 24.88
N ARG B 494 -12.87 -9.56 24.20
CA ARG B 494 -11.96 -8.45 24.41
C ARG B 494 -12.58 -7.17 23.87
N PHE B 495 -13.27 -7.27 22.74
CA PHE B 495 -13.93 -6.12 22.16
C PHE B 495 -14.94 -5.54 23.15
N MET B 496 -15.78 -6.43 23.68
CA MET B 496 -16.79 -5.99 24.64
C MET B 496 -16.16 -5.38 25.88
N GLN B 497 -15.04 -5.95 26.32
CA GLN B 497 -14.38 -5.45 27.52
C GLN B 497 -13.67 -4.11 27.38
N TYR B 498 -13.11 -3.83 26.21
CA TYR B 498 -12.38 -2.57 26.04
C TYR B 498 -12.92 -1.55 25.05
N LYS B 499 -14.01 -1.87 24.36
CA LYS B 499 -14.57 -0.93 23.38
C LYS B 499 -14.90 0.44 23.98
N ASP B 500 -15.25 0.47 25.27
CA ASP B 500 -15.61 1.72 25.93
C ASP B 500 -14.44 2.68 26.19
N LEU B 501 -13.22 2.27 25.85
CA LEU B 501 -12.06 3.15 26.07
C LEU B 501 -11.98 4.24 25.00
N SER B 502 -12.70 4.05 23.91
CA SER B 502 -12.68 5.01 22.80
C SER B 502 -14.05 5.18 22.17
N THR B 503 -14.31 6.35 21.61
CA THR B 503 -15.58 6.60 20.96
C THR B 503 -15.61 5.98 19.57
N ALA B 504 -14.45 5.50 19.13
CA ALA B 504 -14.34 4.85 17.82
C ALA B 504 -13.96 3.38 18.01
N ASP B 505 -14.77 2.49 17.47
CA ASP B 505 -14.53 1.05 17.59
C ASP B 505 -13.17 0.60 17.06
N ASP B 506 -12.70 1.21 15.98
CA ASP B 506 -11.43 0.79 15.39
C ASP B 506 -10.18 1.59 15.77
N VAL B 507 -10.29 2.43 16.80
CA VAL B 507 -9.14 3.17 17.27
C VAL B 507 -9.14 2.97 18.78
N ASN B 508 -8.54 1.87 19.20
CA ASN B 508 -8.49 1.51 20.61
C ASN B 508 -7.06 1.16 21.01
N PRO B 509 -6.62 1.62 22.19
CA PRO B 509 -5.27 1.35 22.67
C PRO B 509 -5.06 -0.04 23.28
N GLU B 510 -6.14 -0.77 23.53
CA GLU B 510 -6.04 -2.09 24.13
C GLU B 510 -6.30 -3.28 23.20
N TYR B 511 -6.53 -3.01 21.91
CA TYR B 511 -6.73 -4.09 20.97
C TYR B 511 -6.55 -3.69 19.52
N ILE B 512 -6.31 -4.69 18.67
CA ILE B 512 -6.18 -4.46 17.24
C ILE B 512 -7.23 -5.33 16.60
N LEU B 513 -7.84 -4.83 15.52
CA LEU B 513 -8.84 -5.59 14.80
C LEU B 513 -8.08 -6.41 13.76
N PRO B 514 -8.71 -7.44 13.19
CA PRO B 514 -8.00 -8.26 12.19
C PRO B 514 -7.36 -7.49 11.05
N TRP B 515 -8.10 -6.57 10.43
CA TRP B 515 -7.51 -5.83 9.31
C TRP B 515 -6.32 -4.99 9.73
N GLN B 516 -6.31 -4.56 10.98
CA GLN B 516 -5.21 -3.74 11.49
C GLN B 516 -3.97 -4.57 11.70
N GLY B 517 -4.13 -5.78 12.21
CA GLY B 517 -3.00 -6.66 12.41
C GLY B 517 -2.48 -7.15 11.07
N LEU B 518 -3.38 -7.30 10.10
CA LEU B 518 -2.99 -7.79 8.77
C LEU B 518 -2.20 -6.74 8.01
N VAL B 519 -2.59 -5.48 8.15
CA VAL B 519 -1.88 -4.39 7.49
C VAL B 519 -0.45 -4.39 8.02
N ARG B 520 -0.33 -4.58 9.33
CA ARG B 520 0.97 -4.59 9.99
C ARG B 520 1.82 -5.75 9.52
N LEU B 521 1.23 -6.93 9.43
CA LEU B 521 1.95 -8.12 8.96
C LEU B 521 2.47 -7.91 7.55
N GLN B 522 1.61 -7.43 6.67
CA GLN B 522 1.97 -7.23 5.27
C GLN B 522 3.13 -6.25 5.10
N LYS B 523 3.12 -5.20 5.91
CA LYS B 523 4.19 -4.21 5.85
C LYS B 523 5.51 -4.81 6.30
N ILE B 524 5.47 -5.55 7.42
CA ILE B 524 6.67 -6.19 7.95
C ILE B 524 7.28 -7.12 6.91
N MET B 525 6.46 -8.00 6.37
CA MET B 525 6.93 -8.96 5.37
C MET B 525 7.38 -8.28 4.09
N ASP B 526 6.63 -7.28 3.65
CA ASP B 526 6.98 -6.55 2.44
C ASP B 526 8.34 -5.87 2.57
N GLU B 527 8.59 -5.23 3.72
CA GLU B 527 9.83 -4.50 3.91
C GLU B 527 11.05 -5.29 4.37
N TYR B 528 10.84 -6.42 5.04
CA TYR B 528 11.99 -7.19 5.53
C TYR B 528 12.15 -8.61 5.00
N ALA B 529 11.08 -9.20 4.47
CA ALA B 529 11.16 -10.57 4.01
C ALA B 529 11.14 -10.77 2.49
N ALA B 530 11.87 -9.92 1.77
CA ALA B 530 11.94 -10.01 0.32
C ALA B 530 10.59 -9.84 -0.36
N GLY B 531 9.91 -8.74 -0.02
CA GLY B 531 8.63 -8.45 -0.63
C GLY B 531 8.86 -7.55 -1.84
N ILE B 532 7.79 -7.02 -2.42
CA ILE B 532 7.94 -6.16 -3.58
C ILE B 532 8.68 -4.87 -3.27
N ALA B 533 8.59 -4.41 -2.02
CA ALA B 533 9.24 -3.17 -1.61
C ALA B 533 10.73 -3.11 -1.90
N THR B 534 11.39 -4.26 -1.86
CA THR B 534 12.83 -4.33 -2.12
C THR B 534 13.16 -5.20 -3.33
N ILE B 535 12.20 -5.33 -4.23
CA ILE B 535 12.36 -6.14 -5.43
C ILE B 535 12.81 -7.55 -5.06
N TYR B 536 12.18 -8.11 -4.03
CA TYR B 536 12.44 -9.46 -3.56
C TYR B 536 13.84 -9.76 -3.00
N LYS B 537 14.52 -8.75 -2.47
CA LYS B 537 15.84 -8.91 -1.88
C LYS B 537 15.75 -8.85 -0.35
N THR B 538 16.62 -9.57 0.33
CA THR B 538 16.65 -9.51 1.79
C THR B 538 18.02 -10.00 2.23
N ASN B 539 18.29 -9.93 3.52
CA ASN B 539 19.57 -10.38 4.07
C ASN B 539 19.35 -10.78 5.51
N GLU B 540 20.41 -11.26 6.16
CA GLU B 540 20.32 -11.69 7.55
C GLU B 540 19.75 -10.62 8.50
N LYS B 541 20.28 -9.40 8.40
CA LYS B 541 19.84 -8.30 9.26
C LYS B 541 18.36 -8.00 9.08
N MET B 542 17.90 -7.92 7.83
CA MET B 542 16.49 -7.64 7.56
C MET B 542 15.59 -8.75 8.10
N LEU B 543 15.98 -9.99 7.85
CA LEU B 543 15.18 -11.13 8.33
C LEU B 543 15.15 -11.17 9.86
N GLN B 544 16.27 -10.83 10.50
CA GLN B 544 16.31 -10.83 11.95
C GLN B 544 15.38 -9.74 12.50
N ARG B 545 15.32 -8.61 11.80
CA ARG B 545 14.45 -7.54 12.25
C ARG B 545 13.00 -7.96 12.04
N ALA B 546 12.75 -8.69 10.96
CA ALA B 546 11.40 -9.18 10.69
C ALA B 546 10.93 -10.03 11.87
N LEU B 547 11.81 -10.88 12.39
CA LEU B 547 11.47 -11.73 13.53
C LEU B 547 11.14 -10.90 14.77
N GLU B 548 11.88 -9.82 14.98
CA GLU B 548 11.63 -8.96 16.13
C GLU B 548 10.26 -8.30 16.00
N LEU B 549 9.94 -7.83 14.79
CA LEU B 549 8.66 -7.17 14.56
C LEU B 549 7.52 -8.18 14.62
N LEU B 550 7.75 -9.39 14.14
CA LEU B 550 6.73 -10.42 14.17
C LEU B 550 6.51 -10.82 15.63
N ALA B 551 7.55 -10.71 16.45
CA ALA B 551 7.43 -11.06 17.85
C ALA B 551 6.44 -10.08 18.50
N PHE B 552 6.60 -8.80 18.21
CA PHE B 552 5.71 -7.77 18.74
C PHE B 552 4.28 -8.07 18.29
N LEU B 553 4.12 -8.40 17.01
CA LEU B 553 2.80 -8.69 16.46
C LEU B 553 2.20 -9.96 17.07
N LYS B 554 2.97 -11.03 17.18
CA LYS B 554 2.45 -12.25 17.77
C LYS B 554 1.94 -11.95 19.18
N GLU B 555 2.70 -11.16 19.94
CA GLU B 555 2.29 -10.81 21.30
C GLU B 555 0.96 -10.03 21.25
N ASP B 556 0.84 -9.14 20.28
CA ASP B 556 -0.37 -8.35 20.14
C ASP B 556 -1.57 -9.15 19.65
N LEU B 557 -1.34 -10.35 19.12
CA LEU B 557 -2.43 -11.19 18.67
C LEU B 557 -3.24 -11.60 19.89
N GLU B 558 -2.60 -11.58 21.05
CA GLU B 558 -3.27 -11.92 22.30
C GLU B 558 -4.24 -10.80 22.65
N LYS B 559 -4.17 -9.72 21.89
CA LYS B 559 -5.06 -8.59 22.11
C LYS B 559 -5.92 -8.28 20.90
N LEU B 560 -6.21 -9.32 20.12
CA LEU B 560 -7.07 -9.18 18.96
C LEU B 560 -8.50 -9.02 19.42
N ALA B 561 -9.29 -8.29 18.64
CA ALA B 561 -10.70 -8.06 18.94
C ALA B 561 -11.47 -8.40 17.67
N ALA B 562 -12.75 -8.73 17.83
CA ALA B 562 -13.62 -9.07 16.71
C ALA B 562 -15.03 -8.61 17.05
N ARG B 563 -15.73 -8.06 16.06
CA ARG B 563 -17.08 -7.53 16.28
C ARG B 563 -18.22 -8.43 15.81
N ASP B 564 -17.90 -9.43 14.99
CA ASP B 564 -18.92 -10.38 14.52
C ASP B 564 -18.21 -11.68 14.13
N LEU B 565 -18.99 -12.71 13.79
CA LEU B 565 -18.41 -13.99 13.41
C LEU B 565 -17.50 -13.90 12.20
N HIS B 566 -17.88 -13.06 11.24
CA HIS B 566 -17.07 -12.88 10.05
C HIS B 566 -15.68 -12.40 10.46
N GLU B 567 -15.65 -11.37 11.31
CA GLU B 567 -14.39 -10.81 11.77
C GLU B 567 -13.65 -11.75 12.72
N LEU B 568 -14.38 -12.63 13.41
CA LEU B 568 -13.74 -13.57 14.31
C LEU B 568 -12.93 -14.53 13.44
N MET B 569 -13.50 -14.90 12.29
CA MET B 569 -12.79 -15.79 11.36
C MET B 569 -11.58 -15.05 10.81
N ARG B 570 -11.77 -13.77 10.49
CA ARG B 570 -10.68 -12.94 9.97
C ARG B 570 -9.57 -12.88 11.02
N ALA B 571 -9.96 -12.86 12.29
CA ALA B 571 -9.00 -12.81 13.38
C ALA B 571 -8.10 -14.05 13.37
N TRP B 572 -8.72 -15.22 13.25
CA TRP B 572 -7.92 -16.44 13.25
C TRP B 572 -7.15 -16.62 11.95
N GLU B 573 -7.70 -16.10 10.85
CA GLU B 573 -7.00 -16.18 9.57
C GLU B 573 -5.71 -15.36 9.70
N LEU B 574 -5.78 -14.27 10.46
CA LEU B 574 -4.59 -13.43 10.69
C LEU B 574 -3.59 -14.22 11.53
N VAL B 575 -4.07 -14.83 12.60
CA VAL B 575 -3.19 -15.62 13.47
C VAL B 575 -2.46 -16.67 12.63
N HIS B 576 -3.21 -17.32 11.76
CA HIS B 576 -2.63 -18.35 10.90
C HIS B 576 -1.54 -17.79 10.00
N ARG B 577 -1.78 -16.61 9.42
CA ARG B 577 -0.80 -15.99 8.53
C ARG B 577 0.47 -15.54 9.28
N VAL B 578 0.30 -15.01 10.48
CA VAL B 578 1.45 -14.54 11.26
C VAL B 578 2.45 -15.67 11.54
N TRP B 579 1.96 -16.82 11.97
CA TRP B 579 2.86 -17.93 12.25
C TRP B 579 3.45 -18.47 10.94
N THR B 580 2.66 -18.47 9.88
CA THR B 580 3.13 -18.92 8.58
C THR B 580 4.28 -18.00 8.17
N ALA B 581 4.08 -16.70 8.36
CA ALA B 581 5.09 -15.69 8.03
C ALA B 581 6.37 -15.92 8.83
N GLU B 582 6.22 -16.22 10.12
CA GLU B 582 7.38 -16.46 10.97
C GLU B 582 8.18 -17.65 10.46
N ALA B 583 7.48 -18.73 10.12
CA ALA B 583 8.14 -19.93 9.63
C ALA B 583 8.87 -19.60 8.34
N HIS B 584 8.24 -18.83 7.48
CA HIS B 584 8.85 -18.46 6.20
C HIS B 584 10.14 -17.66 6.42
N VAL B 585 10.09 -16.70 7.34
CA VAL B 585 11.27 -15.89 7.63
C VAL B 585 12.40 -16.74 8.20
N ARG B 586 12.07 -17.59 9.16
CA ARG B 586 13.08 -18.45 9.77
C ARG B 586 13.73 -19.37 8.75
N HIS B 587 12.93 -19.87 7.81
CA HIS B 587 13.45 -20.74 6.77
C HIS B 587 14.38 -19.97 5.84
N MET B 588 13.98 -18.77 5.43
CA MET B 588 14.83 -17.98 4.55
C MET B 588 16.13 -17.61 5.26
N LEU B 589 16.04 -17.38 6.56
CA LEU B 589 17.21 -17.02 7.35
C LEU B 589 18.19 -18.19 7.47
N PHE B 590 17.65 -19.40 7.62
CA PHE B 590 18.49 -20.59 7.77
C PHE B 590 19.31 -20.95 6.52
N ARG B 591 18.67 -20.93 5.34
CA ARG B 591 19.36 -21.29 4.09
C ARG B 591 20.32 -20.20 3.62
N LYS B 592 21.62 -20.45 3.77
CA LYS B 592 22.61 -19.46 3.37
C LYS B 592 23.06 -19.54 1.92
N GLU B 593 22.11 -19.24 1.02
CA GLU B 593 22.33 -19.23 -0.42
C GLU B 593 21.14 -18.60 -1.15
N THR B 594 21.30 -18.36 -2.44
CA THR B 594 20.23 -17.82 -3.28
C THR B 594 20.06 -18.85 -4.38
N ARG B 595 19.19 -19.82 -4.14
CA ARG B 595 18.95 -20.91 -5.09
C ARG B 595 17.86 -20.60 -6.10
N TRP B 596 16.96 -19.69 -5.73
CA TRP B 596 15.86 -19.33 -6.62
C TRP B 596 15.82 -17.84 -6.92
N PRO B 597 16.87 -17.31 -7.56
CA PRO B 597 16.85 -15.88 -7.87
C PRO B 597 15.63 -15.73 -8.76
N GLY B 598 14.84 -14.69 -8.53
CA GLY B 598 13.64 -14.51 -9.31
C GLY B 598 12.47 -14.69 -8.36
N TYR B 599 12.69 -15.45 -7.30
CA TYR B 599 11.68 -15.67 -6.26
C TYR B 599 12.14 -14.85 -5.06
N TYR B 600 13.44 -14.89 -4.78
CA TYR B 600 14.01 -14.08 -3.70
C TYR B 600 15.52 -14.10 -3.79
N TYR B 601 16.13 -13.01 -3.34
CA TYR B 601 17.57 -12.89 -3.34
C TYR B 601 18.09 -12.60 -1.94
N ARG B 602 19.11 -13.35 -1.51
CA ARG B 602 19.74 -13.04 -0.24
C ARG B 602 20.99 -12.31 -0.71
N THR B 603 20.98 -10.99 -0.53
CA THR B 603 22.10 -10.17 -0.96
C THR B 603 23.39 -10.51 -0.24
N ASP B 604 23.30 -11.17 0.91
CA ASP B 604 24.49 -11.55 1.66
C ASP B 604 25.04 -12.93 1.27
N TYR B 605 24.24 -13.68 0.51
CA TYR B 605 24.62 -15.01 0.00
C TYR B 605 23.94 -15.09 -1.37
N PRO B 606 24.39 -14.27 -2.32
CA PRO B 606 23.87 -14.17 -3.69
C PRO B 606 24.03 -15.36 -4.63
N GLU B 607 24.87 -16.32 -4.29
CA GLU B 607 25.09 -17.47 -5.15
C GLU B 607 24.35 -18.73 -4.76
N LEU B 608 24.15 -19.62 -5.73
CA LEU B 608 23.50 -20.90 -5.49
C LEU B 608 24.64 -21.80 -5.00
N ASN B 609 24.41 -22.52 -3.91
CA ASN B 609 25.44 -23.38 -3.35
C ASN B 609 25.08 -24.86 -3.38
N ASP B 610 25.54 -25.56 -4.42
CA ASP B 610 25.26 -26.98 -4.52
C ASP B 610 26.24 -27.84 -3.73
N GLU B 611 27.22 -27.20 -3.12
CA GLU B 611 28.20 -27.93 -2.34
C GLU B 611 27.73 -28.21 -0.92
N GLU B 612 27.05 -27.25 -0.31
CA GLU B 612 26.56 -27.45 1.05
C GLU B 612 25.06 -27.23 1.22
N TRP B 613 24.39 -26.75 0.19
CA TRP B 613 22.96 -26.51 0.31
C TRP B 613 22.04 -27.25 -0.65
N LYS B 614 22.51 -28.36 -1.22
CA LYS B 614 21.64 -29.12 -2.11
C LYS B 614 20.92 -30.09 -1.18
N CYS B 615 20.10 -29.50 -0.33
CA CYS B 615 19.35 -30.24 0.68
C CYS B 615 18.01 -29.58 0.92
N PHE B 616 17.08 -30.34 1.46
CA PHE B 616 15.78 -29.80 1.81
C PHE B 616 15.98 -29.24 3.21
N VAL B 617 15.35 -28.10 3.50
CA VAL B 617 15.47 -27.52 4.83
C VAL B 617 14.18 -27.86 5.56
N CYS B 618 14.30 -28.60 6.65
CA CYS B 618 13.13 -29.01 7.42
C CYS B 618 13.23 -28.44 8.84
N SER B 619 12.09 -28.02 9.37
CA SER B 619 12.05 -27.44 10.70
C SER B 619 10.92 -28.01 11.54
N LYS B 620 11.06 -27.89 12.86
CA LYS B 620 10.02 -28.34 13.77
C LYS B 620 9.83 -27.29 14.84
N TYR B 621 8.58 -26.93 15.08
CA TYR B 621 8.29 -25.97 16.10
C TYR B 621 7.77 -26.74 17.30
N ASP B 622 8.38 -26.53 18.46
CA ASP B 622 7.97 -27.20 19.67
C ASP B 622 7.21 -26.17 20.50
N ALA B 623 5.89 -26.31 20.52
CA ALA B 623 5.02 -25.37 21.23
C ALA B 623 5.29 -25.28 22.73
N GLU B 624 5.53 -26.43 23.36
CA GLU B 624 5.80 -26.46 24.80
C GLU B 624 7.05 -25.69 25.19
N LYS B 625 8.08 -25.79 24.37
CA LYS B 625 9.35 -25.10 24.65
C LYS B 625 9.42 -23.77 23.90
N ASP B 626 8.56 -23.61 22.90
CA ASP B 626 8.53 -22.41 22.08
C ASP B 626 9.89 -22.27 21.39
N GLU B 627 10.36 -23.36 20.80
CA GLU B 627 11.65 -23.36 20.12
C GLU B 627 11.54 -23.94 18.72
N TRP B 628 12.31 -23.40 17.79
CA TRP B 628 12.34 -23.88 16.41
C TRP B 628 13.66 -24.62 16.21
N THR B 629 13.61 -25.76 15.52
CA THR B 629 14.82 -26.52 15.25
C THR B 629 14.86 -26.81 13.77
N PHE B 630 16.04 -26.67 13.17
CA PHE B 630 16.22 -26.90 11.75
C PHE B 630 17.22 -28.01 11.47
N GLU B 631 17.04 -28.68 10.36
CA GLU B 631 17.97 -29.71 9.97
C GLU B 631 18.01 -29.81 8.45
N LYS B 632 19.14 -30.26 7.94
CA LYS B 632 19.31 -30.38 6.51
C LYS B 632 19.19 -31.84 6.10
N VAL B 633 18.37 -32.07 5.08
CA VAL B 633 18.14 -33.41 4.53
C VAL B 633 18.63 -33.37 3.08
N PRO B 634 19.82 -33.94 2.81
CA PRO B 634 20.39 -33.95 1.47
C PRO B 634 19.47 -34.55 0.41
N TYR B 635 19.45 -33.91 -0.75
CA TYR B 635 18.66 -34.38 -1.87
C TYR B 635 19.38 -35.59 -2.45
N VAL B 636 18.61 -36.58 -2.88
CA VAL B 636 19.17 -37.75 -3.54
C VAL B 636 18.26 -37.97 -4.74
N GLN B 637 18.85 -38.29 -5.88
CA GLN B 637 18.05 -38.54 -7.08
C GLN B 637 17.43 -39.91 -6.93
N VAL B 638 16.11 -39.96 -7.01
CA VAL B 638 15.37 -41.21 -6.87
C VAL B 638 15.02 -41.85 -8.21
N ILE B 639 14.61 -41.02 -9.16
CA ILE B 639 14.22 -41.49 -10.47
C ILE B 639 15.36 -41.39 -11.48
N GLU B 640 15.40 -42.35 -12.40
CA GLU B 640 16.44 -42.37 -13.43
C GLU B 640 16.22 -41.32 -14.50
N TRP B 641 17.18 -40.42 -14.64
CA TRP B 641 17.16 -39.35 -15.64
C TRP B 641 18.50 -38.65 -15.61
N SER B 642 18.85 -38.03 -16.73
CA SER B 642 20.09 -37.29 -16.85
C SER B 642 19.80 -35.99 -17.58
N PHE B 643 20.62 -34.99 -17.34
CA PHE B 643 20.42 -33.71 -17.98
C PHE B 643 20.75 -33.79 -19.49
N PRO C 2 -3.31 7.44 15.43
CA PRO C 2 -4.39 8.42 15.29
C PRO C 2 -5.02 8.78 16.63
N SER C 3 -5.69 9.93 16.67
CA SER C 3 -6.34 10.38 17.91
C SER C 3 -7.61 9.59 18.16
N PHE C 4 -8.03 9.55 19.42
CA PHE C 4 -9.26 8.89 19.80
C PHE C 4 -9.73 9.52 21.09
N VAL C 5 -11.05 9.63 21.24
CA VAL C 5 -11.63 10.26 22.41
C VAL C 5 -12.06 9.26 23.47
N ASN C 6 -11.72 9.56 24.72
CA ASN C 6 -12.10 8.72 25.86
C ASN C 6 -13.52 9.16 26.24
N PRO C 7 -14.50 8.26 26.08
CA PRO C 7 -15.90 8.56 26.41
C PRO C 7 -16.11 9.03 27.85
N GLU C 8 -15.40 8.41 28.79
CA GLU C 8 -15.52 8.75 30.20
C GLU C 8 -15.12 10.18 30.56
N LYS C 9 -14.20 10.75 29.79
CA LYS C 9 -13.75 12.11 30.08
C LYS C 9 -14.36 13.16 29.16
N CYS C 10 -14.80 12.76 27.97
CA CYS C 10 -15.41 13.70 27.04
C CYS C 10 -16.81 14.12 27.48
N ASP C 11 -17.05 15.42 27.45
CA ASP C 11 -18.35 15.97 27.82
C ASP C 11 -18.91 16.74 26.64
N GLY C 12 -18.44 16.41 25.45
CA GLY C 12 -18.89 17.07 24.24
C GLY C 12 -18.74 18.57 24.36
N CYS C 13 -17.83 18.98 25.24
CA CYS C 13 -17.57 20.40 25.49
C CYS C 13 -18.78 21.08 26.11
N LYS C 14 -19.00 20.79 27.39
CA LYS C 14 -20.10 21.32 28.19
C LYS C 14 -20.89 22.49 27.60
N ALA C 15 -20.76 23.66 28.24
CA ALA C 15 -21.46 24.85 27.80
C ALA C 15 -20.56 25.89 27.15
N LEU C 16 -19.30 25.53 26.90
CA LEU C 16 -18.39 26.49 26.28
C LEU C 16 -18.93 26.90 24.91
N GLU C 17 -18.36 27.96 24.35
CA GLU C 17 -18.80 28.48 23.06
C GLU C 17 -18.48 27.60 21.85
N ARG C 18 -17.38 26.86 21.91
CA ARG C 18 -16.99 26.01 20.79
C ARG C 18 -16.37 24.67 21.19
N THR C 19 -16.46 23.70 20.29
CA THR C 19 -15.88 22.39 20.52
C THR C 19 -14.41 22.47 20.14
N ALA C 20 -13.54 22.44 21.16
CA ALA C 20 -12.10 22.54 20.97
C ALA C 20 -11.49 21.64 19.90
N CYS C 21 -11.64 20.33 20.05
CA CYS C 21 -11.06 19.39 19.09
C CYS C 21 -11.55 19.63 17.66
N GLU C 22 -12.85 19.84 17.50
CA GLU C 22 -13.41 20.09 16.17
C GLU C 22 -12.87 21.39 15.60
N TYR C 23 -12.69 22.38 16.47
CA TYR C 23 -12.20 23.68 16.05
C TYR C 23 -10.73 23.69 15.62
N ILE C 24 -9.89 22.95 16.33
CA ILE C 24 -8.46 22.97 16.05
C ILE C 24 -7.87 22.06 14.96
N CYS C 25 -8.46 20.89 14.75
CA CYS C 25 -7.92 19.92 13.78
C CYS C 25 -7.62 20.47 12.39
N PRO C 26 -6.34 20.49 12.00
CA PRO C 26 -5.88 20.99 10.70
C PRO C 26 -6.40 20.19 9.50
N ASN C 27 -6.90 18.98 9.74
CA ASN C 27 -7.40 18.16 8.64
C ASN C 27 -8.90 17.88 8.74
N ASP C 28 -9.60 18.60 9.61
CA ASP C 28 -11.04 18.46 9.78
C ASP C 28 -11.51 17.04 10.14
N LEU C 29 -10.78 16.40 11.05
CA LEU C 29 -11.12 15.04 11.45
C LEU C 29 -12.00 14.93 12.69
N MET C 30 -11.81 15.83 13.64
CA MET C 30 -12.60 15.79 14.88
C MET C 30 -13.99 16.38 14.69
N THR C 31 -15.00 15.64 15.14
CA THR C 31 -16.37 16.10 15.01
C THR C 31 -17.24 15.51 16.12
N LEU C 32 -18.41 16.10 16.34
CA LEU C 32 -19.31 15.63 17.38
C LEU C 32 -20.41 14.70 16.90
N ASP C 33 -20.72 13.72 17.74
CA ASP C 33 -21.78 12.76 17.47
C ASP C 33 -22.93 13.31 18.29
N LYS C 34 -23.75 14.16 17.67
CA LYS C 34 -24.88 14.80 18.34
C LYS C 34 -25.68 13.85 19.23
N GLU C 35 -25.70 12.58 18.87
CA GLU C 35 -26.44 11.58 19.64
C GLU C 35 -25.80 11.35 21.01
N LYS C 36 -24.55 10.92 21.01
CA LYS C 36 -23.83 10.66 22.25
C LYS C 36 -23.35 11.94 22.91
N MET C 37 -23.22 13.00 22.12
CA MET C 37 -22.72 14.28 22.61
C MET C 37 -21.27 14.08 23.01
N LYS C 38 -20.57 13.27 22.22
CA LYS C 38 -19.16 12.98 22.44
C LYS C 38 -18.45 13.03 21.10
N ALA C 39 -17.20 13.46 21.09
CA ALA C 39 -16.43 13.59 19.86
C ALA C 39 -15.74 12.31 19.41
N TYR C 40 -15.29 12.31 18.15
CA TYR C 40 -14.59 11.18 17.57
C TYR C 40 -13.82 11.62 16.33
N ASN C 41 -12.82 10.83 15.95
CA ASN C 41 -12.02 11.12 14.76
C ASN C 41 -12.79 10.44 13.62
N ARG C 42 -13.24 11.24 12.67
CA ARG C 42 -14.04 10.71 11.56
C ARG C 42 -13.31 10.01 10.43
N GLU C 43 -12.00 10.18 10.36
CA GLU C 43 -11.21 9.57 9.29
C GLU C 43 -9.78 9.43 9.77
N PRO C 44 -9.52 8.45 10.66
CA PRO C 44 -8.20 8.20 11.24
C PRO C 44 -7.03 7.97 10.29
N ASP C 45 -7.26 7.47 9.09
CA ASP C 45 -6.13 7.27 8.20
C ASP C 45 -5.67 8.57 7.53
N MET C 46 -6.30 9.67 7.94
CA MET C 46 -5.94 11.00 7.45
C MET C 46 -5.41 11.83 8.62
N CYS C 47 -5.19 11.16 9.75
CA CYS C 47 -4.67 11.81 10.96
C CYS C 47 -3.14 11.89 10.90
N TRP C 48 -2.60 13.08 11.10
CA TRP C 48 -1.16 13.32 11.04
C TRP C 48 -0.50 13.10 12.40
N GLU C 49 -1.32 12.82 13.41
CA GLU C 49 -0.87 12.64 14.79
C GLU C 49 -0.09 13.88 15.22
N CYS C 50 -0.69 15.05 14.95
CA CYS C 50 -0.07 16.33 15.29
C CYS C 50 -0.33 16.71 16.75
N TYR C 51 -1.26 15.99 17.39
CA TYR C 51 -1.61 16.21 18.79
C TYR C 51 -2.28 17.55 19.11
N SER C 52 -2.72 18.27 18.08
CA SER C 52 -3.37 19.55 18.32
C SER C 52 -4.65 19.37 19.13
N CYS C 53 -5.46 18.39 18.74
CA CYS C 53 -6.70 18.11 19.44
C CYS C 53 -6.41 17.70 20.88
N VAL C 54 -5.44 16.81 21.06
CA VAL C 54 -5.06 16.33 22.39
C VAL C 54 -4.71 17.48 23.32
N LYS C 55 -3.84 18.38 22.86
CA LYS C 55 -3.42 19.52 23.65
C LYS C 55 -4.53 20.50 24.01
N MET C 56 -5.48 20.68 23.10
CA MET C 56 -6.54 21.65 23.30
C MET C 56 -7.81 21.17 24.01
N CYS C 57 -7.92 19.88 24.26
CA CYS C 57 -9.09 19.36 24.95
C CYS C 57 -9.00 19.70 26.44
N PRO C 58 -9.87 20.59 26.92
CA PRO C 58 -9.88 21.02 28.33
C PRO C 58 -10.11 19.89 29.32
N GLN C 59 -10.64 18.76 28.85
CA GLN C 59 -10.91 17.62 29.71
C GLN C 59 -9.82 16.55 29.59
N GLY C 60 -8.88 16.76 28.67
CA GLY C 60 -7.83 15.79 28.47
C GLY C 60 -8.44 14.44 28.12
N ALA C 61 -9.52 14.48 27.34
CA ALA C 61 -10.23 13.27 26.94
C ALA C 61 -9.73 12.70 25.63
N ILE C 62 -8.71 13.32 25.05
CA ILE C 62 -8.17 12.83 23.79
C ILE C 62 -6.74 12.30 23.95
N ASP C 63 -6.48 11.15 23.35
CA ASP C 63 -5.15 10.55 23.38
C ASP C 63 -4.85 10.10 21.97
N VAL C 64 -3.65 9.56 21.76
CA VAL C 64 -3.27 9.08 20.45
C VAL C 64 -2.76 7.66 20.58
N ARG C 65 -3.26 6.80 19.69
CA ARG C 65 -2.89 5.40 19.64
C ARG C 65 -2.11 5.27 18.32
N GLY C 66 -0.82 4.98 18.41
CA GLY C 66 0.01 4.88 17.21
C GLY C 66 -0.58 4.09 16.05
N TYR C 67 -0.35 4.57 14.83
CA TYR C 67 -0.84 3.90 13.63
C TYR C 67 -0.57 2.40 13.74
N VAL C 68 -1.59 1.59 13.46
CA VAL C 68 -1.43 0.14 13.57
C VAL C 68 -0.45 -0.46 12.58
N ASP C 69 -0.21 0.23 11.47
CA ASP C 69 0.71 -0.28 10.45
C ASP C 69 2.09 -0.64 11.01
N TYR C 70 2.58 0.18 11.94
CA TYR C 70 3.91 -0.04 12.50
C TYR C 70 4.03 0.07 14.01
N SER C 71 2.91 0.27 14.69
CA SER C 71 2.96 0.46 16.13
C SER C 71 2.51 -0.67 17.04
N PRO C 72 3.44 -1.27 17.80
CA PRO C 72 3.00 -2.34 18.70
C PRO C 72 2.13 -1.61 19.73
N LEU C 73 1.24 -2.32 20.41
CA LEU C 73 0.38 -1.69 21.40
C LEU C 73 1.19 -1.31 22.64
N GLY C 74 0.68 -0.35 23.43
CA GLY C 74 1.36 0.00 24.66
C GLY C 74 2.04 1.34 24.83
N GLY C 75 2.43 1.98 23.74
CA GLY C 75 3.11 3.27 23.85
C GLY C 75 2.18 4.46 23.91
N ALA C 76 2.61 5.52 24.58
CA ALA C 76 1.80 6.72 24.69
C ALA C 76 2.64 7.96 25.01
N CYS C 77 2.23 9.09 24.46
CA CYS C 77 2.87 10.37 24.69
C CYS C 77 1.74 11.29 25.15
N VAL C 78 1.83 11.78 26.39
CA VAL C 78 0.79 12.63 26.95
C VAL C 78 1.28 14.04 27.27
N PRO C 79 0.70 15.05 26.60
CA PRO C 79 1.11 16.42 26.85
C PRO C 79 0.20 17.13 27.86
N MET C 80 0.78 18.09 28.56
CA MET C 80 0.05 18.93 29.51
C MET C 80 0.60 20.31 29.18
N ARG C 81 -0.07 20.97 28.24
CA ARG C 81 0.34 22.28 27.76
C ARG C 81 -0.17 23.42 28.65
N GLY C 82 0.75 24.26 29.09
CA GLY C 82 0.40 25.39 29.92
C GLY C 82 0.45 26.68 29.13
N THR C 83 0.93 27.74 29.76
CA THR C 83 1.02 29.04 29.09
C THR C 83 2.46 29.40 28.70
N SER C 84 3.42 29.02 29.52
CA SER C 84 4.81 29.33 29.23
C SER C 84 5.63 28.09 28.92
N ASP C 85 5.09 26.92 29.23
CA ASP C 85 5.78 25.67 28.96
C ASP C 85 4.81 24.52 28.72
N ILE C 86 5.36 23.37 28.36
CA ILE C 86 4.56 22.18 28.12
C ILE C 86 5.26 20.98 28.74
N MET C 87 4.48 20.11 29.37
CA MET C 87 5.05 18.93 29.99
C MET C 87 4.65 17.70 29.18
N TRP C 88 5.56 16.73 29.12
CA TRP C 88 5.29 15.51 28.40
C TRP C 88 5.64 14.29 29.23
N THR C 89 4.84 13.25 29.08
CA THR C 89 5.09 11.99 29.75
C THR C 89 5.09 10.96 28.63
N VAL C 90 6.18 10.22 28.50
CA VAL C 90 6.28 9.21 27.46
C VAL C 90 6.33 7.84 28.12
N LYS C 91 5.34 6.99 27.81
CA LYS C 91 5.28 5.66 28.39
C LYS C 91 5.55 4.60 27.33
N TYR C 92 6.56 3.80 27.60
CA TYR C 92 6.96 2.73 26.71
C TYR C 92 6.08 1.51 26.89
N ARG C 93 6.06 0.68 25.86
CA ARG C 93 5.30 -0.57 25.89
C ARG C 93 5.78 -1.39 27.09
N ASN C 94 7.08 -1.31 27.38
CA ASN C 94 7.66 -2.07 28.48
C ASN C 94 7.51 -1.48 29.88
N GLY C 95 6.76 -0.40 30.00
CA GLY C 95 6.55 0.20 31.32
C GLY C 95 7.43 1.39 31.62
N LYS C 96 8.53 1.54 30.88
CA LYS C 96 9.42 2.67 31.09
C LYS C 96 8.62 3.97 30.98
N VAL C 97 8.90 4.91 31.88
CA VAL C 97 8.20 6.20 31.88
C VAL C 97 9.17 7.38 31.89
N LEU C 98 9.04 8.27 30.91
CA LEU C 98 9.90 9.45 30.80
C LEU C 98 9.08 10.72 30.97
N ARG C 99 9.66 11.71 31.63
CA ARG C 99 8.99 12.98 31.85
C ARG C 99 9.87 14.13 31.43
N PHE C 100 9.34 15.01 30.60
CA PHE C 100 10.08 16.16 30.14
C PHE C 100 9.24 17.42 30.30
N LYS C 101 9.89 18.56 30.19
CA LYS C 101 9.20 19.84 30.28
C LYS C 101 9.99 20.82 29.45
N PHE C 102 9.31 21.48 28.51
CA PHE C 102 9.94 22.45 27.62
C PHE C 102 9.20 23.79 27.60
N ALA C 103 9.94 24.87 27.36
CA ALA C 103 9.34 26.20 27.29
C ALA C 103 8.60 26.27 25.95
N ILE C 104 7.56 27.10 25.88
CA ILE C 104 6.81 27.25 24.62
C ILE C 104 6.58 28.71 24.28
N ARG C 105 6.73 29.60 25.26
CA ARG C 105 6.56 31.02 25.01
C ARG C 105 7.16 31.87 26.13
N THR C 106 7.81 32.97 25.74
CA THR C 106 8.47 33.85 26.70
C THR C 106 7.68 35.12 27.00
N THR C 107 6.51 35.24 26.38
CA THR C 107 5.66 36.41 26.58
C THR C 107 4.23 35.97 26.83
N PRO C 108 3.41 36.84 27.44
CA PRO C 108 2.02 36.48 27.72
C PRO C 108 1.23 36.27 26.43
N TRP C 109 0.31 35.31 26.45
CA TRP C 109 -0.50 35.05 25.27
C TRP C 109 -1.38 36.25 24.94
N GLY C 110 -1.52 36.53 23.66
CA GLY C 110 -2.33 37.65 23.20
C GLY C 110 -1.68 39.00 23.43
N SER C 111 -0.38 39.02 23.70
CA SER C 111 0.33 40.27 23.96
C SER C 111 1.08 40.87 22.77
N ILE C 112 0.99 40.23 21.62
CA ILE C 112 1.70 40.73 20.44
C ILE C 112 1.18 42.05 19.89
N GLN C 113 2.10 42.99 19.68
CA GLN C 113 1.82 44.30 19.09
C GLN C 113 2.62 44.21 17.79
N PRO C 114 1.96 43.75 16.71
CA PRO C 114 2.55 43.58 15.38
C PRO C 114 3.59 44.58 14.90
N PHE C 115 3.27 45.86 14.97
CA PHE C 115 4.19 46.88 14.47
C PHE C 115 4.74 47.80 15.56
N GLU C 116 4.93 47.25 16.75
CA GLU C 116 5.45 48.01 17.89
C GLU C 116 6.74 48.77 17.55
N GLY C 117 6.70 50.08 17.73
CA GLY C 117 7.89 50.89 17.46
C GLY C 117 8.18 51.20 16.00
N PHE C 118 7.43 50.61 15.09
CA PHE C 118 7.64 50.84 13.66
C PHE C 118 7.13 52.22 13.25
N PRO C 119 7.82 52.86 12.28
CA PRO C 119 7.35 54.17 11.83
C PRO C 119 6.15 53.92 10.93
N GLU C 120 5.35 54.95 10.67
CA GLU C 120 4.19 54.78 9.80
C GLU C 120 4.67 54.56 8.37
N PRO C 121 3.91 53.78 7.59
CA PRO C 121 4.31 53.55 6.20
C PRO C 121 4.11 54.82 5.39
N THR C 122 4.86 54.97 4.30
CA THR C 122 4.74 56.13 3.44
C THR C 122 4.72 55.68 1.99
N GLU C 123 4.14 56.49 1.10
CA GLU C 123 4.08 56.14 -0.31
C GLU C 123 5.49 55.97 -0.87
N GLU C 124 6.42 56.80 -0.39
CA GLU C 124 7.79 56.71 -0.86
C GLU C 124 8.40 55.37 -0.45
N ALA C 125 8.21 55.00 0.81
CA ALA C 125 8.75 53.76 1.33
C ALA C 125 8.18 52.54 0.60
N LEU C 126 6.96 52.68 0.09
CA LEU C 126 6.29 51.60 -0.63
C LEU C 126 7.05 51.16 -1.88
N LYS C 127 7.84 52.08 -2.44
CA LYS C 127 8.60 51.79 -3.65
C LYS C 127 9.96 51.16 -3.41
N SER C 128 10.40 51.09 -2.15
CA SER C 128 11.70 50.52 -1.83
C SER C 128 11.59 49.01 -1.55
N GLU C 129 12.72 48.39 -1.27
CA GLU C 129 12.75 46.96 -0.98
C GLU C 129 12.54 46.68 0.51
N LEU C 130 12.44 47.74 1.31
CA LEU C 130 12.27 47.60 2.75
C LEU C 130 10.91 47.09 3.21
N LEU C 131 10.94 46.13 4.12
CA LEU C 131 9.71 45.58 4.69
C LEU C 131 9.45 46.32 6.00
N ALA C 132 8.30 46.07 6.61
CA ALA C 132 7.96 46.73 7.87
C ALA C 132 9.04 46.48 8.92
N GLY C 133 9.52 47.56 9.53
CA GLY C 133 10.53 47.45 10.57
C GLY C 133 11.97 47.46 10.08
N GLU C 134 12.17 47.33 8.77
CA GLU C 134 13.52 47.31 8.21
C GLU C 134 14.07 48.71 7.94
N PRO C 135 15.40 48.86 7.91
CA PRO C 135 16.37 47.77 8.13
C PRO C 135 16.68 47.50 9.59
N GLU C 136 16.07 48.26 10.49
CA GLU C 136 16.31 48.13 11.92
C GLU C 136 16.17 46.71 12.50
N ILE C 137 15.04 46.05 12.22
CA ILE C 137 14.82 44.71 12.76
C ILE C 137 15.81 43.65 12.31
N ILE C 138 16.53 43.93 11.22
CA ILE C 138 17.51 42.97 10.71
C ILE C 138 18.75 42.96 11.62
N GLY C 139 18.95 44.05 12.35
CA GLY C 139 20.07 44.14 13.27
C GLY C 139 21.38 44.64 12.68
N THR C 140 21.40 44.88 11.37
CA THR C 140 22.60 45.35 10.68
C THR C 140 22.72 46.87 10.67
N SER C 141 23.90 47.36 10.31
CA SER C 141 24.16 48.80 10.26
C SER C 141 23.44 49.49 9.09
N GLU C 142 22.89 48.69 8.19
CA GLU C 142 22.16 49.20 7.03
C GLU C 142 21.48 48.02 6.35
N PHE C 143 20.62 48.29 5.38
CA PHE C 143 19.93 47.21 4.67
C PHE C 143 21.01 46.32 4.06
N PRO C 144 20.93 45.01 4.31
CA PRO C 144 21.92 44.05 3.79
C PRO C 144 22.15 44.15 2.28
N GLN C 145 23.42 44.26 1.90
CA GLN C 145 23.79 44.32 0.49
C GLN C 145 24.31 42.96 0.06
N VAL C 146 24.15 42.63 -1.21
CA VAL C 146 24.63 41.36 -1.74
C VAL C 146 25.34 41.62 -3.06
N LYS C 147 26.51 41.01 -3.25
CA LYS C 147 27.32 41.21 -4.45
C LYS C 147 26.73 40.55 -5.68
N LYS C 148 26.46 41.34 -6.71
CA LYS C 148 25.93 40.80 -7.96
C LYS C 148 27.08 40.24 -8.78
N LYS C 149 26.81 39.16 -9.49
CA LYS C 149 27.79 38.51 -10.34
C LYS C 149 28.32 39.50 -11.39
N ALA C 150 29.64 39.65 -11.42
CA ALA C 150 30.27 40.56 -12.37
C ALA C 150 29.94 40.13 -13.80
N PRO D 2 -15.00 -5.11 -7.18
CA PRO D 2 -15.76 -5.95 -6.26
C PRO D 2 -17.23 -6.06 -6.65
N SER D 3 -17.93 -7.01 -6.03
CA SER D 3 -19.34 -7.22 -6.33
C SER D 3 -20.22 -6.20 -5.61
N PHE D 4 -21.37 -5.91 -6.21
CA PHE D 4 -22.34 -5.00 -5.60
C PHE D 4 -23.73 -5.46 -6.03
N VAL D 5 -24.70 -5.23 -5.16
CA VAL D 5 -26.06 -5.67 -5.42
C VAL D 5 -26.98 -4.54 -5.86
N ASN D 6 -27.77 -4.82 -6.91
CA ASN D 6 -28.73 -3.86 -7.46
C ASN D 6 -30.02 -3.99 -6.63
N PRO D 7 -30.35 -2.97 -5.84
CA PRO D 7 -31.55 -2.97 -4.99
C PRO D 7 -32.84 -3.29 -5.73
N GLU D 8 -32.95 -2.83 -6.97
CA GLU D 8 -34.14 -3.06 -7.79
C GLU D 8 -34.38 -4.51 -8.20
N LYS D 9 -33.32 -5.30 -8.30
CA LYS D 9 -33.44 -6.68 -8.72
C LYS D 9 -33.35 -7.70 -7.58
N CYS D 10 -32.70 -7.32 -6.49
CA CYS D 10 -32.56 -8.22 -5.35
C CYS D 10 -33.85 -8.33 -4.54
N ASP D 11 -34.28 -9.55 -4.27
CA ASP D 11 -35.49 -9.78 -3.50
C ASP D 11 -35.15 -10.53 -2.21
N GLY D 12 -33.86 -10.53 -1.87
CA GLY D 12 -33.41 -11.19 -0.67
C GLY D 12 -33.58 -12.69 -0.68
N CYS D 13 -33.85 -13.26 -1.85
CA CYS D 13 -34.04 -14.71 -1.98
C CYS D 13 -35.14 -15.22 -1.06
N LYS D 14 -36.09 -14.35 -0.74
CA LYS D 14 -37.17 -14.71 0.18
C LYS D 14 -38.19 -15.68 -0.40
N ALA D 15 -38.02 -16.07 -1.66
CA ALA D 15 -38.92 -17.03 -2.29
C ALA D 15 -38.14 -18.33 -2.51
N LEU D 16 -36.96 -18.40 -1.89
CA LEU D 16 -36.09 -19.56 -2.00
C LEU D 16 -35.75 -20.10 -0.62
N GLU D 17 -35.29 -21.34 -0.58
CA GLU D 17 -34.93 -22.00 0.66
C GLU D 17 -33.65 -21.43 1.27
N ARG D 18 -32.78 -20.88 0.44
CA ARG D 18 -31.53 -20.30 0.93
C ARG D 18 -31.07 -19.09 0.11
N THR D 19 -30.29 -18.21 0.74
CA THR D 19 -29.78 -17.02 0.08
C THR D 19 -28.58 -17.44 -0.77
N ALA D 20 -28.77 -17.41 -2.09
CA ALA D 20 -27.73 -17.82 -3.04
C ALA D 20 -26.35 -17.17 -2.88
N CYS D 21 -26.29 -15.85 -2.87
CA CYS D 21 -25.01 -15.16 -2.75
C CYS D 21 -24.31 -15.42 -1.42
N GLU D 22 -25.07 -15.39 -0.33
CA GLU D 22 -24.51 -15.65 1.00
C GLU D 22 -23.96 -17.06 1.06
N TYR D 23 -24.69 -17.98 0.45
CA TYR D 23 -24.31 -19.38 0.42
C TYR D 23 -23.05 -19.69 -0.39
N ILE D 24 -22.91 -19.05 -1.54
CA ILE D 24 -21.79 -19.33 -2.45
C ILE D 24 -20.44 -18.63 -2.24
N CYS D 25 -20.43 -17.40 -1.74
CA CYS D 25 -19.17 -16.66 -1.58
C CYS D 25 -18.06 -17.37 -0.82
N PRO D 26 -16.94 -17.66 -1.51
CA PRO D 26 -15.77 -18.34 -0.94
C PRO D 26 -15.06 -17.57 0.18
N ASN D 27 -15.32 -16.27 0.28
CA ASN D 27 -14.67 -15.47 1.31
C ASN D 27 -15.66 -14.89 2.31
N ASP D 28 -16.87 -15.44 2.33
CA ASP D 28 -17.91 -15.01 3.26
C ASP D 28 -18.17 -13.50 3.25
N LEU D 29 -18.26 -12.90 2.06
CA LEU D 29 -18.50 -11.48 1.94
C LEU D 29 -19.96 -11.09 1.77
N MET D 30 -20.71 -11.90 1.04
CA MET D 30 -22.11 -11.62 0.80
C MET D 30 -22.99 -11.97 1.98
N THR D 31 -23.79 -11.00 2.41
CA THR D 31 -24.68 -11.20 3.55
C THR D 31 -25.92 -10.36 3.36
N LEU D 32 -26.95 -10.64 4.15
CA LEU D 32 -28.20 -9.91 4.05
C LEU D 32 -28.36 -8.81 5.08
N ASP D 33 -28.93 -7.69 4.63
CA ASP D 33 -29.23 -6.57 5.51
C ASP D 33 -30.67 -6.86 5.88
N LYS D 34 -30.87 -7.47 7.06
CA LYS D 34 -32.21 -7.83 7.53
C LYS D 34 -33.19 -6.66 7.48
N GLU D 35 -32.67 -5.45 7.52
CA GLU D 35 -33.51 -4.26 7.47
C GLU D 35 -34.17 -4.15 6.10
N LYS D 36 -33.34 -4.03 5.06
CA LYS D 36 -33.84 -3.90 3.70
C LYS D 36 -34.25 -5.24 3.10
N MET D 37 -33.71 -6.31 3.67
CA MET D 37 -33.98 -7.66 3.17
C MET D 37 -33.35 -7.74 1.78
N LYS D 38 -32.16 -7.15 1.67
CA LYS D 38 -31.40 -7.12 0.43
C LYS D 38 -29.94 -7.41 0.76
N ALA D 39 -29.24 -8.07 -0.15
CA ALA D 39 -27.83 -8.42 0.07
C ALA D 39 -26.85 -7.27 -0.20
N TYR D 40 -25.62 -7.48 0.26
CA TYR D 40 -24.53 -6.52 0.07
C TYR D 40 -23.20 -7.20 0.37
N ASN D 41 -22.13 -6.66 -0.22
CA ASN D 41 -20.79 -7.18 0.00
C ASN D 41 -20.29 -6.48 1.25
N ARG D 42 -20.09 -7.22 2.33
CA ARG D 42 -19.67 -6.65 3.62
C ARG D 42 -18.20 -6.22 3.75
N GLU D 43 -17.35 -6.65 2.82
CA GLU D 43 -15.93 -6.32 2.91
C GLU D 43 -15.34 -6.41 1.50
N PRO D 44 -15.65 -5.42 0.66
CA PRO D 44 -15.18 -5.37 -0.73
C PRO D 44 -13.68 -5.51 -0.99
N ASP D 45 -12.83 -5.06 -0.07
CA ASP D 45 -11.39 -5.18 -0.32
C ASP D 45 -10.87 -6.59 -0.09
N MET D 46 -11.79 -7.52 0.20
CA MET D 46 -11.43 -8.91 0.38
C MET D 46 -12.11 -9.71 -0.72
N CYS D 47 -12.69 -9.00 -1.69
CA CYS D 47 -13.37 -9.62 -2.82
C CYS D 47 -12.33 -9.98 -3.88
N TRP D 48 -12.38 -11.22 -4.35
CA TRP D 48 -11.44 -11.73 -5.34
C TRP D 48 -12.00 -11.53 -6.76
N GLU D 49 -13.22 -11.01 -6.83
CA GLU D 49 -13.92 -10.81 -8.09
C GLU D 49 -13.99 -12.16 -8.82
N CYS D 50 -14.42 -13.18 -8.10
CA CYS D 50 -14.52 -14.52 -8.67
C CYS D 50 -15.83 -14.72 -9.42
N TYR D 51 -16.75 -13.78 -9.25
CA TYR D 51 -18.06 -13.82 -9.91
C TYR D 51 -19.00 -14.96 -9.50
N SER D 52 -18.69 -15.67 -8.42
CA SER D 52 -19.54 -16.77 -8.00
C SER D 52 -20.94 -16.28 -7.61
N CYS D 53 -20.99 -15.19 -6.85
CA CYS D 53 -22.26 -14.61 -6.42
C CYS D 53 -23.04 -14.12 -7.63
N VAL D 54 -22.33 -13.52 -8.58
CA VAL D 54 -22.95 -12.99 -9.79
C VAL D 54 -23.65 -14.10 -10.60
N LYS D 55 -22.95 -15.20 -10.84
CA LYS D 55 -23.46 -16.32 -11.60
C LYS D 55 -24.63 -17.06 -10.93
N MET D 56 -24.61 -17.10 -9.61
CA MET D 56 -25.64 -17.83 -8.85
C MET D 56 -26.85 -17.03 -8.41
N CYS D 57 -26.85 -15.72 -8.65
CA CYS D 57 -28.01 -14.92 -8.26
C CYS D 57 -29.11 -15.14 -9.29
N PRO D 58 -30.19 -15.81 -8.87
CA PRO D 58 -31.32 -16.08 -9.78
C PRO D 58 -32.01 -14.85 -10.34
N GLN D 59 -31.80 -13.70 -9.70
CA GLN D 59 -32.41 -12.46 -10.17
C GLN D 59 -31.44 -11.62 -11.00
N GLY D 60 -30.20 -12.08 -11.11
CA GLY D 60 -29.21 -11.34 -11.86
C GLY D 60 -29.06 -9.94 -11.29
N ALA D 61 -29.17 -9.84 -9.96
CA ALA D 61 -29.07 -8.56 -9.27
C ALA D 61 -27.65 -8.17 -8.92
N ILE D 62 -26.70 -9.09 -9.06
CA ILE D 62 -25.32 -8.79 -8.72
C ILE D 62 -24.43 -8.56 -9.93
N ASP D 63 -23.59 -7.55 -9.84
CA ASP D 63 -22.64 -7.22 -10.91
C ASP D 63 -21.33 -6.94 -10.22
N VAL D 64 -20.29 -6.68 -11.00
CA VAL D 64 -18.98 -6.38 -10.44
C VAL D 64 -18.47 -5.06 -11.00
N ARG D 65 -17.98 -4.21 -10.11
CA ARG D 65 -17.43 -2.91 -10.48
C ARG D 65 -15.94 -3.04 -10.17
N GLY D 66 -15.12 -3.09 -11.22
CA GLY D 66 -13.68 -3.24 -11.04
C GLY D 66 -13.05 -2.46 -9.91
N TYR D 67 -12.08 -3.06 -9.23
CA TYR D 67 -11.40 -2.40 -8.12
C TYR D 67 -11.01 -0.98 -8.51
N VAL D 68 -11.30 -0.02 -7.65
CA VAL D 68 -11.00 1.38 -7.92
C VAL D 68 -9.51 1.70 -8.08
N ASP D 69 -8.65 0.88 -7.50
CA ASP D 69 -7.20 1.12 -7.57
C ASP D 69 -6.68 1.25 -8.99
N TYR D 70 -7.21 0.44 -9.90
CA TYR D 70 -6.74 0.44 -11.27
C TYR D 70 -7.80 0.43 -12.36
N SER D 71 -9.06 0.44 -11.96
CA SER D 71 -10.14 0.38 -12.94
C SER D 71 -10.86 1.67 -13.28
N PRO D 72 -10.75 2.14 -14.53
CA PRO D 72 -11.47 3.36 -14.87
C PRO D 72 -12.93 2.93 -14.87
N LEU D 73 -13.85 3.87 -14.69
CA LEU D 73 -15.27 3.51 -14.68
C LEU D 73 -15.73 3.10 -16.09
N GLY D 74 -16.84 2.37 -16.16
CA GLY D 74 -17.38 2.00 -17.46
C GLY D 74 -17.34 0.57 -17.95
N GLY D 75 -16.37 -0.22 -17.51
CA GLY D 75 -16.29 -1.60 -17.97
C GLY D 75 -17.16 -2.59 -17.22
N ALA D 76 -17.51 -3.68 -17.89
CA ALA D 76 -18.33 -4.69 -17.26
C ALA D 76 -18.28 -6.04 -17.99
N CYS D 77 -18.39 -7.11 -17.20
CA CYS D 77 -18.41 -8.46 -17.73
C CYS D 77 -19.66 -9.08 -17.12
N VAL D 78 -20.60 -9.45 -17.96
CA VAL D 78 -21.86 -10.03 -17.48
C VAL D 78 -22.06 -11.45 -17.96
N PRO D 79 -22.14 -12.40 -17.03
CA PRO D 79 -22.35 -13.80 -17.42
C PRO D 79 -23.82 -14.22 -17.32
N MET D 80 -24.18 -15.22 -18.11
CA MET D 80 -25.51 -15.81 -18.09
C MET D 80 -25.18 -17.30 -18.14
N ARG D 81 -25.08 -17.90 -16.96
CA ARG D 81 -24.72 -19.30 -16.82
C ARG D 81 -25.91 -20.24 -16.93
N GLY D 82 -25.80 -21.20 -17.84
CA GLY D 82 -26.86 -22.17 -18.04
C GLY D 82 -26.48 -23.51 -17.44
N THR D 83 -26.91 -24.59 -18.08
CA THR D 83 -26.61 -25.94 -17.60
C THR D 83 -25.46 -26.60 -18.35
N SER D 84 -25.35 -26.32 -19.65
CA SER D 84 -24.29 -26.92 -20.45
C SER D 84 -23.29 -25.88 -20.94
N ASP D 85 -23.66 -24.61 -20.90
CA ASP D 85 -22.78 -23.55 -21.33
C ASP D 85 -22.98 -22.25 -20.57
N ILE D 86 -22.12 -21.28 -20.83
CA ILE D 86 -22.20 -19.98 -20.18
C ILE D 86 -22.01 -18.91 -21.24
N MET D 87 -22.80 -17.85 -21.15
CA MET D 87 -22.69 -16.75 -22.09
C MET D 87 -22.09 -15.55 -21.37
N TRP D 88 -21.26 -14.80 -22.09
CA TRP D 88 -20.63 -13.61 -21.52
C TRP D 88 -20.78 -12.44 -22.46
N THR D 89 -20.98 -11.27 -21.87
CA THR D 89 -21.06 -10.03 -22.62
C THR D 89 -20.00 -9.14 -21.97
N VAL D 90 -19.03 -8.70 -22.75
CA VAL D 90 -17.98 -7.84 -22.22
C VAL D 90 -18.22 -6.45 -22.81
N LYS D 91 -18.45 -5.48 -21.95
CA LYS D 91 -18.71 -4.11 -22.37
C LYS D 91 -17.57 -3.20 -21.98
N TYR D 92 -16.96 -2.59 -23.00
CA TYR D 92 -15.85 -1.67 -22.82
C TYR D 92 -16.30 -0.29 -22.37
N ARG D 93 -15.37 0.43 -21.74
CA ARG D 93 -15.63 1.79 -21.29
C ARG D 93 -16.03 2.62 -22.50
N ASN D 94 -15.41 2.36 -23.65
CA ASN D 94 -15.71 3.11 -24.87
C ASN D 94 -17.00 2.68 -25.57
N GLY D 95 -17.71 1.71 -25.00
CA GLY D 95 -18.95 1.26 -25.60
C GLY D 95 -18.90 -0.03 -26.40
N LYS D 96 -17.70 -0.47 -26.78
CA LYS D 96 -17.56 -1.70 -27.54
C LYS D 96 -18.21 -2.84 -26.75
N VAL D 97 -18.90 -3.73 -27.44
CA VAL D 97 -19.53 -4.86 -26.78
C VAL D 97 -19.12 -6.17 -27.44
N LEU D 98 -18.63 -7.10 -26.62
CA LEU D 98 -18.19 -8.40 -27.09
C LEU D 98 -19.10 -9.47 -26.51
N ARG D 99 -19.38 -10.51 -27.27
CA ARG D 99 -20.23 -11.59 -26.80
C ARG D 99 -19.55 -12.93 -27.03
N PHE D 100 -19.54 -13.76 -25.99
CA PHE D 100 -18.92 -15.08 -26.08
C PHE D 100 -19.83 -16.12 -25.47
N LYS D 101 -19.58 -17.38 -25.84
CA LYS D 101 -20.35 -18.48 -25.30
C LYS D 101 -19.40 -19.69 -25.23
N PHE D 102 -19.30 -20.26 -24.03
CA PHE D 102 -18.43 -21.41 -23.79
C PHE D 102 -19.18 -22.55 -23.11
N ALA D 103 -18.76 -23.78 -23.40
CA ALA D 103 -19.37 -24.94 -22.78
C ALA D 103 -18.85 -25.00 -21.34
N ILE D 104 -19.64 -25.58 -20.43
CA ILE D 104 -19.22 -25.70 -19.04
C ILE D 104 -19.38 -27.13 -18.50
N ARG D 105 -20.22 -27.93 -19.15
CA ARG D 105 -20.40 -29.32 -18.72
C ARG D 105 -21.02 -30.16 -19.84
N THR D 106 -20.53 -31.40 -19.97
CA THR D 106 -21.02 -32.29 -21.02
C THR D 106 -22.02 -33.34 -20.51
N THR D 107 -22.30 -33.32 -19.21
CA THR D 107 -23.24 -34.27 -18.63
C THR D 107 -24.26 -33.52 -17.78
N PRO D 108 -25.41 -34.16 -17.48
CA PRO D 108 -26.44 -33.51 -16.67
C PRO D 108 -25.95 -33.24 -15.26
N TRP D 109 -26.38 -32.14 -14.67
CA TRP D 109 -25.96 -31.82 -13.32
C TRP D 109 -26.49 -32.85 -12.32
N GLY D 110 -25.62 -33.24 -11.39
CA GLY D 110 -25.99 -34.22 -10.37
C GLY D 110 -26.04 -35.64 -10.88
N SER D 111 -25.44 -35.89 -12.04
CA SER D 111 -25.46 -37.22 -12.63
C SER D 111 -24.24 -38.08 -12.36
N ILE D 112 -23.25 -37.54 -11.65
CA ILE D 112 -22.05 -38.29 -11.37
C ILE D 112 -22.26 -39.51 -10.46
N GLN D 113 -21.73 -40.65 -10.91
CA GLN D 113 -21.77 -41.90 -10.17
C GLN D 113 -20.28 -42.08 -9.88
N PRO D 114 -19.84 -41.60 -8.70
CA PRO D 114 -18.44 -41.66 -8.25
C PRO D 114 -17.59 -42.87 -8.60
N PHE D 115 -18.11 -44.07 -8.34
CA PHE D 115 -17.33 -45.28 -8.60
C PHE D 115 -17.92 -46.21 -9.67
N GLU D 116 -18.58 -45.60 -10.65
CA GLU D 116 -19.19 -46.37 -11.73
C GLU D 116 -18.18 -47.29 -12.40
N GLY D 117 -18.52 -48.57 -12.48
CA GLY D 117 -17.63 -49.53 -13.12
C GLY D 117 -16.49 -50.06 -12.26
N PHE D 118 -16.25 -49.43 -11.11
CA PHE D 118 -15.17 -49.85 -10.23
C PHE D 118 -15.49 -51.13 -9.46
N PRO D 119 -14.49 -51.98 -9.25
CA PRO D 119 -14.76 -53.21 -8.50
C PRO D 119 -14.80 -52.82 -7.02
N GLU D 120 -15.31 -53.69 -6.17
CA GLU D 120 -15.36 -53.37 -4.75
C GLU D 120 -13.94 -53.35 -4.17
N PRO D 121 -13.72 -52.52 -3.14
CA PRO D 121 -12.37 -52.49 -2.55
C PRO D 121 -12.15 -53.76 -1.74
N THR D 122 -10.89 -54.17 -1.59
CA THR D 122 -10.58 -55.37 -0.83
C THR D 122 -9.37 -55.12 0.05
N GLU D 123 -9.26 -55.89 1.13
CA GLU D 123 -8.14 -55.76 2.05
C GLU D 123 -6.81 -55.91 1.32
N GLU D 124 -6.76 -56.83 0.36
CA GLU D 124 -5.53 -57.06 -0.39
C GLU D 124 -5.18 -55.81 -1.21
N ALA D 125 -6.16 -55.24 -1.89
CA ALA D 125 -5.94 -54.05 -2.71
C ALA D 125 -5.52 -52.86 -1.85
N LEU D 126 -6.01 -52.81 -0.61
CA LEU D 126 -5.68 -51.71 0.28
C LEU D 126 -4.17 -51.59 0.54
N LYS D 127 -3.46 -52.69 0.36
CA LYS D 127 -2.02 -52.68 0.60
C LYS D 127 -1.16 -52.32 -0.62
N SER D 128 -1.80 -52.15 -1.77
CA SER D 128 -1.08 -51.80 -2.99
C SER D 128 -1.02 -50.30 -3.19
N GLU D 129 -0.40 -49.88 -4.30
CA GLU D 129 -0.26 -48.46 -4.62
C GLU D 129 -1.46 -47.98 -5.46
N LEU D 130 -2.32 -48.92 -5.85
CA LEU D 130 -3.47 -48.60 -6.68
C LEU D 130 -4.61 -47.83 -6.04
N LEU D 131 -5.08 -46.79 -6.73
CA LEU D 131 -6.19 -45.99 -6.26
C LEU D 131 -7.44 -46.56 -6.92
N ALA D 132 -8.60 -46.06 -6.52
CA ALA D 132 -9.87 -46.54 -7.07
C ALA D 132 -9.89 -46.45 -8.60
N GLY D 133 -10.30 -47.54 -9.24
CA GLY D 133 -10.38 -47.58 -10.69
C GLY D 133 -9.09 -47.90 -11.44
N GLU D 134 -7.96 -47.91 -10.75
CA GLU D 134 -6.69 -48.18 -11.40
C GLU D 134 -6.44 -49.67 -11.52
N PRO D 135 -5.56 -50.07 -12.46
CA PRO D 135 -4.83 -49.16 -13.36
C PRO D 135 -5.57 -48.68 -14.61
N GLU D 136 -6.73 -49.27 -14.91
CA GLU D 136 -7.44 -48.90 -16.13
C GLU D 136 -7.91 -47.46 -16.32
N ILE D 137 -8.32 -46.77 -15.25
CA ILE D 137 -8.74 -45.40 -15.43
C ILE D 137 -7.60 -44.54 -15.95
N ILE D 138 -6.37 -45.01 -15.75
CA ILE D 138 -5.19 -44.29 -16.23
C ILE D 138 -5.05 -44.45 -17.74
N GLY D 139 -5.68 -45.48 -18.28
CA GLY D 139 -5.64 -45.73 -19.71
C GLY D 139 -4.72 -46.88 -20.09
N THR D 140 -4.08 -47.48 -19.08
CA THR D 140 -3.16 -48.59 -19.30
C THR D 140 -3.69 -49.87 -18.63
N SER D 141 -3.31 -51.02 -19.17
CA SER D 141 -3.75 -52.30 -18.60
C SER D 141 -2.94 -52.61 -17.35
N GLU D 142 -1.74 -52.05 -17.28
CA GLU D 142 -0.87 -52.25 -16.12
C GLU D 142 -0.55 -50.93 -15.44
N PHE D 143 -0.30 -50.98 -14.14
CA PHE D 143 0.02 -49.79 -13.38
C PHE D 143 1.31 -49.20 -13.95
N PRO D 144 1.31 -47.88 -14.24
CA PRO D 144 2.50 -47.23 -14.80
C PRO D 144 3.75 -47.46 -13.98
N GLN D 145 4.85 -47.76 -14.66
CA GLN D 145 6.13 -47.99 -14.00
C GLN D 145 7.04 -46.80 -14.24
N VAL D 146 7.90 -46.51 -13.27
CA VAL D 146 8.85 -45.40 -13.40
C VAL D 146 10.21 -45.95 -12.97
N LYS D 147 11.22 -45.75 -13.83
CA LYS D 147 12.57 -46.23 -13.59
C LYS D 147 13.27 -45.56 -12.42
N LYS D 148 13.62 -46.34 -11.41
CA LYS D 148 14.32 -45.79 -10.26
C LYS D 148 15.79 -45.72 -10.62
N LYS D 149 16.49 -44.70 -10.11
CA LYS D 149 17.90 -44.56 -10.42
C LYS D 149 18.73 -45.65 -9.78
N ALA D 150 19.59 -46.27 -10.58
CA ALA D 150 20.46 -47.34 -10.11
C ALA D 150 21.40 -46.84 -9.03
#